data_7ZG6
# 
_entry.id   7ZG6 
# 
_audit_conform.dict_name       mmcif_pdbx.dic 
_audit_conform.dict_version    5.389 
_audit_conform.dict_location   http://mmcif.pdb.org/dictionaries/ascii/mmcif_pdbx.dic 
# 
loop_
_database_2.database_id 
_database_2.database_code 
_database_2.pdbx_database_accession 
_database_2.pdbx_DOI 
PDB   7ZG6         pdb_00007zg6 10.2210/pdb7zg6/pdb 
WWPDB D_1292121214 ?            ?                   
# 
loop_
_pdbx_audit_revision_history.ordinal 
_pdbx_audit_revision_history.data_content_type 
_pdbx_audit_revision_history.major_revision 
_pdbx_audit_revision_history.minor_revision 
_pdbx_audit_revision_history.revision_date 
1 'Structure model' 1 0 2023-10-11 
2 'Structure model' 1 1 2024-03-27 
3 'Structure model' 1 2 2024-04-03 
4 'Structure model' 1 3 2024-04-10 
# 
_pdbx_audit_revision_details.ordinal             1 
_pdbx_audit_revision_details.revision_ordinal    1 
_pdbx_audit_revision_details.data_content_type   'Structure model' 
_pdbx_audit_revision_details.provider            repository 
_pdbx_audit_revision_details.type                'Initial release' 
_pdbx_audit_revision_details.description         ? 
_pdbx_audit_revision_details.details             ? 
# 
loop_
_pdbx_audit_revision_group.ordinal 
_pdbx_audit_revision_group.revision_ordinal 
_pdbx_audit_revision_group.data_content_type 
_pdbx_audit_revision_group.group 
1 2 'Structure model' 'Database references' 
2 3 'Structure model' 'Database references' 
3 4 'Structure model' 'Database references' 
# 
loop_
_pdbx_audit_revision_category.ordinal 
_pdbx_audit_revision_category.revision_ordinal 
_pdbx_audit_revision_category.data_content_type 
_pdbx_audit_revision_category.category 
1 2 'Structure model' citation        
2 3 'Structure model' citation        
3 3 'Structure model' citation_author 
4 4 'Structure model' citation        
5 4 'Structure model' citation_author 
# 
loop_
_pdbx_audit_revision_item.ordinal 
_pdbx_audit_revision_item.revision_ordinal 
_pdbx_audit_revision_item.data_content_type 
_pdbx_audit_revision_item.item 
1  2 'Structure model' '_citation.pdbx_database_id_DOI'    
2  2 'Structure model' '_citation.year'                    
3  3 'Structure model' '_citation.country'                 
4  3 'Structure model' '_citation.journal_abbrev'          
5  3 'Structure model' '_citation.journal_id_CSD'          
6  3 'Structure model' '_citation.journal_id_ISSN'         
7  3 'Structure model' '_citation.title'                   
8  4 'Structure model' '_citation.pdbx_database_id_PubMed' 
9  4 'Structure model' '_citation.title'                   
10 4 'Structure model' '_citation_author.identifier_ORCID' 
# 
_pdbx_database_status.status_code                     REL 
_pdbx_database_status.status_code_sf                  REL 
_pdbx_database_status.status_code_mr                  ? 
_pdbx_database_status.entry_id                        7ZG6 
_pdbx_database_status.recvd_initial_deposition_date   2022-04-01 
_pdbx_database_status.SG_entry                        N 
_pdbx_database_status.deposit_site                    PDBE 
_pdbx_database_status.process_site                    PDBE 
_pdbx_database_status.status_code_cs                  ? 
_pdbx_database_status.status_code_nmr_data            ? 
_pdbx_database_status.methods_development_category    ? 
_pdbx_database_status.pdb_format_compatible           Y 
# 
_pdbx_contact_author.id                 2 
_pdbx_contact_author.email              sophie_helaine@hms.harvard.edu 
_pdbx_contact_author.name_first         Sophie 
_pdbx_contact_author.name_last          Helaine 
_pdbx_contact_author.name_mi            ? 
_pdbx_contact_author.role               'principal investigator/group leader' 
_pdbx_contact_author.identifier_ORCID   0000-0002-9877-4180 
# 
loop_
_audit_author.name 
_audit_author.pdbx_ordinal 
_audit_author.identifier_ORCID 
'Grabe, G.J.'    1 0000-0002-0419-491X 
'Morgan, R.M.L.' 2 0000-0002-9760-3638 
'Helaine, S.'    3 0000-0002-9877-4180 
# 
_citation.abstract                  ? 
_citation.abstract_id_CAS           ? 
_citation.book_id_ISBN              ? 
_citation.book_publisher            ? 
_citation.book_publisher_city       ? 
_citation.book_title                ? 
_citation.coordinate_linkage        ? 
_citation.country                   US 
_citation.database_id_Medline       ? 
_citation.details                   ? 
_citation.id                        primary 
_citation.journal_abbrev            Nat.Struct.Mol.Biol. 
_citation.journal_id_ASTM           ? 
_citation.journal_id_CSD            ? 
_citation.journal_id_ISSN           1545-9985 
_citation.journal_full              ? 
_citation.journal_issue             ? 
_citation.journal_volume            ? 
_citation.language                  ? 
_citation.page_first                ? 
_citation.page_last                 ? 
_citation.title                     'Molecular stripping underpins derepression of a toxin-antitoxin system.' 
_citation.year                      2024 
_citation.database_id_CSD           ? 
_citation.pdbx_database_id_DOI      10.1038/s41594-024-01253-2 
_citation.pdbx_database_id_PubMed   38538913 
_citation.pdbx_database_id_patent   ? 
_citation.unpublished_flag          ? 
# 
loop_
_citation_author.citation_id 
_citation_author.name 
_citation_author.ordinal 
_citation_author.identifier_ORCID 
primary 'Grabe, G.J.'   1 ? 
primary 'Giorgio, R.T.' 2 ? 
primary 'Wieczor, M.'   3 ? 
primary 'Gollan, B.'    4 ? 
primary 'Sargen, M.'    5 ? 
primary 'Orozco, M.'    6 ? 
primary 'Hare, S.A.'    7 ? 
primary 'Helaine, S.'   8 ? 
# 
loop_
_entity.id 
_entity.type 
_entity.src_method 
_entity.pdbx_description 
_entity.formula_weight 
_entity.pdbx_number_of_molecules 
_entity.pdbx_ec 
_entity.pdbx_mutation 
_entity.pdbx_fragment 
_entity.details 
1 polymer     man 'DUF1778 domain-containing protein' 10429.851 2  ? ? ? ? 
2 non-polymer syn 'MAGNESIUM ION'                     24.305    1  ? ? ? ? 
3 water       nat water                               18.015    47 ? ? ? ? 
# 
_entity_poly.entity_id                      1 
_entity_poly.type                           'polypeptide(L)' 
_entity_poly.nstd_linkage                   no 
_entity_poly.nstd_monomer                   no 
_entity_poly.pdbx_seq_one_letter_code       
;MGSMKSDVQLNLRAKESQRALIDAAAEILHKSRTDFILETACQAAEKVILDRRVFNFNDEQYEEFINLLDAPVADDPVIE
KLLARKPQWDV
;
_entity_poly.pdbx_seq_one_letter_code_can   
;MGSMKSDVQLNLRAKESQRALIDAAAEILHKSRTDFILETACQAAEKVILDRRVFNFNDEQYEEFINLLDAPVADDPVIE
KLLARKPQWDV
;
_entity_poly.pdbx_strand_id                 A,B 
_entity_poly.pdbx_target_identifier         ? 
# 
loop_
_pdbx_entity_nonpoly.entity_id 
_pdbx_entity_nonpoly.name 
_pdbx_entity_nonpoly.comp_id 
2 'MAGNESIUM ION' MG  
3 water           HOH 
# 
loop_
_entity_poly_seq.entity_id 
_entity_poly_seq.num 
_entity_poly_seq.mon_id 
_entity_poly_seq.hetero 
1 1  MET n 
1 2  GLY n 
1 3  SER n 
1 4  MET n 
1 5  LYS n 
1 6  SER n 
1 7  ASP n 
1 8  VAL n 
1 9  GLN n 
1 10 LEU n 
1 11 ASN n 
1 12 LEU n 
1 13 ARG n 
1 14 ALA n 
1 15 LYS n 
1 16 GLU n 
1 17 SER n 
1 18 GLN n 
1 19 ARG n 
1 20 ALA n 
1 21 LEU n 
1 22 ILE n 
1 23 ASP n 
1 24 ALA n 
1 25 ALA n 
1 26 ALA n 
1 27 GLU n 
1 28 ILE n 
1 29 LEU n 
1 30 HIS n 
1 31 LYS n 
1 32 SER n 
1 33 ARG n 
1 34 THR n 
1 35 ASP n 
1 36 PHE n 
1 37 ILE n 
1 38 LEU n 
1 39 GLU n 
1 40 THR n 
1 41 ALA n 
1 42 CYS n 
1 43 GLN n 
1 44 ALA n 
1 45 ALA n 
1 46 GLU n 
1 47 LYS n 
1 48 VAL n 
1 49 ILE n 
1 50 LEU n 
1 51 ASP n 
1 52 ARG n 
1 53 ARG n 
1 54 VAL n 
1 55 PHE n 
1 56 ASN n 
1 57 PHE n 
1 58 ASN n 
1 59 ASP n 
1 60 GLU n 
1 61 GLN n 
1 62 TYR n 
1 63 GLU n 
1 64 GLU n 
1 65 PHE n 
1 66 ILE n 
1 67 ASN n 
1 68 LEU n 
1 69 LEU n 
1 70 ASP n 
1 71 ALA n 
1 72 PRO n 
1 73 VAL n 
1 74 ALA n 
1 75 ASP n 
1 76 ASP n 
1 77 PRO n 
1 78 VAL n 
1 79 ILE n 
1 80 GLU n 
1 81 LYS n 
1 82 LEU n 
1 83 LEU n 
1 84 ALA n 
1 85 ARG n 
1 86 LYS n 
1 87 PRO n 
1 88 GLN n 
1 89 TRP n 
1 90 ASP n 
1 91 VAL n 
# 
_entity_src_gen.entity_id                          1 
_entity_src_gen.pdbx_src_id                        1 
_entity_src_gen.pdbx_alt_source_flag               sample 
_entity_src_gen.pdbx_seq_type                      'Biological sequence' 
_entity_src_gen.pdbx_beg_seq_num                   1 
_entity_src_gen.pdbx_end_seq_num                   91 
_entity_src_gen.gene_src_common_name               ? 
_entity_src_gen.gene_src_genus                     ? 
_entity_src_gen.pdbx_gene_src_gene                 
;A3104_05255, A3S30_03565, A3T81_04105, A3U32_05670, A3V03_13915, A3V89_00845, A3W57_03990, A3W75_07045, A3X15_00845, A3X55_00325, A3Y76_07970, A4N07_08005, A4O05_01325, A4O41_02030, A4R48_08935, A6D61_12035, AAA76_07485, AAB27_15580, AAB79_05115, AAC35_03625, ADQ28_10175, AF497_21965, AGM99_05600, AHN93_12130, AIT36_00965, AKH62_19105, AL144_05695, AL168_00235, AL184_01805, AQ530_13115, AU613_00250, AVA38_12925, AVC05_10875, AVL16_07530, AWT30_08430, AXX99_15530, B1265_05360, B1398_03145, B1642_07215, B1P38_10085, B2E31_12120, B4V59_11835, B4W90_05735, B6362_03215, B7Q27_05355, B8Y16_03500, B8Z46_06180, B9C90_03095, B9C96_10075, B9M14_05165, B9O84_11710, BBQ66_14315, BG493_00970, BIC00_08660, BIC13_03220, BK110_05555, BKM50_23075, BMS46_12650, BMU56_14435, BZ203_17650, BZZ88_00325, C5W43_16875, CA117_15910, CAC56_00970, CAC59_00965, CB102_05780, CB119_09125, CB198_11360, CB380_04130, CB535_00770, CB570_01825, CB646_00870, CBM67_04325, CBM76_05660, CBZ90_17945, CC339_13495, CC403_04170, CC453_00825, CC652_10795, CC971_08240, CCP17_05605, CDZ72_00830, CE70_05375, CED07_09525, CEQ70_11810, CFF58_15570, CFF59_19345, CHN22_12865, CIX60_11710, CPS79_04635, CQO33_02710, CSG22_15805, CVR97_16715, D4361_00880, D4387_02960, D4422_08010, D5823_11460, D5N86_07595, D5N95_00880, D5O82_10090, D5P17_09705, D5X47_03750, D5Y28_11875, D6422_07755, D6J79_03215, D8S24_00875, DLB93_00880, DLR28_04665, DMI89_02725, DMO92_11765, DN165_06005, DNB97_10970, DNM27_08060, DNZ37_00880, DO533_01630, DP680_00880, DPB42_14145, DPD91_14800, DPF41_20265, DPF68_06590, DPS76_07075, DQD22_06090, DQR44_03755, DRM14_09660, DRT38_10160, DRT61_12455, DRV05_07095, DSF94_03190, DSG41_05900, DTF68_09765, DU071_11260, DU223_00815, DU657_08780, DU879_06935, DUV75_05405, DWU22_19580, DY580_11365, DYM27_07925, E0935_00855, E1A11_05885, E6W45_05500, EBD14_00860, EBK21_06270, EC404_08070, EEQ30_12970, EER35_04045, EHB09_10535, EL822_04920, ELS01_06375, EPB30_06160, EQG93_08445, EVY71_04545, EW905_00790, F0D96_17675, F2P00_07215, F3Q97_08560, F3R12_09955, F9G02_14055, F9O44_13860, FE758_17770, FEM52_12105, FGZ46_08045, FJM64_04970, FQC24_05140, G0038_06515, G0040_06835, G0042_12205, G0045_10420, G0047_05575, G0048_09090, G0051_05645, G0052_10845, G0059_05920, G0061_08170, G0062_08755, G0063_08645, G0067_09250, G0069_08825, G0070_07845, G0071_07185, G0072_20045, G0074_10225, G0076_07480, G0077_09020, G0080_10875, G0084_11635, G0086_11145, G0087_09090, G0088_08175, G0089_05200, G0090_03750, G0094_03980, G0100_14430, G0101_08275, G0102_07975, G0111_07605, G0113_09075, G0117_05810, G0123_09090, G0124_08815, G0148_07850, G0157_08505, G0170_09825, G0A05_14075, G0A28_05465, G0A32_06825, G0A39_18140, G0A43_17520, G0A44_05550, G0A46_06310, G0A50_04840, G0A51_06360, G0A52_16360, G0A53_03430, G0A56_14045, G0A58_04545, G0A60_05590, G0A61_07875, G0A63_17195, G0A66_04925, G0A67_08445, G0A68_18030, G0A70_04840, G0A73_06565, G0A76_16870, G0A79_08455, G0A92_06600, G0A96_06095, G0A97_04965, G0B03_06365, G0B05_02820, G0B07_02725, G0B08_03810, G0B12_00880, G0B28_10240, G0B96_06335, G0C03_03190, G0C04_07190, G0C34_08565, G0E15_12925, G0E20_13295, G0G84_14085, G0J24_05055, G0J26_08460, G0J27_00095, G0J28_06230, G0J31_03640, G0J33_04725, G0J34_09505, G0J36_06530, G0J37_09245, G0J40_08070, G0J43_05190, G0J44_09360, G0J45_06495, G0J46_07005, G0J47_09125, G0J49_07265, G0J50_09965, G0J51_08105, G0J53_03235, G0J55_05945, G0J58_04230, G0J59_20595, G0J62_02515, G0J65_11725, G0J66_02900, G0J67_06095, G0J69_03030, G0J71_03030, G0J73_12265, G0J76_03040, G0J79_08505, G0J81_05720, G0J82_07345, G0J85_05720, G0J89_12195, G0J92_11440, G0J94_12605, G0J96_11010, G0J97_05440, G0K00_10905, G0K02_08285, G0K03_06860, G0K04_04250, G0K05_00240, G0K07_03030, G0K10_07455, G0K13_06135, G0K15_04670, G0K16_11380, G0K18_09305, G0K19_03650, G0K20_01175, G0K23_06850, G0K25_00860, G0K26_09485, G0K28_12265, G0K30_06250, G0K31_02845, G0K32_21510, G0K33_05630, G0K37_00860, G0K38_10400, G0K39_00335, G0K41_00085, G0K42_08445, G0K44_09515, G0K46_05720, G0K47_10440, G0K48_11600, G0K49_12390, G0K52_13585, G0K53_13740, G0K56_12050, G0K58_17230, G0K59_13125, G0K61_08780, G0K65_07070, G0K68_05005, G0K70_08325, G0K72_03975, G0K74_16835, G0K75_06960, G0K78_11500, G0K80_19145, G0K83_05585, G0K84_13785, G0K85_10750, G0K88_003091, G0K89_000478, G0K90_000620, G0K94_000430, G0K95_000292, G0L00_000826, G0L02_000147, G0L03_04555, G0L06_01490, G0L07_01390, G0L10_04810, G0L14_03745, G0L15_14085, G0L18_01845, G0L19_04630, G0L20_03085, G0L24_03300, G0L25_01965, G0L29_02895, G0L31_11005, G0L32_05770, G0L34_00205, G0L35_02995, G0L36_06695, G0L37_03740, G0L38_01885, G0L40_13160, G0L42_04645, G0L48_07890, G0L49_00765, G0L51_03265, G0L52_00205, G0L55_04440, G0L59_01970, G0L62_04765, G0L63_03260, G0L65_18350, G0L67_02995, G0L68_05120, G0L70_10470, G0L73_04820, G0L76_03925, G0L77_17435, G0L78_01720, G0L79_04450, G0L83_11890, G0L85_15975, G0L86_000812, G0L88_02390, G0L89_04205, G0L91_04730, G0L93_17950, G0L96_03385, G0L98_18590, G0M00_19130, G0M05_16255, G0M06_000797, G0M13_000386, G0M14_02960, G0M16_02050, G0M18_000979, G0M21_11905, G0M22_000387, G0M25_000386, G0M26_03060, G0M29_000386, G0M30_05720, G0M33_12160, G0M35_05655, G0M36_14210, G0M38_01790, G0M39_00205, G0M40_05845, G0M41_07030, G0M45_06700, G0M46_000387, G0M48_000386, G0M51_18885, G0M53_03230, G0M55_04405, G0M56_01960, G0M58_01960, G0M63_03225, G0M65_01595, G0M67_04405, G0N45_04990, G0N48_08870, G0N51_12275, G0N53_04100, G0N55_07635, G0N57_04235, G0N58_04670, G0N59_10615, G0N60_09690, G0N61_05575, G0N62_05150, G0N64_07260, G0N65_06200, G0N66_09410, G0N67_07280, G0N71_08275, G0N75_10630, G0N78_06745, G0N82_06845, G0N84_07815, G0N85_04100, G0N86_11270, G0N88_07695, G0N89_06295, G0N90_07775, G0N92_16350, G0N94_02910, G0N95_11325, G0N98_10685, G0N99_03385, G0O00_03935, G0O03_07580, G0O10_06805, G0O14_02520, G0O15_13895, G0O18_14755, G0O19_09410, G0O20_06675, G0O22_05735, G0O25_08960, G0O27_07635, G0O31_08180, G0O32_05755, G0O36_06595, G0O37_08385, G0O39_05570, G0O40_13490, G0O41_08050, G0O42_08170, G0O43_09115, G0O44_05530, G0O47_08630, G0O52_07975, G0O55_07350, G0O57_07915, G0O58_10050, G0O59_14250, G0O60_09400, G0O63_04985, G0O66_13570, G0O68_07395, G0O70_08825, G0O71_08830, G0O74_07800, G0O75_07515, G0O77_08670, G0O78_08440, G0O80_07565, G0O81_03470, G0O82_10280, G0O84_08825, G0O85_05775, G0O86_10380, G0O87_07970, G0O88_03850, G0O89_06015, G0O92_08935, G0O93_04240, G0O94_13365, G0O97_02240, G0O99_13400, G0P00_15000, G0P01_02695, G0P02_06645, G0P05_12915, G0P06_08355, G0P08_09050, G0P12_13305, G0P13_05680, G0P17_06760, G0P18_07640, G0P19_05475, G0P24_03400, G0P26_08830, G0P28_08900, G0P30_08560, G0P31_10875, G0P36_12775, G0P37_02110, G0P41_15205, G0P44_03655, G0P45_07105, G0P48_07965, G0P49_00335, G0P52_05645, G0P53_00330, G0P56_10010, G0P57_08830, G0P58_04990, G0P63_06775, G0P65_04880, G0P67_10125, G0P68_07255, G0P69_00325, G0P73_13720, G0P75_01825, G0P76_03245, G1N61_05970, G1N64_05885, G1N66_05875, G1N68_05880, G1N71_05895, G1N72_05885, G1N86_05895, G1N87_05895, G1N91_06610, G1O00_03055, G1O02_05890, G1O04_05895, G1O05_05885, G1O08_05875, G1O10_07975, G1O12_05895, G1O16_05890, G1O17_05965, G1O18_05890, G1O20_05895, G1O23_05895, G1O25_05875, G1O26_05895, G1O27_05955, G1O28_05970, G1O29_05955, G1O32_05875, G1O34_05965, G1O38_06300, G1O40_05895, G1O43_05880, G1O46_03050, G1O48_05970, G1O49_05965, G1O51_05890, G1O53_05950, G1O62_05890, G1O63_05880, G1O65_05970, G1O67_07430, G1O68_05895, G1O69_05895, G1O71_09050, G1O72_05970, G1O76_05970, G1O77_05895, G1O80_05965, G1O81_05890, G1O83_05960, G1O84_05970, G1O87_05970, G1O88_05970, G1O89_05895, G1O90_05970, G1O93_05960, G1O94_05955, G1O96_05965, G1P02_05955, G1P03_05995, G1P06_05950, G1P09_03685, G1P10_05895, G1P12_05970, G1P14_00860, G1P15_08090, G1P17_05970, G1P19_05965, G1P23_05965, G1P24_05885, G1P25_05970, G1P26_05890, G1P29_05975, G1P31_05950, G1P35_05895, G1P36_05890, G1P37_05920, G1P40_03125, G1P44_05890, G1P45_05960, G1P47_05965, G1P48_05970, G1P51_05970, G1P52_05920, G1P53_05920, G1P54_05970, G1P55_05965, G1P56_05950, G1P57_05970, G1P58_05955, G1P59_05970, G1P61_08375, G1P64_05970, G1P67_05965, G1P69_05875, G1P72_10265, G1P75_05895, G1P76_05880, G1P78_03700, G1P83_03715, G1P84_05890, G1P87_05960, G1P90_05715, G1P91_05955, G1Q03_05890, G1Q08_05185, G1Q67_05960, G1Q78_05595, G1Q81_05965, G1Q83_05970, G1Q84_05625, G1Q85_05925, G1Q86_05880, G1Q88_03055, G1Q90_05955, G1Q91_05895, G1Q93_04950, G1Q96_05860, G1Q98_05895, G1Q99_05955, G1R01_05875, G1R02_03055, G1R03_05965, G1R04_05970, G1R08_05945, G1R13_05450, G1R15_05045, G1R20_03845, G1R21_05650, G1R22_03130, G1R23_03685, G1R27_05870, G1R28_05970, G1R29_05965, G1R30_05970, G1R31_06165, G1R36_05970, G1R38_05890, G1R40_03130, G1R42_03055, G1R44_05965, G1R45_07650, G1R47_03700, G1R48_03395, G1R51_05880, G1R52_08035, G1R53_05950, G1R63_05970, G1R69_00860, G1R87_03685, G1R93_05880, G1S02_05970, G2203_08010, G2212_16670, G2218_10055, G2221_14440, G2279_12050, G2290_12650, G2793_13330, G2918_13520, G2951_06210, G3221_002687, G3230_003613, G3231_002106, G3247_003536, G3248_001297, G3254_000041, G3263_002896, G3270_003435, G3275_000730, G3312_001759, G3336_003551, G3357_001662, G3369_000598, G3433_000039, G3460_000171, G3464_002693, G3593_003627, G3A35_06005, G3V06_000996, G3V14_003115, G3V17_000446, G3V21_001922, G3V56_000559, G3V57_001798, G3X03_001804, G4189_001061, G4190_000739, G4192_000812, G4198_000464, G4201_002101, G4202_001475, G4A01_003277, G4A73_001924, G4A83_004288, G4A85_000794, G4A87_001128, G4B68_002273, G4B72_002691, G4B74_000681, G4C74_000731, G4D32_002863, G4D46_002458, G4F88_00970, G4F89_00970, G4F91_00970, G4F92_00970, G4G47_002693, G4G62_000410, G4G67_002618, G4G68_003383, G4G75_001677, G4G76_001466, G4G79_002670, G4G97_002413, G4H00_000793, G4H04_004572, G4H07_003669, G4H08_000532, G4H18_000731, G4H21_000731, G4H24_000730, G4H63_001252, G4I66_003375, G4J07_001211, G4J08_002078, G4J11_000370, G4J12_000193, G4J18_002023, G4J20_003006, G4J37_004094, G4J39_002351, G4J41_001527, G4J45_002735, G4J90_001712, G4K02_000287, G4K03_000466, G4O54_000644, G4O56_001570, G4O59_000812, G4O60_000681, G4O67_000089, G4O69_001284, G4P29_001084, G4P83_001851, G4P85_000793, G4P89_003493, G4P91_001061, G4P93_001762, G4Q12_003651, G4Q28_000730, G4Q31_000728, G4Q50_002142, G4Q52_001801, G4Q59_002806, G4Q60_000793, G4Q63_002240, G4Q67_002883, G4Q94_003297, G4R01_000792, G4R02_002284, G4R15_002694, G4R16_000737, G4W68_003700, G4W73_000555, G4W86_000984, G4W87_000730, G4W88_000730, G4W91_000171, G4Y10_003993, G9269_000834, G9302_000793, G9304_001305, G9305_003574, G9309_000405, G9313_000793, G9314_004791, G9367_001474, G9381_000651, G9C24_000382, G9C41_000996, G9C46_000850, G9C47_000681, G9C49_001054, G9C57_000728, G9C64_002283, G9G03_000497, G9G04_003111, G9G34_001926, G9G36_000577, G9G45_002412, G9G50_002044, G9G62_002044, G9W19_001373, G9W28_001671, G9W45_000065, G9W52_002689, G9W63_002268, G9W65_000728, G9W79_002140, G9W95_000731, G9W96_002672, G9X40_002429, GB021_12045, GB040_11900, GB055_08450, GB076_09505, GB106_05935, GB114_08425, GB120_05560, GB122_13965, GB131_01480, GB139_06875, GB171_04135, GB209_06840, GB221_07870, GB224_00855, GB238_15785, GB280_05645, GB321_07520, GB331_07235, GB339_13210, GB342_05095, GB368_12215, GB372_06145, GB416_14990, GB452_06040, GB459_14220, GB466_12015, GB505_11895, GB510_10150, GB551_04205, GB567_10895, GB645_16180, GBS44_03925, GBS58_06025, GBV53_06495, GBV54_10940, GBV60_02935, GBW03_15445, GBW44_14930, GBW52_04530, GBW76_13765, GBX12_15340, GBX20_14950, GBX46_08290, GBX55_07645, GBX64_03960, GBY13_11225, GBY23_15345, GBY73_06075, GBZ51_19885, GBZ55_00575, GCZ80_15175, GEZ01_02980, GJE27_05655, GJE28_04530, GNA88_002718, GNA97_002865, GNA99_002432, GNB28_002419, GNB36_000624, GNB86_001092, GNC11_000727, GNC19_001070, GNC45_001165, GNC75_002133, GNC95_001305, GT380_05455, GTH60_03850, GTH62_02950, GTH63_08330, GTH66_08435, GTH67_11860, GTH68_08760, GTH70_03975, GTH72_08690, GTH73_05575, GTH75_06305, GTH77_02135, GTH78_08775, GTH79_06410, GTH81_13490, GTH85_09070, GTH87_09400, GTH89_05040, GTH90_06140, GTH91_00195, GTH93_08825, GTH94_05825, GTH99_03645, GXC51_05525, GXC56_05525, GXG40_05525, GYI58_17275, GYI62_000736, GYI77_09250, GYJ04_02110, GYJ24_05825, GYJ27_19115, GYJ28_003979, GYJ30_10035, GYJ32_11340, GYJ53_05965, GYJ59_05485, GYJ60_05955, H8S97_18675, JJB80_18360, JJB81_18355, KP44_05620, NG06_06920, R035_07945, Z700_03565, ZV17_16945, ZV33_03590, ZX03_04645, ZY40_05085
;
_entity_src_gen.gene_src_species                   ? 
_entity_src_gen.gene_src_strain                    ? 
_entity_src_gen.gene_src_tissue                    ? 
_entity_src_gen.gene_src_tissue_fraction           ? 
_entity_src_gen.gene_src_details                   ? 
_entity_src_gen.pdbx_gene_src_fragment             ? 
_entity_src_gen.pdbx_gene_src_scientific_name      'Salmonella enterica subsp. enterica serovar Typhimurium' 
_entity_src_gen.pdbx_gene_src_ncbi_taxonomy_id     90371 
_entity_src_gen.pdbx_gene_src_variant              ? 
_entity_src_gen.pdbx_gene_src_cell_line            ? 
_entity_src_gen.pdbx_gene_src_atcc                 ? 
_entity_src_gen.pdbx_gene_src_organ                ? 
_entity_src_gen.pdbx_gene_src_organelle            ? 
_entity_src_gen.pdbx_gene_src_cell                 ? 
_entity_src_gen.pdbx_gene_src_cellular_location    ? 
_entity_src_gen.host_org_common_name               ? 
_entity_src_gen.pdbx_host_org_scientific_name      'Escherichia coli BL21(DE3)' 
_entity_src_gen.pdbx_host_org_ncbi_taxonomy_id     469008 
_entity_src_gen.host_org_genus                     ? 
_entity_src_gen.pdbx_host_org_gene                 ? 
_entity_src_gen.pdbx_host_org_organ                ? 
_entity_src_gen.host_org_species                   ? 
_entity_src_gen.pdbx_host_org_tissue               ? 
_entity_src_gen.pdbx_host_org_tissue_fraction      ? 
_entity_src_gen.pdbx_host_org_strain               ? 
_entity_src_gen.pdbx_host_org_variant              ? 
_entity_src_gen.pdbx_host_org_cell_line            ? 
_entity_src_gen.pdbx_host_org_atcc                 ? 
_entity_src_gen.pdbx_host_org_culture_collection   ? 
_entity_src_gen.pdbx_host_org_cell                 ? 
_entity_src_gen.pdbx_host_org_organelle            ? 
_entity_src_gen.pdbx_host_org_cellular_location    ? 
_entity_src_gen.pdbx_host_org_vector_type          ? 
_entity_src_gen.pdbx_host_org_vector               ? 
_entity_src_gen.host_org_details                   ? 
_entity_src_gen.expression_system_id               ? 
_entity_src_gen.plasmid_name                       ? 
_entity_src_gen.plasmid_details                    ? 
_entity_src_gen.pdbx_description                   ? 
# 
loop_
_chem_comp.id 
_chem_comp.type 
_chem_comp.mon_nstd_flag 
_chem_comp.name 
_chem_comp.pdbx_synonyms 
_chem_comp.formula 
_chem_comp.formula_weight 
ALA 'L-peptide linking' y ALANINE         ? 'C3 H7 N O2'     89.093  
ARG 'L-peptide linking' y ARGININE        ? 'C6 H15 N4 O2 1' 175.209 
ASN 'L-peptide linking' y ASPARAGINE      ? 'C4 H8 N2 O3'    132.118 
ASP 'L-peptide linking' y 'ASPARTIC ACID' ? 'C4 H7 N O4'     133.103 
CYS 'L-peptide linking' y CYSTEINE        ? 'C3 H7 N O2 S'   121.158 
GLN 'L-peptide linking' y GLUTAMINE       ? 'C5 H10 N2 O3'   146.144 
GLU 'L-peptide linking' y 'GLUTAMIC ACID' ? 'C5 H9 N O4'     147.129 
GLY 'peptide linking'   y GLYCINE         ? 'C2 H5 N O2'     75.067  
HIS 'L-peptide linking' y HISTIDINE       ? 'C6 H10 N3 O2 1' 156.162 
HOH non-polymer         . WATER           ? 'H2 O'           18.015  
ILE 'L-peptide linking' y ISOLEUCINE      ? 'C6 H13 N O2'    131.173 
LEU 'L-peptide linking' y LEUCINE         ? 'C6 H13 N O2'    131.173 
LYS 'L-peptide linking' y LYSINE          ? 'C6 H15 N2 O2 1' 147.195 
MET 'L-peptide linking' y METHIONINE      ? 'C5 H11 N O2 S'  149.211 
MG  non-polymer         . 'MAGNESIUM ION' ? 'Mg 2'           24.305  
PHE 'L-peptide linking' y PHENYLALANINE   ? 'C9 H11 N O2'    165.189 
PRO 'L-peptide linking' y PROLINE         ? 'C5 H9 N O2'     115.130 
SER 'L-peptide linking' y SERINE          ? 'C3 H7 N O3'     105.093 
THR 'L-peptide linking' y THREONINE       ? 'C4 H9 N O3'     119.119 
TRP 'L-peptide linking' y TRYPTOPHAN      ? 'C11 H12 N2 O2'  204.225 
TYR 'L-peptide linking' y TYROSINE        ? 'C9 H11 N O3'    181.189 
VAL 'L-peptide linking' y VALINE          ? 'C5 H11 N O2'    117.146 
# 
loop_
_pdbx_poly_seq_scheme.asym_id 
_pdbx_poly_seq_scheme.entity_id 
_pdbx_poly_seq_scheme.seq_id 
_pdbx_poly_seq_scheme.mon_id 
_pdbx_poly_seq_scheme.ndb_seq_num 
_pdbx_poly_seq_scheme.pdb_seq_num 
_pdbx_poly_seq_scheme.auth_seq_num 
_pdbx_poly_seq_scheme.pdb_mon_id 
_pdbx_poly_seq_scheme.auth_mon_id 
_pdbx_poly_seq_scheme.pdb_strand_id 
_pdbx_poly_seq_scheme.pdb_ins_code 
_pdbx_poly_seq_scheme.hetero 
A 1 1  MET 1  1  ?  ?   ?   A . n 
A 1 2  GLY 2  2  ?  ?   ?   A . n 
A 1 3  SER 3  3  ?  ?   ?   A . n 
A 1 4  MET 4  4  ?  ?   ?   A . n 
A 1 5  LYS 5  5  5  LYS LYS A . n 
A 1 6  SER 6  6  6  SER SER A . n 
A 1 7  ASP 7  7  7  ASP ASP A . n 
A 1 8  VAL 8  8  8  VAL VAL A . n 
A 1 9  GLN 9  9  9  GLN GLN A . n 
A 1 10 LEU 10 10 10 LEU LEU A . n 
A 1 11 ASN 11 11 11 ASN ASN A . n 
A 1 12 LEU 12 12 12 LEU LEU A . n 
A 1 13 ARG 13 13 13 ARG ARG A . n 
A 1 14 ALA 14 14 14 ALA ALA A . n 
A 1 15 LYS 15 15 15 LYS LYS A . n 
A 1 16 GLU 16 16 16 GLU GLU A . n 
A 1 17 SER 17 17 17 SER SER A . n 
A 1 18 GLN 18 18 18 GLN GLN A . n 
A 1 19 ARG 19 19 19 ARG ARG A . n 
A 1 20 ALA 20 20 20 ALA ALA A . n 
A 1 21 LEU 21 21 21 LEU LEU A . n 
A 1 22 ILE 22 22 22 ILE ILE A . n 
A 1 23 ASP 23 23 23 ASP ASP A . n 
A 1 24 ALA 24 24 24 ALA ALA A . n 
A 1 25 ALA 25 25 25 ALA ALA A . n 
A 1 26 ALA 26 26 26 ALA ALA A . n 
A 1 27 GLU 27 27 27 GLU GLU A . n 
A 1 28 ILE 28 28 28 ILE ILE A . n 
A 1 29 LEU 29 29 29 LEU LEU A . n 
A 1 30 HIS 30 30 30 HIS HIS A . n 
A 1 31 LYS 31 31 31 LYS LYS A . n 
A 1 32 SER 32 32 32 SER SER A . n 
A 1 33 ARG 33 33 33 ARG ARG A . n 
A 1 34 THR 34 34 34 THR THR A . n 
A 1 35 ASP 35 35 35 ASP ASP A . n 
A 1 36 PHE 36 36 36 PHE PHE A . n 
A 1 37 ILE 37 37 37 ILE ILE A . n 
A 1 38 LEU 38 38 38 LEU LEU A . n 
A 1 39 GLU 39 39 39 GLU GLU A . n 
A 1 40 THR 40 40 40 THR THR A . n 
A 1 41 ALA 41 41 41 ALA ALA A . n 
A 1 42 CYS 42 42 42 CYS CYS A . n 
A 1 43 GLN 43 43 43 GLN GLN A . n 
A 1 44 ALA 44 44 44 ALA ALA A . n 
A 1 45 ALA 45 45 45 ALA ALA A . n 
A 1 46 GLU 46 46 46 GLU GLU A . n 
A 1 47 LYS 47 47 47 LYS LYS A . n 
A 1 48 VAL 48 48 48 VAL VAL A . n 
A 1 49 ILE 49 49 49 ILE ILE A . n 
A 1 50 LEU 50 50 50 LEU LEU A . n 
A 1 51 ASP 51 51 51 ASP ASP A . n 
A 1 52 ARG 52 52 52 ARG ARG A . n 
A 1 53 ARG 53 53 53 ARG ARG A . n 
A 1 54 VAL 54 54 54 VAL VAL A . n 
A 1 55 PHE 55 55 55 PHE PHE A . n 
A 1 56 ASN 56 56 56 ASN ASN A . n 
A 1 57 PHE 57 57 57 PHE PHE A . n 
A 1 58 ASN 58 58 ?  ?   ?   A . n 
A 1 59 ASP 59 59 ?  ?   ?   A . n 
A 1 60 GLU 60 60 ?  ?   ?   A . n 
A 1 61 GLN 61 61 ?  ?   ?   A . n 
A 1 62 TYR 62 62 ?  ?   ?   A . n 
A 1 63 GLU 63 63 ?  ?   ?   A . n 
A 1 64 GLU 64 64 ?  ?   ?   A . n 
A 1 65 PHE 65 65 ?  ?   ?   A . n 
A 1 66 ILE 66 66 ?  ?   ?   A . n 
A 1 67 ASN 67 67 ?  ?   ?   A . n 
A 1 68 LEU 68 68 ?  ?   ?   A . n 
A 1 69 LEU 69 69 ?  ?   ?   A . n 
A 1 70 ASP 70 70 ?  ?   ?   A . n 
A 1 71 ALA 71 71 ?  ?   ?   A . n 
A 1 72 PRO 72 72 ?  ?   ?   A . n 
A 1 73 VAL 73 73 ?  ?   ?   A . n 
A 1 74 ALA 74 74 ?  ?   ?   A . n 
A 1 75 ASP 75 75 ?  ?   ?   A . n 
A 1 76 ASP 76 76 ?  ?   ?   A . n 
A 1 77 PRO 77 77 ?  ?   ?   A . n 
A 1 78 VAL 78 78 ?  ?   ?   A . n 
A 1 79 ILE 79 79 ?  ?   ?   A . n 
A 1 80 GLU 80 80 ?  ?   ?   A . n 
A 1 81 LYS 81 81 ?  ?   ?   A . n 
A 1 82 LEU 82 82 ?  ?   ?   A . n 
A 1 83 LEU 83 83 ?  ?   ?   A . n 
A 1 84 ALA 84 84 ?  ?   ?   A . n 
A 1 85 ARG 85 85 ?  ?   ?   A . n 
A 1 86 LYS 86 86 ?  ?   ?   A . n 
A 1 87 PRO 87 87 ?  ?   ?   A . n 
A 1 88 GLN 88 88 ?  ?   ?   A . n 
A 1 89 TRP 89 89 ?  ?   ?   A . n 
A 1 90 ASP 90 90 ?  ?   ?   A . n 
A 1 91 VAL 91 91 ?  ?   ?   A . n 
B 1 1  MET 1  1  ?  ?   ?   B . n 
B 1 2  GLY 2  2  ?  ?   ?   B . n 
B 1 3  SER 3  3  ?  ?   ?   B . n 
B 1 4  MET 4  4  ?  ?   ?   B . n 
B 1 5  LYS 5  5  ?  ?   ?   B . n 
B 1 6  SER 6  6  6  SER SER B . n 
B 1 7  ASP 7  7  7  ASP ASP B . n 
B 1 8  VAL 8  8  8  VAL VAL B . n 
B 1 9  GLN 9  9  9  GLN GLN B . n 
B 1 10 LEU 10 10 10 LEU LEU B . n 
B 1 11 ASN 11 11 11 ASN ASN B . n 
B 1 12 LEU 12 12 12 LEU LEU B . n 
B 1 13 ARG 13 13 13 ARG ARG B . n 
B 1 14 ALA 14 14 14 ALA ALA B . n 
B 1 15 LYS 15 15 15 LYS LYS B . n 
B 1 16 GLU 16 16 16 GLU GLU B . n 
B 1 17 SER 17 17 17 SER SER B . n 
B 1 18 GLN 18 18 18 GLN GLN B . n 
B 1 19 ARG 19 19 19 ARG ARG B . n 
B 1 20 ALA 20 20 20 ALA ALA B . n 
B 1 21 LEU 21 21 21 LEU LEU B . n 
B 1 22 ILE 22 22 22 ILE ILE B . n 
B 1 23 ASP 23 23 23 ASP ASP B . n 
B 1 24 ALA 24 24 24 ALA ALA B . n 
B 1 25 ALA 25 25 25 ALA ALA B . n 
B 1 26 ALA 26 26 26 ALA ALA B . n 
B 1 27 GLU 27 27 27 GLU GLU B . n 
B 1 28 ILE 28 28 28 ILE ILE B . n 
B 1 29 LEU 29 29 29 LEU LEU B . n 
B 1 30 HIS 30 30 30 HIS HIS B . n 
B 1 31 LYS 31 31 31 LYS LYS B . n 
B 1 32 SER 32 32 32 SER SER B . n 
B 1 33 ARG 33 33 33 ARG ARG B . n 
B 1 34 THR 34 34 34 THR THR B . n 
B 1 35 ASP 35 35 35 ASP ASP B . n 
B 1 36 PHE 36 36 36 PHE PHE B . n 
B 1 37 ILE 37 37 37 ILE ILE B . n 
B 1 38 LEU 38 38 38 LEU LEU B . n 
B 1 39 GLU 39 39 39 GLU GLU B . n 
B 1 40 THR 40 40 40 THR THR B . n 
B 1 41 ALA 41 41 41 ALA ALA B . n 
B 1 42 CYS 42 42 42 CYS CYS B . n 
B 1 43 GLN 43 43 43 GLN GLN B . n 
B 1 44 ALA 44 44 44 ALA ALA B . n 
B 1 45 ALA 45 45 45 ALA ALA B . n 
B 1 46 GLU 46 46 46 GLU GLU B . n 
B 1 47 LYS 47 47 47 LYS LYS B . n 
B 1 48 VAL 48 48 48 VAL VAL B . n 
B 1 49 ILE 49 49 49 ILE ILE B . n 
B 1 50 LEU 50 50 50 LEU LEU B . n 
B 1 51 ASP 51 51 51 ASP ASP B . n 
B 1 52 ARG 52 52 52 ARG ARG B . n 
B 1 53 ARG 53 53 53 ARG ARG B . n 
B 1 54 VAL 54 54 54 VAL VAL B . n 
B 1 55 PHE 55 55 55 PHE PHE B . n 
B 1 56 ASN 56 56 56 ASN ASN B . n 
B 1 57 PHE 57 57 ?  ?   ?   B . n 
B 1 58 ASN 58 58 ?  ?   ?   B . n 
B 1 59 ASP 59 59 ?  ?   ?   B . n 
B 1 60 GLU 60 60 ?  ?   ?   B . n 
B 1 61 GLN 61 61 ?  ?   ?   B . n 
B 1 62 TYR 62 62 ?  ?   ?   B . n 
B 1 63 GLU 63 63 ?  ?   ?   B . n 
B 1 64 GLU 64 64 ?  ?   ?   B . n 
B 1 65 PHE 65 65 ?  ?   ?   B . n 
B 1 66 ILE 66 66 ?  ?   ?   B . n 
B 1 67 ASN 67 67 ?  ?   ?   B . n 
B 1 68 LEU 68 68 ?  ?   ?   B . n 
B 1 69 LEU 69 69 ?  ?   ?   B . n 
B 1 70 ASP 70 70 ?  ?   ?   B . n 
B 1 71 ALA 71 71 ?  ?   ?   B . n 
B 1 72 PRO 72 72 ?  ?   ?   B . n 
B 1 73 VAL 73 73 ?  ?   ?   B . n 
B 1 74 ALA 74 74 ?  ?   ?   B . n 
B 1 75 ASP 75 75 ?  ?   ?   B . n 
B 1 76 ASP 76 76 ?  ?   ?   B . n 
B 1 77 PRO 77 77 ?  ?   ?   B . n 
B 1 78 VAL 78 78 ?  ?   ?   B . n 
B 1 79 ILE 79 79 ?  ?   ?   B . n 
B 1 80 GLU 80 80 ?  ?   ?   B . n 
B 1 81 LYS 81 81 ?  ?   ?   B . n 
B 1 82 LEU 82 82 ?  ?   ?   B . n 
B 1 83 LEU 83 83 ?  ?   ?   B . n 
B 1 84 ALA 84 84 ?  ?   ?   B . n 
B 1 85 ARG 85 85 ?  ?   ?   B . n 
B 1 86 LYS 86 86 ?  ?   ?   B . n 
B 1 87 PRO 87 87 ?  ?   ?   B . n 
B 1 88 GLN 88 88 ?  ?   ?   B . n 
B 1 89 TRP 89 89 ?  ?   ?   B . n 
B 1 90 ASP 90 90 ?  ?   ?   B . n 
B 1 91 VAL 91 91 ?  ?   ?   B . n 
# 
loop_
_pdbx_nonpoly_scheme.asym_id 
_pdbx_nonpoly_scheme.entity_id 
_pdbx_nonpoly_scheme.mon_id 
_pdbx_nonpoly_scheme.ndb_seq_num 
_pdbx_nonpoly_scheme.pdb_seq_num 
_pdbx_nonpoly_scheme.auth_seq_num 
_pdbx_nonpoly_scheme.pdb_mon_id 
_pdbx_nonpoly_scheme.auth_mon_id 
_pdbx_nonpoly_scheme.pdb_strand_id 
_pdbx_nonpoly_scheme.pdb_ins_code 
C 2 MG  1  101 1  MG  MG  A . 
D 3 HOH 1  201 19 HOH HOH A . 
D 3 HOH 2  202 41 HOH HOH A . 
D 3 HOH 3  203 31 HOH HOH A . 
D 3 HOH 4  204 18 HOH HOH A . 
D 3 HOH 5  205 34 HOH HOH A . 
D 3 HOH 6  206 38 HOH HOH A . 
D 3 HOH 7  207 1  HOH HOH A . 
D 3 HOH 8  208 7  HOH HOH A . 
D 3 HOH 9  209 4  HOH HOH A . 
D 3 HOH 10 210 2  HOH HOH A . 
D 3 HOH 11 211 13 HOH HOH A . 
D 3 HOH 12 212 6  HOH HOH A . 
D 3 HOH 13 213 39 HOH HOH A . 
D 3 HOH 14 214 44 HOH HOH A . 
D 3 HOH 15 215 10 HOH HOH A . 
D 3 HOH 16 216 23 HOH HOH A . 
D 3 HOH 17 217 11 HOH HOH A . 
D 3 HOH 18 218 32 HOH HOH A . 
D 3 HOH 19 219 8  HOH HOH A . 
D 3 HOH 20 220 20 HOH HOH A . 
D 3 HOH 21 221 24 HOH HOH A . 
D 3 HOH 22 222 15 HOH HOH A . 
D 3 HOH 23 223 37 HOH HOH A . 
E 3 HOH 1  101 40 HOH HOH B . 
E 3 HOH 2  102 3  HOH HOH B . 
E 3 HOH 3  103 16 HOH HOH B . 
E 3 HOH 4  104 21 HOH HOH B . 
E 3 HOH 5  105 35 HOH HOH B . 
E 3 HOH 6  106 42 HOH HOH B . 
E 3 HOH 7  107 45 HOH HOH B . 
E 3 HOH 8  108 5  HOH HOH B . 
E 3 HOH 9  109 25 HOH HOH B . 
E 3 HOH 10 110 14 HOH HOH B . 
E 3 HOH 11 111 26 HOH HOH B . 
E 3 HOH 12 112 36 HOH HOH B . 
E 3 HOH 13 113 12 HOH HOH B . 
E 3 HOH 14 114 33 HOH HOH B . 
E 3 HOH 15 115 29 HOH HOH B . 
E 3 HOH 16 116 46 HOH HOH B . 
E 3 HOH 17 117 47 HOH HOH B . 
E 3 HOH 18 118 17 HOH HOH B . 
E 3 HOH 19 119 30 HOH HOH B . 
E 3 HOH 20 120 28 HOH HOH B . 
E 3 HOH 21 121 43 HOH HOH B . 
E 3 HOH 22 122 9  HOH HOH B . 
E 3 HOH 23 123 22 HOH HOH B . 
E 3 HOH 24 124 27 HOH HOH B . 
# 
loop_
_pdbx_unobs_or_zero_occ_atoms.id 
_pdbx_unobs_or_zero_occ_atoms.PDB_model_num 
_pdbx_unobs_or_zero_occ_atoms.polymer_flag 
_pdbx_unobs_or_zero_occ_atoms.occupancy_flag 
_pdbx_unobs_or_zero_occ_atoms.auth_asym_id 
_pdbx_unobs_or_zero_occ_atoms.auth_comp_id 
_pdbx_unobs_or_zero_occ_atoms.auth_seq_id 
_pdbx_unobs_or_zero_occ_atoms.PDB_ins_code 
_pdbx_unobs_or_zero_occ_atoms.auth_atom_id 
_pdbx_unobs_or_zero_occ_atoms.label_alt_id 
_pdbx_unobs_or_zero_occ_atoms.label_asym_id 
_pdbx_unobs_or_zero_occ_atoms.label_comp_id 
_pdbx_unobs_or_zero_occ_atoms.label_seq_id 
_pdbx_unobs_or_zero_occ_atoms.label_atom_id 
1  1 Y 1 A LYS 5  ? CG  ? A LYS 5  CG  
2  1 Y 1 A LYS 5  ? CD  ? A LYS 5  CD  
3  1 Y 1 A LYS 5  ? CE  ? A LYS 5  CE  
4  1 Y 1 A LYS 5  ? NZ  ? A LYS 5  NZ  
5  1 Y 1 A GLN 9  ? CG  ? A GLN 9  CG  
6  1 Y 1 A GLN 9  ? CD  ? A GLN 9  CD  
7  1 Y 1 A GLN 9  ? OE1 ? A GLN 9  OE1 
8  1 Y 1 A GLN 9  ? NE2 ? A GLN 9  NE2 
9  1 Y 1 A ARG 13 ? CG  ? A ARG 13 CG  
10 1 Y 1 A ARG 13 ? CD  ? A ARG 13 CD  
11 1 Y 1 A ARG 13 ? NE  ? A ARG 13 NE  
12 1 Y 1 A ARG 13 ? CZ  ? A ARG 13 CZ  
13 1 Y 1 A ARG 13 ? NH1 ? A ARG 13 NH1 
14 1 Y 1 A ARG 13 ? NH2 ? A ARG 13 NH2 
15 1 Y 0 B GLU 39 ? CD  ? B GLU 39 CD  
# 
loop_
_software.citation_id 
_software.classification 
_software.compiler_name 
_software.compiler_version 
_software.contact_author 
_software.contact_author_email 
_software.date 
_software.description 
_software.dependencies 
_software.hardware 
_software.language 
_software.location 
_software.mods 
_software.name 
_software.os 
_software.os_version 
_software.type 
_software.version 
_software.pdbx_ordinal 
? refinement        ? ? ? ? ? ? ? ? ? ? ? PHENIX      ? ? ? 1.19.2_4158 1 
? 'data scaling'    ? ? ? ? ? ? ? ? ? ? ? xia2        ? ? ? .           2 
? 'data extraction' ? ? ? ? ? ? ? ? ? ? ? PDB_EXTRACT ? ? ? 3.27        3 
? 'data reduction'  ? ? ? ? ? ? ? ? ? ? ? xia2        ? ? ? .           4 
? phasing           ? ? ? ? ? ? ? ? ? ? ? PHASER      ? ? ? .           5 
# 
_cell.angle_alpha                  90.000 
_cell.angle_alpha_esd              ? 
_cell.angle_beta                   90.000 
_cell.angle_beta_esd               ? 
_cell.angle_gamma                  120.000 
_cell.angle_gamma_esd              ? 
_cell.entry_id                     7ZG6 
_cell.details                      ? 
_cell.formula_units_Z              ? 
_cell.length_a                     68.990 
_cell.length_a_esd                 ? 
_cell.length_b                     68.990 
_cell.length_b_esd                 ? 
_cell.length_c                     69.470 
_cell.length_c_esd                 ? 
_cell.volume                       ? 
_cell.volume_esd                   ? 
_cell.Z_PDB                        18 
_cell.reciprocal_angle_alpha       ? 
_cell.reciprocal_angle_beta        ? 
_cell.reciprocal_angle_gamma       ? 
_cell.reciprocal_angle_alpha_esd   ? 
_cell.reciprocal_angle_beta_esd    ? 
_cell.reciprocal_angle_gamma_esd   ? 
_cell.reciprocal_length_a          ? 
_cell.reciprocal_length_b          ? 
_cell.reciprocal_length_c          ? 
_cell.reciprocal_length_a_esd      ? 
_cell.reciprocal_length_b_esd      ? 
_cell.reciprocal_length_c_esd      ? 
_cell.pdbx_unique_axis             ? 
# 
_symmetry.entry_id                         7ZG6 
_symmetry.cell_setting                     ? 
_symmetry.Int_Tables_number                146 
_symmetry.space_group_name_Hall            ? 
_symmetry.space_group_name_H-M             'H 3' 
_symmetry.pdbx_full_space_group_name_H-M   ? 
# 
_exptl.absorpt_coefficient_mu     ? 
_exptl.absorpt_correction_T_max   ? 
_exptl.absorpt_correction_T_min   ? 
_exptl.absorpt_correction_type    ? 
_exptl.absorpt_process_details    ? 
_exptl.entry_id                   7ZG6 
_exptl.crystals_number            1 
_exptl.details                    ? 
_exptl.method                     'X-RAY DIFFRACTION' 
_exptl.method_details             ? 
# 
_exptl_crystal.colour                      ? 
_exptl_crystal.density_diffrn              ? 
_exptl_crystal.density_Matthews            2.8 
_exptl_crystal.density_method              ? 
_exptl_crystal.density_percent_sol         56.03 
_exptl_crystal.description                 ? 
_exptl_crystal.F_000                       ? 
_exptl_crystal.id                          1 
_exptl_crystal.preparation                 ? 
_exptl_crystal.size_max                    ? 
_exptl_crystal.size_mid                    ? 
_exptl_crystal.size_min                    ? 
_exptl_crystal.size_rad                    ? 
_exptl_crystal.colour_lustre               ? 
_exptl_crystal.colour_modifier             ? 
_exptl_crystal.colour_primary              ? 
_exptl_crystal.density_meas                ? 
_exptl_crystal.density_meas_esd            ? 
_exptl_crystal.density_meas_gt             ? 
_exptl_crystal.density_meas_lt             ? 
_exptl_crystal.density_meas_temp           ? 
_exptl_crystal.density_meas_temp_esd       ? 
_exptl_crystal.density_meas_temp_gt        ? 
_exptl_crystal.density_meas_temp_lt        ? 
_exptl_crystal.pdbx_crystal_image_url      ? 
_exptl_crystal.pdbx_crystal_image_format   ? 
_exptl_crystal.pdbx_mosaicity              ? 
_exptl_crystal.pdbx_mosaicity_esd          ? 
# 
_exptl_crystal_grow.apparatus       ? 
_exptl_crystal_grow.atmosphere      ? 
_exptl_crystal_grow.crystal_id      1 
_exptl_crystal_grow.details         ? 
_exptl_crystal_grow.method          'VAPOR DIFFUSION, SITTING DROP' 
_exptl_crystal_grow.method_ref      ? 
_exptl_crystal_grow.pH              7.0 
_exptl_crystal_grow.pressure        ? 
_exptl_crystal_grow.pressure_esd    ? 
_exptl_crystal_grow.seeding         ? 
_exptl_crystal_grow.seeding_ref     ? 
_exptl_crystal_grow.temp            293 
_exptl_crystal_grow.temp_details    ? 
_exptl_crystal_grow.temp_esd        ? 
_exptl_crystal_grow.time            ? 
_exptl_crystal_grow.pdbx_details    
;1% Tryptone
1mM Sodium azide
50mM HEPES pH 7.0
12% PEG3350
;
_exptl_crystal_grow.pdbx_pH_range   ? 
# 
_diffrn.ambient_environment              ? 
_diffrn.ambient_temp                     100 
_diffrn.ambient_temp_details             ? 
_diffrn.ambient_temp_esd                 ? 
_diffrn.crystal_id                       1 
_diffrn.crystal_support                  ? 
_diffrn.crystal_treatment                ? 
_diffrn.details                          ? 
_diffrn.id                               1 
_diffrn.ambient_pressure                 ? 
_diffrn.ambient_pressure_esd             ? 
_diffrn.ambient_pressure_gt              ? 
_diffrn.ambient_pressure_lt              ? 
_diffrn.ambient_temp_gt                  ? 
_diffrn.ambient_temp_lt                  ? 
_diffrn.pdbx_serial_crystal_experiment   N 
# 
_diffrn_detector.details                      ? 
_diffrn_detector.detector                     PIXEL 
_diffrn_detector.diffrn_id                    1 
_diffrn_detector.type                         'DECTRIS PILATUS 6M' 
_diffrn_detector.area_resol_mean              ? 
_diffrn_detector.dtime                        ? 
_diffrn_detector.pdbx_frames_total            ? 
_diffrn_detector.pdbx_collection_time_total   ? 
_diffrn_detector.pdbx_collection_date         2017-03-24 
_diffrn_detector.pdbx_frequency               ? 
# 
_diffrn_radiation.collimation                      ? 
_diffrn_radiation.diffrn_id                        1 
_diffrn_radiation.filter_edge                      ? 
_diffrn_radiation.inhomogeneity                    ? 
_diffrn_radiation.monochromator                    ? 
_diffrn_radiation.polarisn_norm                    ? 
_diffrn_radiation.polarisn_ratio                   ? 
_diffrn_radiation.probe                            ? 
_diffrn_radiation.type                             ? 
_diffrn_radiation.xray_symbol                      ? 
_diffrn_radiation.wavelength_id                    1 
_diffrn_radiation.pdbx_monochromatic_or_laue_m_l   M 
_diffrn_radiation.pdbx_wavelength_list             ? 
_diffrn_radiation.pdbx_wavelength                  ? 
_diffrn_radiation.pdbx_diffrn_protocol             'SINGLE WAVELENGTH' 
_diffrn_radiation.pdbx_analyzer                    ? 
_diffrn_radiation.pdbx_scattering_type             x-ray 
# 
_diffrn_radiation_wavelength.id           1 
_diffrn_radiation_wavelength.wavelength   0.976 
_diffrn_radiation_wavelength.wt           1.0 
# 
_diffrn_source.current                     ? 
_diffrn_source.details                     ? 
_diffrn_source.diffrn_id                   1 
_diffrn_source.power                       ? 
_diffrn_source.size                        ? 
_diffrn_source.source                      SYNCHROTRON 
_diffrn_source.target                      ? 
_diffrn_source.type                        'DIAMOND BEAMLINE I03' 
_diffrn_source.voltage                     ? 
_diffrn_source.take-off_angle              ? 
_diffrn_source.pdbx_wavelength_list        0.976 
_diffrn_source.pdbx_wavelength             ? 
_diffrn_source.pdbx_synchrotron_beamline   I03 
_diffrn_source.pdbx_synchrotron_site       Diamond 
# 
_reflns.B_iso_Wilson_estimate                          46.120 
_reflns.entry_id                                       7ZG6 
_reflns.data_reduction_details                         ? 
_reflns.data_reduction_method                          ? 
_reflns.d_resolution_high                              1.94 
_reflns.d_resolution_low                               34.50 
_reflns.details                                        ? 
_reflns.limit_h_max                                    ? 
_reflns.limit_h_min                                    ? 
_reflns.limit_k_max                                    ? 
_reflns.limit_k_min                                    ? 
_reflns.limit_l_max                                    ? 
_reflns.limit_l_min                                    ? 
_reflns.number_all                                     ? 
_reflns.number_obs                                     9080 
_reflns.observed_criterion                             ? 
_reflns.observed_criterion_F_max                       ? 
_reflns.observed_criterion_F_min                       ? 
_reflns.observed_criterion_I_max                       ? 
_reflns.observed_criterion_I_min                       ? 
_reflns.observed_criterion_sigma_F                     ? 
_reflns.observed_criterion_sigma_I                     ? 
_reflns.percent_possible_obs                           99.3 
_reflns.R_free_details                                 ? 
_reflns.Rmerge_F_all                                   ? 
_reflns.Rmerge_F_obs                                   ? 
_reflns.Friedel_coverage                               ? 
_reflns.number_gt                                      ? 
_reflns.threshold_expression                           ? 
_reflns.pdbx_redundancy                                5 
_reflns.pdbx_Rmerge_I_obs                              0.049 
_reflns.pdbx_Rmerge_I_all                              ? 
_reflns.pdbx_Rsym_value                                ? 
_reflns.pdbx_netI_over_av_sigmaI                       ? 
_reflns.pdbx_netI_over_sigmaI                          14.3 
_reflns.pdbx_res_netI_over_av_sigmaI_2                 ? 
_reflns.pdbx_res_netI_over_sigmaI_2                    ? 
_reflns.pdbx_chi_squared                               ? 
_reflns.pdbx_scaling_rejects                           ? 
_reflns.pdbx_d_res_high_opt                            ? 
_reflns.pdbx_d_res_low_opt                             ? 
_reflns.pdbx_d_res_opt_method                          ? 
_reflns.phase_calculation_details                      ? 
_reflns.pdbx_Rrim_I_all                                0.055 
_reflns.pdbx_Rpim_I_all                                0.024 
_reflns.pdbx_d_opt                                     ? 
_reflns.pdbx_number_measured_all                       ? 
_reflns.pdbx_diffrn_id                                 1 
_reflns.pdbx_ordinal                                   1 
_reflns.pdbx_CC_half                                   0.999 
_reflns.pdbx_CC_star                                   ? 
_reflns.pdbx_R_split                                   ? 
_reflns.pdbx_aniso_diffraction_limit_axis_1_ortho[1]   ? 
_reflns.pdbx_aniso_diffraction_limit_axis_1_ortho[2]   ? 
_reflns.pdbx_aniso_diffraction_limit_axis_1_ortho[3]   ? 
_reflns.pdbx_aniso_diffraction_limit_axis_2_ortho[1]   ? 
_reflns.pdbx_aniso_diffraction_limit_axis_2_ortho[2]   ? 
_reflns.pdbx_aniso_diffraction_limit_axis_2_ortho[3]   ? 
_reflns.pdbx_aniso_diffraction_limit_axis_3_ortho[1]   ? 
_reflns.pdbx_aniso_diffraction_limit_axis_3_ortho[2]   ? 
_reflns.pdbx_aniso_diffraction_limit_axis_3_ortho[3]   ? 
_reflns.pdbx_aniso_diffraction_limit_1                 ? 
_reflns.pdbx_aniso_diffraction_limit_2                 ? 
_reflns.pdbx_aniso_diffraction_limit_3                 ? 
_reflns.pdbx_aniso_B_tensor_eigenvector_1_ortho[1]     ? 
_reflns.pdbx_aniso_B_tensor_eigenvector_1_ortho[2]     ? 
_reflns.pdbx_aniso_B_tensor_eigenvector_1_ortho[3]     ? 
_reflns.pdbx_aniso_B_tensor_eigenvector_2_ortho[1]     ? 
_reflns.pdbx_aniso_B_tensor_eigenvector_2_ortho[2]     ? 
_reflns.pdbx_aniso_B_tensor_eigenvector_2_ortho[3]     ? 
_reflns.pdbx_aniso_B_tensor_eigenvector_3_ortho[1]     ? 
_reflns.pdbx_aniso_B_tensor_eigenvector_3_ortho[2]     ? 
_reflns.pdbx_aniso_B_tensor_eigenvector_3_ortho[3]     ? 
_reflns.pdbx_aniso_B_tensor_eigenvalue_1               ? 
_reflns.pdbx_aniso_B_tensor_eigenvalue_2               ? 
_reflns.pdbx_aniso_B_tensor_eigenvalue_3               ? 
_reflns.pdbx_orthogonalization_convention              ? 
_reflns.pdbx_percent_possible_ellipsoidal              ? 
_reflns.pdbx_percent_possible_spherical                ? 
_reflns.pdbx_percent_possible_ellipsoidal_anomalous    ? 
_reflns.pdbx_percent_possible_spherical_anomalous      ? 
_reflns.pdbx_redundancy_anomalous                      ? 
_reflns.pdbx_CC_half_anomalous                         ? 
_reflns.pdbx_absDiff_over_sigma_anomalous              ? 
_reflns.pdbx_percent_possible_anomalous                ? 
_reflns.pdbx_observed_signal_threshold                 ? 
_reflns.pdbx_signal_type                               ? 
_reflns.pdbx_signal_details                            ? 
_reflns.pdbx_signal_software_id                        ? 
# 
_reflns_shell.d_res_high                                    1.94 
_reflns_shell.d_res_low                                     1.97 
_reflns_shell.meanI_over_sigI_all                           ? 
_reflns_shell.meanI_over_sigI_obs                           1.4 
_reflns_shell.number_measured_all                           ? 
_reflns_shell.number_measured_obs                           ? 
_reflns_shell.number_possible                               ? 
_reflns_shell.number_unique_all                             ? 
_reflns_shell.number_unique_obs                             475 
_reflns_shell.percent_possible_all                          99.2 
_reflns_shell.percent_possible_obs                          ? 
_reflns_shell.Rmerge_F_all                                  ? 
_reflns_shell.Rmerge_F_obs                                  ? 
_reflns_shell.Rmerge_I_all                                  ? 
_reflns_shell.Rmerge_I_obs                                  1.076 
_reflns_shell.meanI_over_sigI_gt                            ? 
_reflns_shell.meanI_over_uI_all                             ? 
_reflns_shell.meanI_over_uI_gt                              ? 
_reflns_shell.number_measured_gt                            ? 
_reflns_shell.number_unique_gt                              ? 
_reflns_shell.percent_possible_gt                           ? 
_reflns_shell.Rmerge_F_gt                                   ? 
_reflns_shell.Rmerge_I_gt                                   ? 
_reflns_shell.pdbx_redundancy                               5.2 
_reflns_shell.pdbx_Rsym_value                               ? 
_reflns_shell.pdbx_chi_squared                              ? 
_reflns_shell.pdbx_netI_over_sigmaI_all                     ? 
_reflns_shell.pdbx_netI_over_sigmaI_obs                     ? 
_reflns_shell.pdbx_Rrim_I_all                               ? 
_reflns_shell.pdbx_Rpim_I_all                               0.520 
_reflns_shell.pdbx_rejects                                  ? 
_reflns_shell.pdbx_ordinal                                  1 
_reflns_shell.pdbx_diffrn_id                                1 
_reflns_shell.pdbx_CC_half                                  0.655 
_reflns_shell.pdbx_CC_star                                  ? 
_reflns_shell.pdbx_R_split                                  ? 
_reflns_shell.pdbx_percent_possible_ellipsoidal             ? 
_reflns_shell.pdbx_percent_possible_spherical               ? 
_reflns_shell.pdbx_percent_possible_ellipsoidal_anomalous   ? 
_reflns_shell.pdbx_percent_possible_spherical_anomalous     ? 
_reflns_shell.pdbx_redundancy_anomalous                     ? 
_reflns_shell.pdbx_CC_half_anomalous                        ? 
_reflns_shell.pdbx_absDiff_over_sigma_anomalous             ? 
_reflns_shell.pdbx_percent_possible_anomalous               ? 
# 
_refine.aniso_B[1][1]                            ? 
_refine.aniso_B[1][2]                            ? 
_refine.aniso_B[1][3]                            ? 
_refine.aniso_B[2][2]                            ? 
_refine.aniso_B[2][3]                            ? 
_refine.aniso_B[3][3]                            ? 
_refine.B_iso_max                                111.280 
_refine.B_iso_mean                               56.4175 
_refine.B_iso_min                                32.300 
_refine.correlation_coeff_Fo_to_Fc               ? 
_refine.correlation_coeff_Fo_to_Fc_free          ? 
_refine.details                                  ? 
_refine.diff_density_max                         ? 
_refine.diff_density_max_esd                     ? 
_refine.diff_density_min                         ? 
_refine.diff_density_min_esd                     ? 
_refine.diff_density_rms                         ? 
_refine.diff_density_rms_esd                     ? 
_refine.entry_id                                 7ZG6 
_refine.pdbx_refine_id                           'X-RAY DIFFRACTION' 
_refine.ls_abs_structure_details                 ? 
_refine.ls_abs_structure_Flack                   ? 
_refine.ls_abs_structure_Flack_esd               ? 
_refine.ls_abs_structure_Rogers                  ? 
_refine.ls_abs_structure_Rogers_esd              ? 
_refine.ls_d_res_high                            1.9500 
_refine.ls_d_res_low                             34.4900 
_refine.ls_extinction_coef                       ? 
_refine.ls_extinction_coef_esd                   ? 
_refine.ls_extinction_expression                 ? 
_refine.ls_extinction_method                     ? 
_refine.ls_goodness_of_fit_all                   ? 
_refine.ls_goodness_of_fit_all_esd               ? 
_refine.ls_goodness_of_fit_obs                   ? 
_refine.ls_goodness_of_fit_obs_esd               ? 
_refine.ls_hydrogen_treatment                    ? 
_refine.ls_matrix_type                           ? 
_refine.ls_number_constraints                    ? 
_refine.ls_number_parameters                     ? 
_refine.ls_number_reflns_all                     ? 
_refine.ls_number_reflns_obs                     8956 
_refine.ls_number_reflns_R_free                  416 
_refine.ls_number_reflns_R_work                  8540 
_refine.ls_number_restraints                     ? 
_refine.ls_percent_reflns_obs                    99.3600 
_refine.ls_percent_reflns_R_free                 4.6400 
_refine.ls_R_factor_all                          ? 
_refine.ls_R_factor_obs                          0.1999 
_refine.ls_R_factor_R_free                       0.2519 
_refine.ls_R_factor_R_free_error                 ? 
_refine.ls_R_factor_R_free_error_details         ? 
_refine.ls_R_factor_R_work                       0.1974 
_refine.ls_R_Fsqd_factor_obs                     ? 
_refine.ls_R_I_factor_obs                        ? 
_refine.ls_redundancy_reflns_all                 ? 
_refine.ls_redundancy_reflns_obs                 ? 
_refine.ls_restrained_S_all                      ? 
_refine.ls_restrained_S_obs                      ? 
_refine.ls_shift_over_esd_max                    ? 
_refine.ls_shift_over_esd_mean                   ? 
_refine.ls_structure_factor_coef                 ? 
_refine.ls_weighting_details                     ? 
_refine.ls_weighting_scheme                      ? 
_refine.ls_wR_factor_all                         ? 
_refine.ls_wR_factor_obs                         ? 
_refine.ls_wR_factor_R_free                      ? 
_refine.ls_wR_factor_R_work                      ? 
_refine.occupancy_max                            ? 
_refine.occupancy_min                            ? 
_refine.solvent_model_details                    'FLAT BULK SOLVENT MODEL' 
_refine.solvent_model_param_bsol                 ? 
_refine.solvent_model_param_ksol                 ? 
_refine.pdbx_R_complete                          ? 
_refine.ls_R_factor_gt                           ? 
_refine.ls_goodness_of_fit_gt                    ? 
_refine.ls_goodness_of_fit_ref                   ? 
_refine.ls_shift_over_su_max                     ? 
_refine.ls_shift_over_su_max_lt                  ? 
_refine.ls_shift_over_su_mean                    ? 
_refine.ls_shift_over_su_mean_lt                 ? 
_refine.pdbx_ls_sigma_I                          ? 
_refine.pdbx_ls_sigma_F                          1.990 
_refine.pdbx_ls_sigma_Fsqd                       ? 
_refine.pdbx_data_cutoff_high_absF               ? 
_refine.pdbx_data_cutoff_high_rms_absF           ? 
_refine.pdbx_data_cutoff_low_absF                ? 
_refine.pdbx_isotropic_thermal_model             ? 
_refine.pdbx_ls_cross_valid_method               THROUGHOUT 
_refine.pdbx_method_to_determine_struct          'MOLECULAR REPLACEMENT' 
_refine.pdbx_starting_model                      7AK7 
_refine.pdbx_stereochemistry_target_values       ML 
_refine.pdbx_R_Free_selection_details            RANDOM 
_refine.pdbx_stereochem_target_val_spec_case     ? 
_refine.pdbx_overall_ESU_R                       ? 
_refine.pdbx_overall_ESU_R_Free                  ? 
_refine.pdbx_solvent_vdw_probe_radii             1.1100 
_refine.pdbx_solvent_ion_probe_radii             ? 
_refine.pdbx_solvent_shrinkage_radii             0.9000 
_refine.pdbx_real_space_R                        ? 
_refine.pdbx_density_correlation                 ? 
_refine.pdbx_pd_number_of_powder_patterns        ? 
_refine.pdbx_pd_number_of_points                 ? 
_refine.pdbx_pd_meas_number_of_points            ? 
_refine.pdbx_pd_proc_ls_prof_R_factor            ? 
_refine.pdbx_pd_proc_ls_prof_wR_factor           ? 
_refine.pdbx_pd_Marquardt_correlation_coeff      ? 
_refine.pdbx_pd_Fsqrd_R_factor                   ? 
_refine.pdbx_pd_ls_matrix_band_width             ? 
_refine.pdbx_overall_phase_error                 36.1900 
_refine.pdbx_overall_SU_R_free_Cruickshank_DPI   ? 
_refine.pdbx_overall_SU_R_free_Blow_DPI          ? 
_refine.pdbx_overall_SU_R_Blow_DPI               ? 
_refine.pdbx_TLS_residual_ADP_flag               ? 
_refine.pdbx_diffrn_id                           1 
_refine.overall_SU_B                             ? 
_refine.overall_SU_ML                            0.3000 
_refine.overall_SU_R_Cruickshank_DPI             ? 
_refine.overall_SU_R_free                        ? 
_refine.overall_FOM_free_R_set                   ? 
_refine.overall_FOM_work_R_set                   ? 
_refine.pdbx_average_fsc_overall                 ? 
_refine.pdbx_average_fsc_work                    ? 
_refine.pdbx_average_fsc_free                    ? 
# 
_refine_hist.pdbx_refine_id                   'X-RAY DIFFRACTION' 
_refine_hist.cycle_id                         final 
_refine_hist.details                          ? 
_refine_hist.d_res_high                       1.9500 
_refine_hist.d_res_low                        34.4900 
_refine_hist.number_atoms_solvent             47 
_refine_hist.number_atoms_total               862 
_refine_hist.number_reflns_all                ? 
_refine_hist.number_reflns_obs                ? 
_refine_hist.number_reflns_R_free             ? 
_refine_hist.number_reflns_R_work             ? 
_refine_hist.R_factor_all                     ? 
_refine_hist.R_factor_obs                     ? 
_refine_hist.R_factor_R_free                  ? 
_refine_hist.R_factor_R_work                  ? 
_refine_hist.pdbx_number_residues_total       104 
_refine_hist.pdbx_B_iso_mean_ligand           94.05 
_refine_hist.pdbx_B_iso_mean_solvent          64.45 
_refine_hist.pdbx_number_atoms_protein        814 
_refine_hist.pdbx_number_atoms_nucleic_acid   0 
_refine_hist.pdbx_number_atoms_ligand         1 
_refine_hist.pdbx_number_atoms_lipid          ? 
_refine_hist.pdbx_number_atoms_carb           ? 
_refine_hist.pdbx_pseudo_atom_details         ? 
# 
loop_
_refine_ls_shell.pdbx_refine_id 
_refine_ls_shell.d_res_high 
_refine_ls_shell.d_res_low 
_refine_ls_shell.number_reflns_all 
_refine_ls_shell.number_reflns_obs 
_refine_ls_shell.number_reflns_R_free 
_refine_ls_shell.number_reflns_R_work 
_refine_ls_shell.percent_reflns_obs 
_refine_ls_shell.percent_reflns_R_free 
_refine_ls_shell.R_factor_all 
_refine_ls_shell.R_factor_obs 
_refine_ls_shell.R_factor_R_free 
_refine_ls_shell.R_factor_R_free_error 
_refine_ls_shell.R_factor_R_work 
_refine_ls_shell.redundancy_reflns_all 
_refine_ls_shell.redundancy_reflns_obs 
_refine_ls_shell.wR_factor_all 
_refine_ls_shell.wR_factor_obs 
_refine_ls_shell.wR_factor_R_free 
_refine_ls_shell.wR_factor_R_work 
_refine_ls_shell.pdbx_R_complete 
_refine_ls_shell.pdbx_total_number_of_bins_used 
_refine_ls_shell.pdbx_phase_error 
_refine_ls_shell.pdbx_fsc_work 
_refine_ls_shell.pdbx_fsc_free 
'X-RAY DIFFRACTION' 1.9500 2.2300  3002 . 158 2844 100.0000 . . . 0.3020 0.0000 0.2770 . . . . . . . 3 . . . 
'X-RAY DIFFRACTION' 2.2300 2.8100  2962 . 134 2828 99.0000  . . . 0.2983 0.0000 0.2417 . . . . . . . 3 . . . 
'X-RAY DIFFRACTION' 2.8100 34.4900 2992 . 124 2868 99.0000  . . . 0.2337 0.0000 0.1780 . . . . . . . 3 . . . 
# 
_struct.entry_id                     7ZG6 
_struct.title                        'TacA1 antitoxin' 
_struct.pdbx_model_details           ? 
_struct.pdbx_formula_weight          ? 
_struct.pdbx_formula_weight_method   ? 
_struct.pdbx_model_type_details      ? 
_struct.pdbx_CASP_flag               N 
# 
_struct_keywords.entry_id        7ZG6 
_struct_keywords.text            'Salmonella, Toxin-antitoxin system, RHH domain, ANTITOXIN' 
_struct_keywords.pdbx_keywords   ANTITOXIN 
# 
loop_
_struct_asym.id 
_struct_asym.pdbx_blank_PDB_chainid_flag 
_struct_asym.pdbx_modified 
_struct_asym.entity_id 
_struct_asym.details 
A N N 1 ? 
B N N 1 ? 
C N N 2 ? 
D N N 3 ? 
E N N 3 ? 
# 
_struct_ref.id                         1 
_struct_ref.db_name                    UNP 
_struct_ref.db_code                    A0A2J0RDY6_SALTM 
_struct_ref.pdbx_db_accession          A0A2J0RDY6 
_struct_ref.pdbx_db_isoform            ? 
_struct_ref.entity_id                  1 
_struct_ref.pdbx_seq_one_letter_code   
;MKSDVQLNLRAKESQRALIDAAAEILHKSRTDFILETACQAAEKVILDRRVFNFNDEQYEEFINLLDAPVADDPVIEKLL
ARKPQWDV
;
_struct_ref.pdbx_align_begin           8 
# 
loop_
_struct_ref_seq.align_id 
_struct_ref_seq.ref_id 
_struct_ref_seq.pdbx_PDB_id_code 
_struct_ref_seq.pdbx_strand_id 
_struct_ref_seq.seq_align_beg 
_struct_ref_seq.pdbx_seq_align_beg_ins_code 
_struct_ref_seq.seq_align_end 
_struct_ref_seq.pdbx_seq_align_end_ins_code 
_struct_ref_seq.pdbx_db_accession 
_struct_ref_seq.db_align_beg 
_struct_ref_seq.pdbx_db_align_beg_ins_code 
_struct_ref_seq.db_align_end 
_struct_ref_seq.pdbx_db_align_end_ins_code 
_struct_ref_seq.pdbx_auth_seq_align_beg 
_struct_ref_seq.pdbx_auth_seq_align_end 
1 1 7ZG6 A 4 ? 91 ? A0A2J0RDY6 8 ? 95 ? 4 91 
2 1 7ZG6 B 4 ? 91 ? A0A2J0RDY6 8 ? 95 ? 4 91 
# 
loop_
_struct_ref_seq_dif.align_id 
_struct_ref_seq_dif.pdbx_pdb_id_code 
_struct_ref_seq_dif.mon_id 
_struct_ref_seq_dif.pdbx_pdb_strand_id 
_struct_ref_seq_dif.seq_num 
_struct_ref_seq_dif.pdbx_pdb_ins_code 
_struct_ref_seq_dif.pdbx_seq_db_name 
_struct_ref_seq_dif.pdbx_seq_db_accession_code 
_struct_ref_seq_dif.db_mon_id 
_struct_ref_seq_dif.pdbx_seq_db_seq_num 
_struct_ref_seq_dif.details 
_struct_ref_seq_dif.pdbx_auth_seq_num 
_struct_ref_seq_dif.pdbx_ordinal 
1 7ZG6 MET A 1 ? UNP A0A2J0RDY6 ? ? 'initiating methionine' 1 1 
1 7ZG6 GLY A 2 ? UNP A0A2J0RDY6 ? ? 'expression tag'        2 2 
1 7ZG6 SER A 3 ? UNP A0A2J0RDY6 ? ? 'expression tag'        3 3 
2 7ZG6 MET B 1 ? UNP A0A2J0RDY6 ? ? 'initiating methionine' 1 4 
2 7ZG6 GLY B 2 ? UNP A0A2J0RDY6 ? ? 'expression tag'        2 5 
2 7ZG6 SER B 3 ? UNP A0A2J0RDY6 ? ? 'expression tag'        3 6 
# 
_pdbx_struct_assembly.id                   1 
_pdbx_struct_assembly.details              author_and_software_defined_assembly 
_pdbx_struct_assembly.method_details       PISA 
_pdbx_struct_assembly.oligomeric_details   dimeric 
_pdbx_struct_assembly.oligomeric_count     2 
# 
loop_
_pdbx_struct_assembly_prop.biol_id 
_pdbx_struct_assembly_prop.type 
_pdbx_struct_assembly_prop.value 
_pdbx_struct_assembly_prop.details 
1 'ABSA (A^2)' 3440 ? 
1 MORE         -31  ? 
1 'SSA (A^2)'  6760 ? 
# 
_pdbx_struct_assembly_gen.assembly_id       1 
_pdbx_struct_assembly_gen.oper_expression   1 
_pdbx_struct_assembly_gen.asym_id_list      A,B,C,D,E 
# 
_pdbx_struct_assembly_auth_evidence.id                     1 
_pdbx_struct_assembly_auth_evidence.assembly_id            1 
_pdbx_struct_assembly_auth_evidence.experimental_support   none 
_pdbx_struct_assembly_auth_evidence.details                ? 
# 
_pdbx_struct_oper_list.id                   1 
_pdbx_struct_oper_list.type                 'identity operation' 
_pdbx_struct_oper_list.name                 1_555 
_pdbx_struct_oper_list.symmetry_operation   x,y,z 
_pdbx_struct_oper_list.matrix[1][1]         1.0000000000 
_pdbx_struct_oper_list.matrix[1][2]         0.0000000000 
_pdbx_struct_oper_list.matrix[1][3]         0.0000000000 
_pdbx_struct_oper_list.vector[1]            0.0000000000 
_pdbx_struct_oper_list.matrix[2][1]         0.0000000000 
_pdbx_struct_oper_list.matrix[2][2]         1.0000000000 
_pdbx_struct_oper_list.matrix[2][3]         0.0000000000 
_pdbx_struct_oper_list.vector[2]            0.0000000000 
_pdbx_struct_oper_list.matrix[3][1]         0.0000000000 
_pdbx_struct_oper_list.matrix[3][2]         0.0000000000 
_pdbx_struct_oper_list.matrix[3][3]         1.0000000000 
_pdbx_struct_oper_list.vector[3]            0.0000000000 
# 
loop_
_struct_conf.conf_type_id 
_struct_conf.id 
_struct_conf.pdbx_PDB_helix_id 
_struct_conf.beg_label_comp_id 
_struct_conf.beg_label_asym_id 
_struct_conf.beg_label_seq_id 
_struct_conf.pdbx_beg_PDB_ins_code 
_struct_conf.end_label_comp_id 
_struct_conf.end_label_asym_id 
_struct_conf.end_label_seq_id 
_struct_conf.pdbx_end_PDB_ins_code 
_struct_conf.beg_auth_comp_id 
_struct_conf.beg_auth_asym_id 
_struct_conf.beg_auth_seq_id 
_struct_conf.end_auth_comp_id 
_struct_conf.end_auth_asym_id 
_struct_conf.end_auth_seq_id 
_struct_conf.pdbx_PDB_helix_class 
_struct_conf.details 
_struct_conf.pdbx_PDB_helix_length 
HELX_P HELX_P1 AA1 GLU A 16 ? HIS A 30 ? GLU A 16 HIS A 30 1 ? 15 
HELX_P HELX_P2 AA2 SER A 32 ? VAL A 54 ? SER A 32 VAL A 54 1 ? 23 
HELX_P HELX_P3 AA3 LYS B 15 ? LEU B 29 ? LYS B 15 LEU B 29 1 ? 15 
HELX_P HELX_P4 AA4 SER B 32 ? ASN B 56 ? SER B 32 ASN B 56 1 ? 25 
# 
_struct_conf_type.id          HELX_P 
_struct_conf_type.criteria    ? 
_struct_conf_type.reference   ? 
# 
_struct_sheet.id               AA1 
_struct_sheet.type             ? 
_struct_sheet.number_strands   2 
_struct_sheet.details          ? 
# 
_struct_sheet_order.sheet_id     AA1 
_struct_sheet_order.range_id_1   1 
_struct_sheet_order.range_id_2   2 
_struct_sheet_order.offset       ? 
_struct_sheet_order.sense        anti-parallel 
# 
loop_
_struct_sheet_range.sheet_id 
_struct_sheet_range.id 
_struct_sheet_range.beg_label_comp_id 
_struct_sheet_range.beg_label_asym_id 
_struct_sheet_range.beg_label_seq_id 
_struct_sheet_range.pdbx_beg_PDB_ins_code 
_struct_sheet_range.end_label_comp_id 
_struct_sheet_range.end_label_asym_id 
_struct_sheet_range.end_label_seq_id 
_struct_sheet_range.pdbx_end_PDB_ins_code 
_struct_sheet_range.beg_auth_comp_id 
_struct_sheet_range.beg_auth_asym_id 
_struct_sheet_range.beg_auth_seq_id 
_struct_sheet_range.end_auth_comp_id 
_struct_sheet_range.end_auth_asym_id 
_struct_sheet_range.end_auth_seq_id 
AA1 1 VAL A 8 ? LYS A 15 ? VAL A 8 LYS A 15 
AA1 2 ASP B 7 ? ALA B 14 ? ASP B 7 ALA B 14 
# 
_pdbx_struct_sheet_hbond.sheet_id                AA1 
_pdbx_struct_sheet_hbond.range_id_1              1 
_pdbx_struct_sheet_hbond.range_id_2              2 
_pdbx_struct_sheet_hbond.range_1_label_atom_id   N 
_pdbx_struct_sheet_hbond.range_1_label_comp_id   ALA 
_pdbx_struct_sheet_hbond.range_1_label_asym_id   A 
_pdbx_struct_sheet_hbond.range_1_label_seq_id    14 
_pdbx_struct_sheet_hbond.range_1_PDB_ins_code    ? 
_pdbx_struct_sheet_hbond.range_1_auth_atom_id    N 
_pdbx_struct_sheet_hbond.range_1_auth_comp_id    ALA 
_pdbx_struct_sheet_hbond.range_1_auth_asym_id    A 
_pdbx_struct_sheet_hbond.range_1_auth_seq_id     14 
_pdbx_struct_sheet_hbond.range_2_label_atom_id   O 
_pdbx_struct_sheet_hbond.range_2_label_comp_id   VAL 
_pdbx_struct_sheet_hbond.range_2_label_asym_id   B 
_pdbx_struct_sheet_hbond.range_2_label_seq_id    8 
_pdbx_struct_sheet_hbond.range_2_PDB_ins_code    ? 
_pdbx_struct_sheet_hbond.range_2_auth_atom_id    O 
_pdbx_struct_sheet_hbond.range_2_auth_comp_id    VAL 
_pdbx_struct_sheet_hbond.range_2_auth_asym_id    B 
_pdbx_struct_sheet_hbond.range_2_auth_seq_id     8 
# 
loop_
_pdbx_validate_close_contact.id 
_pdbx_validate_close_contact.PDB_model_num 
_pdbx_validate_close_contact.auth_atom_id_1 
_pdbx_validate_close_contact.auth_asym_id_1 
_pdbx_validate_close_contact.auth_comp_id_1 
_pdbx_validate_close_contact.auth_seq_id_1 
_pdbx_validate_close_contact.PDB_ins_code_1 
_pdbx_validate_close_contact.label_alt_id_1 
_pdbx_validate_close_contact.auth_atom_id_2 
_pdbx_validate_close_contact.auth_asym_id_2 
_pdbx_validate_close_contact.auth_comp_id_2 
_pdbx_validate_close_contact.auth_seq_id_2 
_pdbx_validate_close_contact.PDB_ins_code_2 
_pdbx_validate_close_contact.label_alt_id_2 
_pdbx_validate_close_contact.dist 
1 1 O  B THR 34 ? ? O   B HOH 101 ? ? 2.11 
2 1 NZ B LYS 31 ? ? OE1 B GLU 39  ? ? 2.18 
# 
loop_
_pdbx_validate_torsion.id 
_pdbx_validate_torsion.PDB_model_num 
_pdbx_validate_torsion.auth_comp_id 
_pdbx_validate_torsion.auth_asym_id 
_pdbx_validate_torsion.auth_seq_id 
_pdbx_validate_torsion.PDB_ins_code 
_pdbx_validate_torsion.label_alt_id 
_pdbx_validate_torsion.phi 
_pdbx_validate_torsion.psi 
1 1 VAL A 54 ? ? -129.89 -56.53 
2 1 PHE A 55 ? ? -79.81  37.42  
# 
_pdbx_struct_special_symmetry.id              1 
_pdbx_struct_special_symmetry.PDB_model_num   1 
_pdbx_struct_special_symmetry.auth_asym_id    A 
_pdbx_struct_special_symmetry.auth_comp_id    MG 
_pdbx_struct_special_symmetry.auth_seq_id     101 
_pdbx_struct_special_symmetry.PDB_ins_code    ? 
_pdbx_struct_special_symmetry.label_asym_id   C 
_pdbx_struct_special_symmetry.label_comp_id   MG 
_pdbx_struct_special_symmetry.label_seq_id    . 
# 
_pdbx_entry_details.entry_id                 7ZG6 
_pdbx_entry_details.has_ligand_of_interest   N 
_pdbx_entry_details.compound_details         ? 
_pdbx_entry_details.source_details           ? 
_pdbx_entry_details.nonpolymer_details       ? 
_pdbx_entry_details.sequence_details         ? 
# 
loop_
_pdbx_distant_solvent_atoms.id 
_pdbx_distant_solvent_atoms.PDB_model_num 
_pdbx_distant_solvent_atoms.auth_atom_id 
_pdbx_distant_solvent_atoms.label_alt_id 
_pdbx_distant_solvent_atoms.auth_asym_id 
_pdbx_distant_solvent_atoms.auth_comp_id 
_pdbx_distant_solvent_atoms.auth_seq_id 
_pdbx_distant_solvent_atoms.PDB_ins_code 
_pdbx_distant_solvent_atoms.neighbor_macromolecule_distance 
_pdbx_distant_solvent_atoms.neighbor_ligand_distance 
1 1 O ? A HOH 223 ? 8.03 . 
2 1 O ? B HOH 124 ? 5.98 . 
# 
loop_
_pdbx_unobs_or_zero_occ_residues.id 
_pdbx_unobs_or_zero_occ_residues.PDB_model_num 
_pdbx_unobs_or_zero_occ_residues.polymer_flag 
_pdbx_unobs_or_zero_occ_residues.occupancy_flag 
_pdbx_unobs_or_zero_occ_residues.auth_asym_id 
_pdbx_unobs_or_zero_occ_residues.auth_comp_id 
_pdbx_unobs_or_zero_occ_residues.auth_seq_id 
_pdbx_unobs_or_zero_occ_residues.PDB_ins_code 
_pdbx_unobs_or_zero_occ_residues.label_asym_id 
_pdbx_unobs_or_zero_occ_residues.label_comp_id 
_pdbx_unobs_or_zero_occ_residues.label_seq_id 
1  1 Y 1 A MET 1  ? A MET 1  
2  1 Y 1 A GLY 2  ? A GLY 2  
3  1 Y 1 A SER 3  ? A SER 3  
4  1 Y 1 A MET 4  ? A MET 4  
5  1 Y 1 A ASN 58 ? A ASN 58 
6  1 Y 1 A ASP 59 ? A ASP 59 
7  1 Y 1 A GLU 60 ? A GLU 60 
8  1 Y 1 A GLN 61 ? A GLN 61 
9  1 Y 1 A TYR 62 ? A TYR 62 
10 1 Y 1 A GLU 63 ? A GLU 63 
11 1 Y 1 A GLU 64 ? A GLU 64 
12 1 Y 1 A PHE 65 ? A PHE 65 
13 1 Y 1 A ILE 66 ? A ILE 66 
14 1 Y 1 A ASN 67 ? A ASN 67 
15 1 Y 1 A LEU 68 ? A LEU 68 
16 1 Y 1 A LEU 69 ? A LEU 69 
17 1 Y 1 A ASP 70 ? A ASP 70 
18 1 Y 1 A ALA 71 ? A ALA 71 
19 1 Y 1 A PRO 72 ? A PRO 72 
20 1 Y 1 A VAL 73 ? A VAL 73 
21 1 Y 1 A ALA 74 ? A ALA 74 
22 1 Y 1 A ASP 75 ? A ASP 75 
23 1 Y 1 A ASP 76 ? A ASP 76 
24 1 Y 1 A PRO 77 ? A PRO 77 
25 1 Y 1 A VAL 78 ? A VAL 78 
26 1 Y 1 A ILE 79 ? A ILE 79 
27 1 Y 1 A GLU 80 ? A GLU 80 
28 1 Y 1 A LYS 81 ? A LYS 81 
29 1 Y 1 A LEU 82 ? A LEU 82 
30 1 Y 1 A LEU 83 ? A LEU 83 
31 1 Y 1 A ALA 84 ? A ALA 84 
32 1 Y 1 A ARG 85 ? A ARG 85 
33 1 Y 1 A LYS 86 ? A LYS 86 
34 1 Y 1 A PRO 87 ? A PRO 87 
35 1 Y 1 A GLN 88 ? A GLN 88 
36 1 Y 1 A TRP 89 ? A TRP 89 
37 1 Y 1 A ASP 90 ? A ASP 90 
38 1 Y 1 A VAL 91 ? A VAL 91 
39 1 Y 1 B MET 1  ? B MET 1  
40 1 Y 1 B GLY 2  ? B GLY 2  
41 1 Y 1 B SER 3  ? B SER 3  
42 1 Y 1 B MET 4  ? B MET 4  
43 1 Y 1 B LYS 5  ? B LYS 5  
44 1 Y 1 B PHE 57 ? B PHE 57 
45 1 Y 1 B ASN 58 ? B ASN 58 
46 1 Y 1 B ASP 59 ? B ASP 59 
47 1 Y 1 B GLU 60 ? B GLU 60 
48 1 Y 1 B GLN 61 ? B GLN 61 
49 1 Y 1 B TYR 62 ? B TYR 62 
50 1 Y 1 B GLU 63 ? B GLU 63 
51 1 Y 1 B GLU 64 ? B GLU 64 
52 1 Y 1 B PHE 65 ? B PHE 65 
53 1 Y 1 B ILE 66 ? B ILE 66 
54 1 Y 1 B ASN 67 ? B ASN 67 
55 1 Y 1 B LEU 68 ? B LEU 68 
56 1 Y 1 B LEU 69 ? B LEU 69 
57 1 Y 1 B ASP 70 ? B ASP 70 
58 1 Y 1 B ALA 71 ? B ALA 71 
59 1 Y 1 B PRO 72 ? B PRO 72 
60 1 Y 1 B VAL 73 ? B VAL 73 
61 1 Y 1 B ALA 74 ? B ALA 74 
62 1 Y 1 B ASP 75 ? B ASP 75 
63 1 Y 1 B ASP 76 ? B ASP 76 
64 1 Y 1 B PRO 77 ? B PRO 77 
65 1 Y 1 B VAL 78 ? B VAL 78 
66 1 Y 1 B ILE 79 ? B ILE 79 
67 1 Y 1 B GLU 80 ? B GLU 80 
68 1 Y 1 B LYS 81 ? B LYS 81 
69 1 Y 1 B LEU 82 ? B LEU 82 
70 1 Y 1 B LEU 83 ? B LEU 83 
71 1 Y 1 B ALA 84 ? B ALA 84 
72 1 Y 1 B ARG 85 ? B ARG 85 
73 1 Y 1 B LYS 86 ? B LYS 86 
74 1 Y 1 B PRO 87 ? B PRO 87 
75 1 Y 1 B GLN 88 ? B GLN 88 
76 1 Y 1 B TRP 89 ? B TRP 89 
77 1 Y 1 B ASP 90 ? B ASP 90 
78 1 Y 1 B VAL 91 ? B VAL 91 
# 
loop_
_chem_comp_atom.comp_id 
_chem_comp_atom.atom_id 
_chem_comp_atom.type_symbol 
_chem_comp_atom.pdbx_aromatic_flag 
_chem_comp_atom.pdbx_stereo_config 
_chem_comp_atom.pdbx_ordinal 
ALA N    N  N N 1   
ALA CA   C  N S 2   
ALA C    C  N N 3   
ALA O    O  N N 4   
ALA CB   C  N N 5   
ALA OXT  O  N N 6   
ALA H    H  N N 7   
ALA H2   H  N N 8   
ALA HA   H  N N 9   
ALA HB1  H  N N 10  
ALA HB2  H  N N 11  
ALA HB3  H  N N 12  
ALA HXT  H  N N 13  
ARG N    N  N N 14  
ARG CA   C  N S 15  
ARG C    C  N N 16  
ARG O    O  N N 17  
ARG CB   C  N N 18  
ARG CG   C  N N 19  
ARG CD   C  N N 20  
ARG NE   N  N N 21  
ARG CZ   C  N N 22  
ARG NH1  N  N N 23  
ARG NH2  N  N N 24  
ARG OXT  O  N N 25  
ARG H    H  N N 26  
ARG H2   H  N N 27  
ARG HA   H  N N 28  
ARG HB2  H  N N 29  
ARG HB3  H  N N 30  
ARG HG2  H  N N 31  
ARG HG3  H  N N 32  
ARG HD2  H  N N 33  
ARG HD3  H  N N 34  
ARG HE   H  N N 35  
ARG HH11 H  N N 36  
ARG HH12 H  N N 37  
ARG HH21 H  N N 38  
ARG HH22 H  N N 39  
ARG HXT  H  N N 40  
ASN N    N  N N 41  
ASN CA   C  N S 42  
ASN C    C  N N 43  
ASN O    O  N N 44  
ASN CB   C  N N 45  
ASN CG   C  N N 46  
ASN OD1  O  N N 47  
ASN ND2  N  N N 48  
ASN OXT  O  N N 49  
ASN H    H  N N 50  
ASN H2   H  N N 51  
ASN HA   H  N N 52  
ASN HB2  H  N N 53  
ASN HB3  H  N N 54  
ASN HD21 H  N N 55  
ASN HD22 H  N N 56  
ASN HXT  H  N N 57  
ASP N    N  N N 58  
ASP CA   C  N S 59  
ASP C    C  N N 60  
ASP O    O  N N 61  
ASP CB   C  N N 62  
ASP CG   C  N N 63  
ASP OD1  O  N N 64  
ASP OD2  O  N N 65  
ASP OXT  O  N N 66  
ASP H    H  N N 67  
ASP H2   H  N N 68  
ASP HA   H  N N 69  
ASP HB2  H  N N 70  
ASP HB3  H  N N 71  
ASP HD2  H  N N 72  
ASP HXT  H  N N 73  
CYS N    N  N N 74  
CYS CA   C  N R 75  
CYS C    C  N N 76  
CYS O    O  N N 77  
CYS CB   C  N N 78  
CYS SG   S  N N 79  
CYS OXT  O  N N 80  
CYS H    H  N N 81  
CYS H2   H  N N 82  
CYS HA   H  N N 83  
CYS HB2  H  N N 84  
CYS HB3  H  N N 85  
CYS HG   H  N N 86  
CYS HXT  H  N N 87  
GLN N    N  N N 88  
GLN CA   C  N S 89  
GLN C    C  N N 90  
GLN O    O  N N 91  
GLN CB   C  N N 92  
GLN CG   C  N N 93  
GLN CD   C  N N 94  
GLN OE1  O  N N 95  
GLN NE2  N  N N 96  
GLN OXT  O  N N 97  
GLN H    H  N N 98  
GLN H2   H  N N 99  
GLN HA   H  N N 100 
GLN HB2  H  N N 101 
GLN HB3  H  N N 102 
GLN HG2  H  N N 103 
GLN HG3  H  N N 104 
GLN HE21 H  N N 105 
GLN HE22 H  N N 106 
GLN HXT  H  N N 107 
GLU N    N  N N 108 
GLU CA   C  N S 109 
GLU C    C  N N 110 
GLU O    O  N N 111 
GLU CB   C  N N 112 
GLU CG   C  N N 113 
GLU CD   C  N N 114 
GLU OE1  O  N N 115 
GLU OE2  O  N N 116 
GLU OXT  O  N N 117 
GLU H    H  N N 118 
GLU H2   H  N N 119 
GLU HA   H  N N 120 
GLU HB2  H  N N 121 
GLU HB3  H  N N 122 
GLU HG2  H  N N 123 
GLU HG3  H  N N 124 
GLU HE2  H  N N 125 
GLU HXT  H  N N 126 
GLY N    N  N N 127 
GLY CA   C  N N 128 
GLY C    C  N N 129 
GLY O    O  N N 130 
GLY OXT  O  N N 131 
GLY H    H  N N 132 
GLY H2   H  N N 133 
GLY HA2  H  N N 134 
GLY HA3  H  N N 135 
GLY HXT  H  N N 136 
HIS N    N  N N 137 
HIS CA   C  N S 138 
HIS C    C  N N 139 
HIS O    O  N N 140 
HIS CB   C  N N 141 
HIS CG   C  Y N 142 
HIS ND1  N  Y N 143 
HIS CD2  C  Y N 144 
HIS CE1  C  Y N 145 
HIS NE2  N  Y N 146 
HIS OXT  O  N N 147 
HIS H    H  N N 148 
HIS H2   H  N N 149 
HIS HA   H  N N 150 
HIS HB2  H  N N 151 
HIS HB3  H  N N 152 
HIS HD1  H  N N 153 
HIS HD2  H  N N 154 
HIS HE1  H  N N 155 
HIS HE2  H  N N 156 
HIS HXT  H  N N 157 
HOH O    O  N N 158 
HOH H1   H  N N 159 
HOH H2   H  N N 160 
ILE N    N  N N 161 
ILE CA   C  N S 162 
ILE C    C  N N 163 
ILE O    O  N N 164 
ILE CB   C  N S 165 
ILE CG1  C  N N 166 
ILE CG2  C  N N 167 
ILE CD1  C  N N 168 
ILE OXT  O  N N 169 
ILE H    H  N N 170 
ILE H2   H  N N 171 
ILE HA   H  N N 172 
ILE HB   H  N N 173 
ILE HG12 H  N N 174 
ILE HG13 H  N N 175 
ILE HG21 H  N N 176 
ILE HG22 H  N N 177 
ILE HG23 H  N N 178 
ILE HD11 H  N N 179 
ILE HD12 H  N N 180 
ILE HD13 H  N N 181 
ILE HXT  H  N N 182 
LEU N    N  N N 183 
LEU CA   C  N S 184 
LEU C    C  N N 185 
LEU O    O  N N 186 
LEU CB   C  N N 187 
LEU CG   C  N N 188 
LEU CD1  C  N N 189 
LEU CD2  C  N N 190 
LEU OXT  O  N N 191 
LEU H    H  N N 192 
LEU H2   H  N N 193 
LEU HA   H  N N 194 
LEU HB2  H  N N 195 
LEU HB3  H  N N 196 
LEU HG   H  N N 197 
LEU HD11 H  N N 198 
LEU HD12 H  N N 199 
LEU HD13 H  N N 200 
LEU HD21 H  N N 201 
LEU HD22 H  N N 202 
LEU HD23 H  N N 203 
LEU HXT  H  N N 204 
LYS N    N  N N 205 
LYS CA   C  N S 206 
LYS C    C  N N 207 
LYS O    O  N N 208 
LYS CB   C  N N 209 
LYS CG   C  N N 210 
LYS CD   C  N N 211 
LYS CE   C  N N 212 
LYS NZ   N  N N 213 
LYS OXT  O  N N 214 
LYS H    H  N N 215 
LYS H2   H  N N 216 
LYS HA   H  N N 217 
LYS HB2  H  N N 218 
LYS HB3  H  N N 219 
LYS HG2  H  N N 220 
LYS HG3  H  N N 221 
LYS HD2  H  N N 222 
LYS HD3  H  N N 223 
LYS HE2  H  N N 224 
LYS HE3  H  N N 225 
LYS HZ1  H  N N 226 
LYS HZ2  H  N N 227 
LYS HZ3  H  N N 228 
LYS HXT  H  N N 229 
MET N    N  N N 230 
MET CA   C  N S 231 
MET C    C  N N 232 
MET O    O  N N 233 
MET CB   C  N N 234 
MET CG   C  N N 235 
MET SD   S  N N 236 
MET CE   C  N N 237 
MET OXT  O  N N 238 
MET H    H  N N 239 
MET H2   H  N N 240 
MET HA   H  N N 241 
MET HB2  H  N N 242 
MET HB3  H  N N 243 
MET HG2  H  N N 244 
MET HG3  H  N N 245 
MET HE1  H  N N 246 
MET HE2  H  N N 247 
MET HE3  H  N N 248 
MET HXT  H  N N 249 
MG  MG   MG N N 250 
PHE N    N  N N 251 
PHE CA   C  N S 252 
PHE C    C  N N 253 
PHE O    O  N N 254 
PHE CB   C  N N 255 
PHE CG   C  Y N 256 
PHE CD1  C  Y N 257 
PHE CD2  C  Y N 258 
PHE CE1  C  Y N 259 
PHE CE2  C  Y N 260 
PHE CZ   C  Y N 261 
PHE OXT  O  N N 262 
PHE H    H  N N 263 
PHE H2   H  N N 264 
PHE HA   H  N N 265 
PHE HB2  H  N N 266 
PHE HB3  H  N N 267 
PHE HD1  H  N N 268 
PHE HD2  H  N N 269 
PHE HE1  H  N N 270 
PHE HE2  H  N N 271 
PHE HZ   H  N N 272 
PHE HXT  H  N N 273 
PRO N    N  N N 274 
PRO CA   C  N S 275 
PRO C    C  N N 276 
PRO O    O  N N 277 
PRO CB   C  N N 278 
PRO CG   C  N N 279 
PRO CD   C  N N 280 
PRO OXT  O  N N 281 
PRO H    H  N N 282 
PRO HA   H  N N 283 
PRO HB2  H  N N 284 
PRO HB3  H  N N 285 
PRO HG2  H  N N 286 
PRO HG3  H  N N 287 
PRO HD2  H  N N 288 
PRO HD3  H  N N 289 
PRO HXT  H  N N 290 
SER N    N  N N 291 
SER CA   C  N S 292 
SER C    C  N N 293 
SER O    O  N N 294 
SER CB   C  N N 295 
SER OG   O  N N 296 
SER OXT  O  N N 297 
SER H    H  N N 298 
SER H2   H  N N 299 
SER HA   H  N N 300 
SER HB2  H  N N 301 
SER HB3  H  N N 302 
SER HG   H  N N 303 
SER HXT  H  N N 304 
THR N    N  N N 305 
THR CA   C  N S 306 
THR C    C  N N 307 
THR O    O  N N 308 
THR CB   C  N R 309 
THR OG1  O  N N 310 
THR CG2  C  N N 311 
THR OXT  O  N N 312 
THR H    H  N N 313 
THR H2   H  N N 314 
THR HA   H  N N 315 
THR HB   H  N N 316 
THR HG1  H  N N 317 
THR HG21 H  N N 318 
THR HG22 H  N N 319 
THR HG23 H  N N 320 
THR HXT  H  N N 321 
TRP N    N  N N 322 
TRP CA   C  N S 323 
TRP C    C  N N 324 
TRP O    O  N N 325 
TRP CB   C  N N 326 
TRP CG   C  Y N 327 
TRP CD1  C  Y N 328 
TRP CD2  C  Y N 329 
TRP NE1  N  Y N 330 
TRP CE2  C  Y N 331 
TRP CE3  C  Y N 332 
TRP CZ2  C  Y N 333 
TRP CZ3  C  Y N 334 
TRP CH2  C  Y N 335 
TRP OXT  O  N N 336 
TRP H    H  N N 337 
TRP H2   H  N N 338 
TRP HA   H  N N 339 
TRP HB2  H  N N 340 
TRP HB3  H  N N 341 
TRP HD1  H  N N 342 
TRP HE1  H  N N 343 
TRP HE3  H  N N 344 
TRP HZ2  H  N N 345 
TRP HZ3  H  N N 346 
TRP HH2  H  N N 347 
TRP HXT  H  N N 348 
TYR N    N  N N 349 
TYR CA   C  N S 350 
TYR C    C  N N 351 
TYR O    O  N N 352 
TYR CB   C  N N 353 
TYR CG   C  Y N 354 
TYR CD1  C  Y N 355 
TYR CD2  C  Y N 356 
TYR CE1  C  Y N 357 
TYR CE2  C  Y N 358 
TYR CZ   C  Y N 359 
TYR OH   O  N N 360 
TYR OXT  O  N N 361 
TYR H    H  N N 362 
TYR H2   H  N N 363 
TYR HA   H  N N 364 
TYR HB2  H  N N 365 
TYR HB3  H  N N 366 
TYR HD1  H  N N 367 
TYR HD2  H  N N 368 
TYR HE1  H  N N 369 
TYR HE2  H  N N 370 
TYR HH   H  N N 371 
TYR HXT  H  N N 372 
VAL N    N  N N 373 
VAL CA   C  N S 374 
VAL C    C  N N 375 
VAL O    O  N N 376 
VAL CB   C  N N 377 
VAL CG1  C  N N 378 
VAL CG2  C  N N 379 
VAL OXT  O  N N 380 
VAL H    H  N N 381 
VAL H2   H  N N 382 
VAL HA   H  N N 383 
VAL HB   H  N N 384 
VAL HG11 H  N N 385 
VAL HG12 H  N N 386 
VAL HG13 H  N N 387 
VAL HG21 H  N N 388 
VAL HG22 H  N N 389 
VAL HG23 H  N N 390 
VAL HXT  H  N N 391 
# 
loop_
_chem_comp_bond.comp_id 
_chem_comp_bond.atom_id_1 
_chem_comp_bond.atom_id_2 
_chem_comp_bond.value_order 
_chem_comp_bond.pdbx_aromatic_flag 
_chem_comp_bond.pdbx_stereo_config 
_chem_comp_bond.pdbx_ordinal 
ALA N   CA   sing N N 1   
ALA N   H    sing N N 2   
ALA N   H2   sing N N 3   
ALA CA  C    sing N N 4   
ALA CA  CB   sing N N 5   
ALA CA  HA   sing N N 6   
ALA C   O    doub N N 7   
ALA C   OXT  sing N N 8   
ALA CB  HB1  sing N N 9   
ALA CB  HB2  sing N N 10  
ALA CB  HB3  sing N N 11  
ALA OXT HXT  sing N N 12  
ARG N   CA   sing N N 13  
ARG N   H    sing N N 14  
ARG N   H2   sing N N 15  
ARG CA  C    sing N N 16  
ARG CA  CB   sing N N 17  
ARG CA  HA   sing N N 18  
ARG C   O    doub N N 19  
ARG C   OXT  sing N N 20  
ARG CB  CG   sing N N 21  
ARG CB  HB2  sing N N 22  
ARG CB  HB3  sing N N 23  
ARG CG  CD   sing N N 24  
ARG CG  HG2  sing N N 25  
ARG CG  HG3  sing N N 26  
ARG CD  NE   sing N N 27  
ARG CD  HD2  sing N N 28  
ARG CD  HD3  sing N N 29  
ARG NE  CZ   sing N N 30  
ARG NE  HE   sing N N 31  
ARG CZ  NH1  sing N N 32  
ARG CZ  NH2  doub N N 33  
ARG NH1 HH11 sing N N 34  
ARG NH1 HH12 sing N N 35  
ARG NH2 HH21 sing N N 36  
ARG NH2 HH22 sing N N 37  
ARG OXT HXT  sing N N 38  
ASN N   CA   sing N N 39  
ASN N   H    sing N N 40  
ASN N   H2   sing N N 41  
ASN CA  C    sing N N 42  
ASN CA  CB   sing N N 43  
ASN CA  HA   sing N N 44  
ASN C   O    doub N N 45  
ASN C   OXT  sing N N 46  
ASN CB  CG   sing N N 47  
ASN CB  HB2  sing N N 48  
ASN CB  HB3  sing N N 49  
ASN CG  OD1  doub N N 50  
ASN CG  ND2  sing N N 51  
ASN ND2 HD21 sing N N 52  
ASN ND2 HD22 sing N N 53  
ASN OXT HXT  sing N N 54  
ASP N   CA   sing N N 55  
ASP N   H    sing N N 56  
ASP N   H2   sing N N 57  
ASP CA  C    sing N N 58  
ASP CA  CB   sing N N 59  
ASP CA  HA   sing N N 60  
ASP C   O    doub N N 61  
ASP C   OXT  sing N N 62  
ASP CB  CG   sing N N 63  
ASP CB  HB2  sing N N 64  
ASP CB  HB3  sing N N 65  
ASP CG  OD1  doub N N 66  
ASP CG  OD2  sing N N 67  
ASP OD2 HD2  sing N N 68  
ASP OXT HXT  sing N N 69  
CYS N   CA   sing N N 70  
CYS N   H    sing N N 71  
CYS N   H2   sing N N 72  
CYS CA  C    sing N N 73  
CYS CA  CB   sing N N 74  
CYS CA  HA   sing N N 75  
CYS C   O    doub N N 76  
CYS C   OXT  sing N N 77  
CYS CB  SG   sing N N 78  
CYS CB  HB2  sing N N 79  
CYS CB  HB3  sing N N 80  
CYS SG  HG   sing N N 81  
CYS OXT HXT  sing N N 82  
GLN N   CA   sing N N 83  
GLN N   H    sing N N 84  
GLN N   H2   sing N N 85  
GLN CA  C    sing N N 86  
GLN CA  CB   sing N N 87  
GLN CA  HA   sing N N 88  
GLN C   O    doub N N 89  
GLN C   OXT  sing N N 90  
GLN CB  CG   sing N N 91  
GLN CB  HB2  sing N N 92  
GLN CB  HB3  sing N N 93  
GLN CG  CD   sing N N 94  
GLN CG  HG2  sing N N 95  
GLN CG  HG3  sing N N 96  
GLN CD  OE1  doub N N 97  
GLN CD  NE2  sing N N 98  
GLN NE2 HE21 sing N N 99  
GLN NE2 HE22 sing N N 100 
GLN OXT HXT  sing N N 101 
GLU N   CA   sing N N 102 
GLU N   H    sing N N 103 
GLU N   H2   sing N N 104 
GLU CA  C    sing N N 105 
GLU CA  CB   sing N N 106 
GLU CA  HA   sing N N 107 
GLU C   O    doub N N 108 
GLU C   OXT  sing N N 109 
GLU CB  CG   sing N N 110 
GLU CB  HB2  sing N N 111 
GLU CB  HB3  sing N N 112 
GLU CG  CD   sing N N 113 
GLU CG  HG2  sing N N 114 
GLU CG  HG3  sing N N 115 
GLU CD  OE1  doub N N 116 
GLU CD  OE2  sing N N 117 
GLU OE2 HE2  sing N N 118 
GLU OXT HXT  sing N N 119 
GLY N   CA   sing N N 120 
GLY N   H    sing N N 121 
GLY N   H2   sing N N 122 
GLY CA  C    sing N N 123 
GLY CA  HA2  sing N N 124 
GLY CA  HA3  sing N N 125 
GLY C   O    doub N N 126 
GLY C   OXT  sing N N 127 
GLY OXT HXT  sing N N 128 
HIS N   CA   sing N N 129 
HIS N   H    sing N N 130 
HIS N   H2   sing N N 131 
HIS CA  C    sing N N 132 
HIS CA  CB   sing N N 133 
HIS CA  HA   sing N N 134 
HIS C   O    doub N N 135 
HIS C   OXT  sing N N 136 
HIS CB  CG   sing N N 137 
HIS CB  HB2  sing N N 138 
HIS CB  HB3  sing N N 139 
HIS CG  ND1  sing Y N 140 
HIS CG  CD2  doub Y N 141 
HIS ND1 CE1  doub Y N 142 
HIS ND1 HD1  sing N N 143 
HIS CD2 NE2  sing Y N 144 
HIS CD2 HD2  sing N N 145 
HIS CE1 NE2  sing Y N 146 
HIS CE1 HE1  sing N N 147 
HIS NE2 HE2  sing N N 148 
HIS OXT HXT  sing N N 149 
HOH O   H1   sing N N 150 
HOH O   H2   sing N N 151 
ILE N   CA   sing N N 152 
ILE N   H    sing N N 153 
ILE N   H2   sing N N 154 
ILE CA  C    sing N N 155 
ILE CA  CB   sing N N 156 
ILE CA  HA   sing N N 157 
ILE C   O    doub N N 158 
ILE C   OXT  sing N N 159 
ILE CB  CG1  sing N N 160 
ILE CB  CG2  sing N N 161 
ILE CB  HB   sing N N 162 
ILE CG1 CD1  sing N N 163 
ILE CG1 HG12 sing N N 164 
ILE CG1 HG13 sing N N 165 
ILE CG2 HG21 sing N N 166 
ILE CG2 HG22 sing N N 167 
ILE CG2 HG23 sing N N 168 
ILE CD1 HD11 sing N N 169 
ILE CD1 HD12 sing N N 170 
ILE CD1 HD13 sing N N 171 
ILE OXT HXT  sing N N 172 
LEU N   CA   sing N N 173 
LEU N   H    sing N N 174 
LEU N   H2   sing N N 175 
LEU CA  C    sing N N 176 
LEU CA  CB   sing N N 177 
LEU CA  HA   sing N N 178 
LEU C   O    doub N N 179 
LEU C   OXT  sing N N 180 
LEU CB  CG   sing N N 181 
LEU CB  HB2  sing N N 182 
LEU CB  HB3  sing N N 183 
LEU CG  CD1  sing N N 184 
LEU CG  CD2  sing N N 185 
LEU CG  HG   sing N N 186 
LEU CD1 HD11 sing N N 187 
LEU CD1 HD12 sing N N 188 
LEU CD1 HD13 sing N N 189 
LEU CD2 HD21 sing N N 190 
LEU CD2 HD22 sing N N 191 
LEU CD2 HD23 sing N N 192 
LEU OXT HXT  sing N N 193 
LYS N   CA   sing N N 194 
LYS N   H    sing N N 195 
LYS N   H2   sing N N 196 
LYS CA  C    sing N N 197 
LYS CA  CB   sing N N 198 
LYS CA  HA   sing N N 199 
LYS C   O    doub N N 200 
LYS C   OXT  sing N N 201 
LYS CB  CG   sing N N 202 
LYS CB  HB2  sing N N 203 
LYS CB  HB3  sing N N 204 
LYS CG  CD   sing N N 205 
LYS CG  HG2  sing N N 206 
LYS CG  HG3  sing N N 207 
LYS CD  CE   sing N N 208 
LYS CD  HD2  sing N N 209 
LYS CD  HD3  sing N N 210 
LYS CE  NZ   sing N N 211 
LYS CE  HE2  sing N N 212 
LYS CE  HE3  sing N N 213 
LYS NZ  HZ1  sing N N 214 
LYS NZ  HZ2  sing N N 215 
LYS NZ  HZ3  sing N N 216 
LYS OXT HXT  sing N N 217 
MET N   CA   sing N N 218 
MET N   H    sing N N 219 
MET N   H2   sing N N 220 
MET CA  C    sing N N 221 
MET CA  CB   sing N N 222 
MET CA  HA   sing N N 223 
MET C   O    doub N N 224 
MET C   OXT  sing N N 225 
MET CB  CG   sing N N 226 
MET CB  HB2  sing N N 227 
MET CB  HB3  sing N N 228 
MET CG  SD   sing N N 229 
MET CG  HG2  sing N N 230 
MET CG  HG3  sing N N 231 
MET SD  CE   sing N N 232 
MET CE  HE1  sing N N 233 
MET CE  HE2  sing N N 234 
MET CE  HE3  sing N N 235 
MET OXT HXT  sing N N 236 
PHE N   CA   sing N N 237 
PHE N   H    sing N N 238 
PHE N   H2   sing N N 239 
PHE CA  C    sing N N 240 
PHE CA  CB   sing N N 241 
PHE CA  HA   sing N N 242 
PHE C   O    doub N N 243 
PHE C   OXT  sing N N 244 
PHE CB  CG   sing N N 245 
PHE CB  HB2  sing N N 246 
PHE CB  HB3  sing N N 247 
PHE CG  CD1  doub Y N 248 
PHE CG  CD2  sing Y N 249 
PHE CD1 CE1  sing Y N 250 
PHE CD1 HD1  sing N N 251 
PHE CD2 CE2  doub Y N 252 
PHE CD2 HD2  sing N N 253 
PHE CE1 CZ   doub Y N 254 
PHE CE1 HE1  sing N N 255 
PHE CE2 CZ   sing Y N 256 
PHE CE2 HE2  sing N N 257 
PHE CZ  HZ   sing N N 258 
PHE OXT HXT  sing N N 259 
PRO N   CA   sing N N 260 
PRO N   CD   sing N N 261 
PRO N   H    sing N N 262 
PRO CA  C    sing N N 263 
PRO CA  CB   sing N N 264 
PRO CA  HA   sing N N 265 
PRO C   O    doub N N 266 
PRO C   OXT  sing N N 267 
PRO CB  CG   sing N N 268 
PRO CB  HB2  sing N N 269 
PRO CB  HB3  sing N N 270 
PRO CG  CD   sing N N 271 
PRO CG  HG2  sing N N 272 
PRO CG  HG3  sing N N 273 
PRO CD  HD2  sing N N 274 
PRO CD  HD3  sing N N 275 
PRO OXT HXT  sing N N 276 
SER N   CA   sing N N 277 
SER N   H    sing N N 278 
SER N   H2   sing N N 279 
SER CA  C    sing N N 280 
SER CA  CB   sing N N 281 
SER CA  HA   sing N N 282 
SER C   O    doub N N 283 
SER C   OXT  sing N N 284 
SER CB  OG   sing N N 285 
SER CB  HB2  sing N N 286 
SER CB  HB3  sing N N 287 
SER OG  HG   sing N N 288 
SER OXT HXT  sing N N 289 
THR N   CA   sing N N 290 
THR N   H    sing N N 291 
THR N   H2   sing N N 292 
THR CA  C    sing N N 293 
THR CA  CB   sing N N 294 
THR CA  HA   sing N N 295 
THR C   O    doub N N 296 
THR C   OXT  sing N N 297 
THR CB  OG1  sing N N 298 
THR CB  CG2  sing N N 299 
THR CB  HB   sing N N 300 
THR OG1 HG1  sing N N 301 
THR CG2 HG21 sing N N 302 
THR CG2 HG22 sing N N 303 
THR CG2 HG23 sing N N 304 
THR OXT HXT  sing N N 305 
TRP N   CA   sing N N 306 
TRP N   H    sing N N 307 
TRP N   H2   sing N N 308 
TRP CA  C    sing N N 309 
TRP CA  CB   sing N N 310 
TRP CA  HA   sing N N 311 
TRP C   O    doub N N 312 
TRP C   OXT  sing N N 313 
TRP CB  CG   sing N N 314 
TRP CB  HB2  sing N N 315 
TRP CB  HB3  sing N N 316 
TRP CG  CD1  doub Y N 317 
TRP CG  CD2  sing Y N 318 
TRP CD1 NE1  sing Y N 319 
TRP CD1 HD1  sing N N 320 
TRP CD2 CE2  doub Y N 321 
TRP CD2 CE3  sing Y N 322 
TRP NE1 CE2  sing Y N 323 
TRP NE1 HE1  sing N N 324 
TRP CE2 CZ2  sing Y N 325 
TRP CE3 CZ3  doub Y N 326 
TRP CE3 HE3  sing N N 327 
TRP CZ2 CH2  doub Y N 328 
TRP CZ2 HZ2  sing N N 329 
TRP CZ3 CH2  sing Y N 330 
TRP CZ3 HZ3  sing N N 331 
TRP CH2 HH2  sing N N 332 
TRP OXT HXT  sing N N 333 
TYR N   CA   sing N N 334 
TYR N   H    sing N N 335 
TYR N   H2   sing N N 336 
TYR CA  C    sing N N 337 
TYR CA  CB   sing N N 338 
TYR CA  HA   sing N N 339 
TYR C   O    doub N N 340 
TYR C   OXT  sing N N 341 
TYR CB  CG   sing N N 342 
TYR CB  HB2  sing N N 343 
TYR CB  HB3  sing N N 344 
TYR CG  CD1  doub Y N 345 
TYR CG  CD2  sing Y N 346 
TYR CD1 CE1  sing Y N 347 
TYR CD1 HD1  sing N N 348 
TYR CD2 CE2  doub Y N 349 
TYR CD2 HD2  sing N N 350 
TYR CE1 CZ   doub Y N 351 
TYR CE1 HE1  sing N N 352 
TYR CE2 CZ   sing Y N 353 
TYR CE2 HE2  sing N N 354 
TYR CZ  OH   sing N N 355 
TYR OH  HH   sing N N 356 
TYR OXT HXT  sing N N 357 
VAL N   CA   sing N N 358 
VAL N   H    sing N N 359 
VAL N   H2   sing N N 360 
VAL CA  C    sing N N 361 
VAL CA  CB   sing N N 362 
VAL CA  HA   sing N N 363 
VAL C   O    doub N N 364 
VAL C   OXT  sing N N 365 
VAL CB  CG1  sing N N 366 
VAL CB  CG2  sing N N 367 
VAL CB  HB   sing N N 368 
VAL CG1 HG11 sing N N 369 
VAL CG1 HG12 sing N N 370 
VAL CG1 HG13 sing N N 371 
VAL CG2 HG21 sing N N 372 
VAL CG2 HG22 sing N N 373 
VAL CG2 HG23 sing N N 374 
VAL OXT HXT  sing N N 375 
# 
loop_
_pdbx_audit_support.funding_organization 
_pdbx_audit_support.country 
_pdbx_audit_support.grant_number 
_pdbx_audit_support.ordinal 
'Medical Research Council (MRC, United Kingdom)'                 'United Kingdom' MR/M009629/1  1 
'European Research Council (ERC)'                                'European Union' 757369        2 
'Biotechnology and Biological Sciences Research Council (BBSRC)' 'United Kingdom' BB/D524840/1  3 
'Wellcome Trust'                                                 'United Kingdom' 202926/Z/16/Z 4 
# 
_atom_sites.entry_id                    7ZG6 
_atom_sites.Cartn_transf_matrix[1][1]   ? 
_atom_sites.Cartn_transf_matrix[1][2]   ? 
_atom_sites.Cartn_transf_matrix[1][3]   ? 
_atom_sites.Cartn_transf_matrix[2][1]   ? 
_atom_sites.Cartn_transf_matrix[2][2]   ? 
_atom_sites.Cartn_transf_matrix[2][3]   ? 
_atom_sites.Cartn_transf_matrix[3][1]   ? 
_atom_sites.Cartn_transf_matrix[3][2]   ? 
_atom_sites.Cartn_transf_matrix[3][3]   ? 
_atom_sites.Cartn_transf_vector[1]      ? 
_atom_sites.Cartn_transf_vector[2]      ? 
_atom_sites.Cartn_transf_vector[3]      ? 
_atom_sites.fract_transf_matrix[1][1]   0.00654643 
_atom_sites.fract_transf_matrix[1][2]   0.01503067 
_atom_sites.fract_transf_matrix[1][3]   0.00337171 
_atom_sites.fract_transf_matrix[2][1]   0.00927751 
_atom_sites.fract_transf_matrix[2][2]   0.00219242 
_atom_sites.fract_transf_matrix[2][3]   0.01375675 
_atom_sites.fract_transf_matrix[3][1]   0.01183040 
_atom_sites.fract_transf_matrix[3][2]   -0.00348755 
_atom_sites.fract_transf_matrix[3][3]   -0.00742258 
_atom_sites.fract_transf_vector[1]      -0.193206 
_atom_sites.fract_transf_vector[2]      0.057618 
_atom_sites.fract_transf_vector[3]      0.048501 
_atom_sites.solution_primary            ? 
_atom_sites.solution_secondary          ? 
_atom_sites.solution_hydrogens          ? 
_atom_sites.special_details             ? 
# 
loop_
_atom_type.symbol 
C  
MG 
N  
O  
S  
# 
loop_
_atom_site.group_PDB 
_atom_site.id 
_atom_site.type_symbol 
_atom_site.label_atom_id 
_atom_site.label_alt_id 
_atom_site.label_comp_id 
_atom_site.label_asym_id 
_atom_site.label_entity_id 
_atom_site.label_seq_id 
_atom_site.pdbx_PDB_ins_code 
_atom_site.Cartn_x 
_atom_site.Cartn_y 
_atom_site.Cartn_z 
_atom_site.occupancy 
_atom_site.B_iso_or_equiv 
_atom_site.pdbx_formal_charge 
_atom_site.auth_seq_id 
_atom_site.auth_comp_id 
_atom_site.auth_asym_id 
_atom_site.auth_atom_id 
_atom_site.pdbx_PDB_model_num 
ATOM   1   N  N   . LYS A 1 5  ? -8.575  -9.034  -17.327 1.00 93.26  ? 5   LYS A N   1 
ATOM   2   C  CA  . LYS A 1 5  ? -7.881  -9.783  -18.373 1.00 96.17  ? 5   LYS A CA  1 
ATOM   3   C  C   . LYS A 1 5  ? -6.397  -9.940  -18.046 1.00 104.01 ? 5   LYS A C   1 
ATOM   4   O  O   . LYS A 1 5  ? -5.969  -10.990 -17.567 1.00 105.70 ? 5   LYS A O   1 
ATOM   5   C  CB  . LYS A 1 5  ? -8.049  -9.096  -19.729 1.00 95.21  ? 5   LYS A CB  1 
ATOM   6   N  N   . SER A 1 6  ? -5.622  -8.884  -18.316 1.00 111.28 ? 6   SER A N   1 
ATOM   7   C  CA  . SER A 1 6  ? -4.198  -8.843  -17.988 1.00 100.05 ? 6   SER A CA  1 
ATOM   8   C  C   . SER A 1 6  ? -3.937  -8.905  -16.489 1.00 98.26  ? 6   SER A C   1 
ATOM   9   O  O   . SER A 1 6  ? -2.785  -9.110  -16.087 1.00 88.09  ? 6   SER A O   1 
ATOM   10  C  CB  . SER A 1 6  ? -3.581  -7.563  -18.566 1.00 89.08  ? 6   SER A CB  1 
ATOM   11  O  OG  . SER A 1 6  ? -3.802  -6.455  -17.703 1.00 77.33  ? 6   SER A OG  1 
ATOM   12  N  N   . ASP A 1 7  ? -4.981  -8.771  -15.669 1.00 89.14  ? 7   ASP A N   1 
ATOM   13  C  CA  . ASP A 1 7  ? -4.866  -8.492  -14.243 1.00 83.09  ? 7   ASP A CA  1 
ATOM   14  C  C   . ASP A 1 7  ? -4.257  -9.643  -13.455 1.00 85.68  ? 7   ASP A C   1 
ATOM   15  O  O   . ASP A 1 7  ? -4.180  -10.791 -13.908 1.00 87.99  ? 7   ASP A O   1 
ATOM   16  C  CB  . ASP A 1 7  ? -6.228  -8.159  -13.655 1.00 81.19  ? 7   ASP A CB  1 
ATOM   17  C  CG  . ASP A 1 7  ? -6.710  -6.848  -14.113 1.00 89.31  ? 7   ASP A CG  1 
ATOM   18  O  OD1 . ASP A 1 7  ? -6.094  -6.330  -15.078 1.00 85.66  ? 7   ASP A OD1 1 
ATOM   19  O  OD2 . ASP A 1 7  ? -7.689  -6.313  -13.528 1.00 88.52  ? 7   ASP A OD2 1 
ATOM   20  N  N   . VAL A 1 8  ? -3.843  -9.301  -12.231 1.00 73.31  ? 8   VAL A N   1 
ATOM   21  C  CA  . VAL A 1 8  ? -3.132  -10.191 -11.330 1.00 62.51  ? 8   VAL A CA  1 
ATOM   22  C  C   . VAL A 1 8  ? -3.831  -10.129 -9.980  1.00 67.69  ? 8   VAL A C   1 
ATOM   23  O  O   . VAL A 1 8  ? -4.385  -9.097  -9.587  1.00 75.14  ? 8   VAL A O   1 
ATOM   24  C  CB  . VAL A 1 8  ? -1.646  -9.792  -11.204 1.00 78.03  ? 8   VAL A CB  1 
ATOM   25  C  CG1 . VAL A 1 8  ? -0.790  -10.943 -10.665 1.00 80.90  ? 8   VAL A CG1 1 
ATOM   26  C  CG2 . VAL A 1 8  ? -1.135  -9.227  -12.531 1.00 71.15  ? 8   VAL A CG2 1 
ATOM   27  N  N   . GLN A 1 9  ? -3.833  -11.250 -9.283  1.00 59.31  ? 9   GLN A N   1 
ATOM   28  C  CA  . GLN A 1 9  ? -4.254  -11.306 -7.894  1.00 55.01  ? 9   GLN A CA  1 
ATOM   29  C  C   . GLN A 1 9  ? -2.984  -11.350 -7.059  1.00 67.60  ? 9   GLN A C   1 
ATOM   30  O  O   . GLN A 1 9  ? -2.196  -12.295 -7.156  1.00 69.58  ? 9   GLN A O   1 
ATOM   31  C  CB  . GLN A 1 9  ? -5.150  -12.513 -7.623  1.00 68.09  ? 9   GLN A CB  1 
ATOM   32  N  N   . LEU A 1 10 ? -2.762  -10.320 -6.267  1.00 62.99  ? 10  LEU A N   1 
ATOM   33  C  CA  . LEU A 1 10 ? -1.662  -10.322 -5.317  1.00 62.40  ? 10  LEU A CA  1 
ATOM   34  C  C   . LEU A 1 10 ? -2.217  -10.665 -3.946  1.00 66.54  ? 10  LEU A C   1 
ATOM   35  O  O   . LEU A 1 10 ? -3.234  -10.114 -3.518  1.00 60.40  ? 10  LEU A O   1 
ATOM   36  C  CB  . LEU A 1 10 ? -0.914  -8.985  -5.347  1.00 52.79  ? 10  LEU A CB  1 
ATOM   37  C  CG  . LEU A 1 10 ? -1.585  -7.746  -4.824  1.00 71.84  ? 10  LEU A CG  1 
ATOM   38  C  CD1 . LEU A 1 10 ? -1.212  -7.562  -3.402  1.00 73.51  ? 10  LEU A CD1 1 
ATOM   39  C  CD2 . LEU A 1 10 ? -1.137  -6.555  -5.658  1.00 78.67  ? 10  LEU A CD2 1 
ATOM   40  N  N   . ASN A 1 11 ? -1.584  -11.624 -3.291  1.00 70.77  ? 11  ASN A N   1 
ATOM   41  C  CA  . ASN A 1 11 ? -2.104  -12.230 -2.078  1.00 67.28  ? 11  ASN A CA  1 
ATOM   42  C  C   . ASN A 1 11 ? -1.170  -11.912 -0.920  1.00 67.10  ? 11  ASN A C   1 
ATOM   43  O  O   . ASN A 1 11 ? 0.002   -12.307 -0.932  1.00 70.71  ? 11  ASN A O   1 
ATOM   44  C  CB  . ASN A 1 11 ? -2.248  -13.737 -2.248  1.00 74.15  ? 11  ASN A CB  1 
ATOM   45  C  CG  . ASN A 1 11 ? -3.604  -14.222 -1.830  1.00 79.47  ? 11  ASN A CG  1 
ATOM   46  O  OD1 . ASN A 1 11 ? -3.960  -14.181 -0.646  1.00 87.93  ? 11  ASN A OD1 1 
ATOM   47  N  ND2 . ASN A 1 11 ? -4.386  -14.667 -2.797  1.00 89.13  ? 11  ASN A ND2 1 
ATOM   48  N  N   . LEU A 1 12 ? -1.689  -11.204 0.073   1.00 52.65  ? 12  LEU A N   1 
ATOM   49  C  CA  . LEU A 1 12 ? -0.906  -10.661 1.174   1.00 52.97  ? 12  LEU A CA  1 
ATOM   50  C  C   . LEU A 1 12 ? -1.288  -11.374 2.454   1.00 60.46  ? 12  LEU A C   1 
ATOM   51  O  O   . LEU A 1 12 ? -2.460  -11.366 2.841   1.00 60.93  ? 12  LEU A O   1 
ATOM   52  C  CB  . LEU A 1 12 ? -1.179  -9.169  1.307   1.00 55.60  ? 12  LEU A CB  1 
ATOM   53  C  CG  . LEU A 1 12 ? -0.966  -8.376  0.040   1.00 55.00  ? 12  LEU A CG  1 
ATOM   54  C  CD1 . LEU A 1 12 ? -0.584  -7.014  0.418   1.00 53.46  ? 12  LEU A CD1 1 
ATOM   55  C  CD2 . LEU A 1 12 ? 0.270   -8.972  -0.614  1.00 55.64  ? 12  LEU A CD2 1 
ATOM   56  N  N   . ARG A 1 13 ? -0.319  -11.992 3.105   1.00 48.32  ? 13  ARG A N   1 
ATOM   57  C  CA  . ARG A 1 13 ? -0.510  -12.378 4.492   1.00 51.76  ? 13  ARG A CA  1 
ATOM   58  C  C   . ARG A 1 13 ? -0.329  -11.129 5.335   1.00 57.15  ? 13  ARG A C   1 
ATOM   59  O  O   . ARG A 1 13 ? 0.649   -10.398 5.149   1.00 46.51  ? 13  ARG A O   1 
ATOM   60  C  CB  . ARG A 1 13 ? 0.490   -13.458 4.899   1.00 59.14  ? 13  ARG A CB  1 
ATOM   61  N  N   . ALA A 1 14 ? -1.286  -10.860 6.233   1.00 50.35  ? 14  ALA A N   1 
ATOM   62  C  CA  . ALA A 1 14 ? -1.268  -9.635  7.017   1.00 55.42  ? 14  ALA A CA  1 
ATOM   63  C  C   . ALA A 1 14 ? -1.727  -9.894  8.446   1.00 56.94  ? 14  ALA A C   1 
ATOM   64  O  O   . ALA A 1 14 ? -2.423  -10.868 8.733   1.00 63.12  ? 14  ALA A O   1 
ATOM   65  C  CB  . ALA A 1 14 ? -2.144  -8.562  6.370   1.00 50.77  ? 14  ALA A CB  1 
ATOM   66  N  N   . LYS A 1 15 ? -1.313  -9.007  9.345   1.00 52.04  ? 15  LYS A N   1 
ATOM   67  C  CA  . LYS A 1 15 ? -1.746  -9.077  10.732  1.00 49.72  ? 15  LYS A CA  1 
ATOM   68  C  C   . LYS A 1 15 ? -3.140  -8.493  10.843  1.00 59.61  ? 15  LYS A C   1 
ATOM   69  O  O   . LYS A 1 15 ? -3.471  -7.498  10.189  1.00 55.78  ? 15  LYS A O   1 
ATOM   70  C  CB  . LYS A 1 15 ? -0.793  -8.309  11.655  1.00 58.11  ? 15  LYS A CB  1 
ATOM   71  C  CG  . LYS A 1 15 ? 0.330   -9.133  12.280  1.00 57.23  ? 15  LYS A CG  1 
ATOM   72  C  CD  . LYS A 1 15 ? 1.194   -8.284  13.241  1.00 67.98  ? 15  LYS A CD  1 
ATOM   73  C  CE  . LYS A 1 15 ? 2.650   -8.132  12.769  1.00 71.92  ? 15  LYS A CE  1 
ATOM   74  N  NZ  . LYS A 1 15 ? 3.251   -6.776  13.048  1.00 70.39  ? 15  LYS A NZ  1 
ATOM   75  N  N   . GLU A 1 16 ? -3.971  -9.113  11.673  1.00 58.07  ? 16  GLU A N   1 
ATOM   76  C  CA  . GLU A 1 16 ? -5.337  -8.634  11.758  1.00 52.51  ? 16  GLU A CA  1 
ATOM   77  C  C   . GLU A 1 16 ? -5.388  -7.187  12.212  1.00 51.18  ? 16  GLU A C   1 
ATOM   78  O  O   . GLU A 1 16 ? -6.246  -6.428  11.755  1.00 52.54  ? 16  GLU A O   1 
ATOM   79  C  CB  . GLU A 1 16 ? -6.152  -9.518  12.676  1.00 55.76  ? 16  GLU A CB  1 
ATOM   80  C  CG  . GLU A 1 16 ? -7.525  -9.687  12.119  1.00 69.67  ? 16  GLU A CG  1 
ATOM   81  C  CD  . GLU A 1 16 ? -8.431  -8.577  12.584  1.00 68.98  ? 16  GLU A CD  1 
ATOM   82  O  OE1 . GLU A 1 16 ? -8.064  -7.888  13.562  1.00 74.14  ? 16  GLU A OE1 1 
ATOM   83  O  OE2 . GLU A 1 16 ? -9.485  -8.365  11.951  1.00 83.13  ? 16  GLU A OE2 1 
ATOM   84  N  N   . SER A 1 17 ? -4.460  -6.779  13.078  1.00 49.15  ? 17  SER A N   1 
ATOM   85  C  CA  . SER A 1 17 ? -4.342  -5.371  13.445  1.00 54.08  ? 17  SER A CA  1 
ATOM   86  C  C   . SER A 1 17 ? -4.077  -4.485  12.233  1.00 56.13  ? 17  SER A C   1 
ATOM   87  O  O   . SER A 1 17 ? -4.544  -3.338  12.189  1.00 58.07  ? 17  SER A O   1 
ATOM   88  C  CB  . SER A 1 17 ? -3.228  -5.194  14.478  1.00 59.04  ? 17  SER A CB  1 
ATOM   89  O  OG  . SER A 1 17 ? -1.943  -5.187  13.866  1.00 73.60  ? 17  SER A OG  1 
ATOM   90  N  N   . GLN A 1 18 ? -3.335  -4.986  11.245  1.00 49.36  ? 18  GLN A N   1 
ATOM   91  C  CA  . GLN A 1 18 ? -3.072  -4.171  10.067  1.00 43.89  ? 18  GLN A CA  1 
ATOM   92  C  C   . GLN A 1 18 ? -4.308  -4.064  9.199   1.00 41.52  ? 18  GLN A C   1 
ATOM   93  O  O   . GLN A 1 18 ? -4.616  -2.988  8.674   1.00 41.93  ? 18  GLN A O   1 
ATOM   94  C  CB  . GLN A 1 18 ? -1.894  -4.741  9.257   1.00 37.92  ? 18  GLN A CB  1 
ATOM   95  C  CG  . GLN A 1 18 ? -0.558  -4.611  9.965   1.00 42.87  ? 18  GLN A CG  1 
ATOM   96  C  CD  . GLN A 1 18 ? 0.506   -5.498  9.363   1.00 50.37  ? 18  GLN A CD  1 
ATOM   97  O  OE1 . GLN A 1 18 ? 0.238   -6.628  8.976   1.00 44.91  ? 18  GLN A OE1 1 
ATOM   98  N  NE2 . GLN A 1 18 ? 1.721   -4.982  9.273   1.00 50.74  ? 18  GLN A NE2 1 
ATOM   99  N  N   . ARG A 1 19 ? -5.018  -5.170  9.012   1.00 40.75  ? 19  ARG A N   1 
ATOM   100 C  CA  . ARG A 1 19 ? -6.247  -5.097  8.240   1.00 49.97  ? 19  ARG A CA  1 
ATOM   101 C  C   . ARG A 1 19 ? -7.226  -4.116  8.872   1.00 47.33  ? 19  ARG A C   1 
ATOM   102 O  O   . ARG A 1 19 ? -7.840  -3.306  8.167   1.00 46.51  ? 19  ARG A O   1 
ATOM   103 C  CB  . ARG A 1 19 ? -6.857  -6.489  8.079   1.00 49.26  ? 19  ARG A CB  1 
ATOM   104 C  CG  . ARG A 1 19 ? -8.069  -6.483  7.170   1.00 57.96  ? 19  ARG A CG  1 
ATOM   105 C  CD  . ARG A 1 19 ? -8.644  -7.870  6.884   1.00 62.86  ? 19  ARG A CD  1 
ATOM   106 N  NE  . ARG A 1 19 ? -9.678  -8.299  7.818   1.00 67.02  ? 19  ARG A NE  1 
ATOM   107 C  CZ  . ARG A 1 19 ? -10.179 -9.529  7.855   1.00 69.69  ? 19  ARG A CZ  1 
ATOM   108 N  NH1 . ARG A 1 19 ? -9.892  -10.423 6.921   1.00 61.02  ? 19  ARG A NH1 1 
ATOM   109 N  NH2 . ARG A 1 19 ? -11.029 -9.853  8.824   1.00 78.18  ? 19  ARG A NH2 1 
ATOM   110 N  N   . ALA A 1 20 ? -7.333  -4.131  10.201  1.00 50.33  ? 20  ALA A N   1 
ATOM   111 C  CA  . ALA A 1 20 ? -8.248  -3.225  10.895  1.00 43.82  ? 20  ALA A CA  1 
ATOM   112 C  C   . ALA A 1 20 ? -7.885  -1.776  10.623  1.00 48.17  ? 20  ALA A C   1 
ATOM   113 O  O   . ALA A 1 20 ? -8.750  -0.958  10.287  1.00 43.33  ? 20  ALA A O   1 
ATOM   114 C  CB  . ALA A 1 20 ? -8.228  -3.510  12.396  1.00 51.08  ? 20  ALA A CB  1 
ATOM   115 N  N   A LEU A 1 21 ? -6.593  -1.450  10.748  0.65 50.73  ? 21  LEU A N   1 
ATOM   116 N  N   B LEU A 1 21 ? -6.597  -1.437  10.745  0.35 50.61  ? 21  LEU A N   1 
ATOM   117 C  CA  A LEU A 1 21 ? -6.127  -0.087  10.515  0.65 47.29  ? 21  LEU A CA  1 
ATOM   118 C  CA  B LEU A 1 21 ? -6.167  -0.060  10.512  0.35 47.21  ? 21  LEU A CA  1 
ATOM   119 C  C   A LEU A 1 21 ? -6.448  0.369   9.099   0.65 45.64  ? 21  LEU A C   1 
ATOM   120 C  C   B LEU A 1 21 ? -6.459  0.380   9.084   0.35 45.53  ? 21  LEU A C   1 
ATOM   121 O  O   A LEU A 1 21 ? -6.990  1.460   8.892   0.65 41.17  ? 21  LEU A O   1 
ATOM   122 O  O   B LEU A 1 21 ? -6.978  1.479   8.856   0.35 41.26  ? 21  LEU A O   1 
ATOM   123 C  CB  A LEU A 1 21 ? -4.620  -0.009  10.782  0.65 42.71  ? 21  LEU A CB  1 
ATOM   124 C  CB  B LEU A 1 21 ? -4.676  0.086   10.819  0.35 42.89  ? 21  LEU A CB  1 
ATOM   125 C  CG  A LEU A 1 21 ? -4.001  1.376   10.620  0.65 39.20  ? 21  LEU A CG  1 
ATOM   126 C  CG  B LEU A 1 21 ? -4.298  0.007   12.294  0.35 43.55  ? 21  LEU A CG  1 
ATOM   127 C  CD1 A LEU A 1 21 ? -4.381  2.227   11.805  0.65 43.40  ? 21  LEU A CD1 1 
ATOM   128 C  CD1 B LEU A 1 21 ? -2.846  -0.356  12.440  0.35 47.41  ? 21  LEU A CD1 1 
ATOM   129 C  CD2 A LEU A 1 21 ? -2.504  1.280   10.549  0.65 42.39  ? 21  LEU A CD2 1 
ATOM   130 C  CD2 B LEU A 1 21 ? -4.587  1.329   12.979  0.35 45.07  ? 21  LEU A CD2 1 
ATOM   131 N  N   . ILE A 1 22 ? -6.115  -0.461  8.107   1.00 45.07  ? 22  ILE A N   1 
ATOM   132 C  CA  . ILE A 1 22 ? -6.307  -0.091  6.712   1.00 39.86  ? 22  ILE A CA  1 
ATOM   133 C  C   . ILE A 1 22 ? -7.793  0.075   6.418   1.00 40.23  ? 22  ILE A C   1 
ATOM   134 O  O   . ILE A 1 22 ? -8.211  1.022   5.734   1.00 35.65  ? 22  ILE A O   1 
ATOM   135 C  CB  . ILE A 1 22 ? -5.655  -1.152  5.812   1.00 42.40  ? 22  ILE A CB  1 
ATOM   136 C  CG1 . ILE A 1 22 ? -4.131  -1.030  5.841   1.00 37.85  ? 22  ILE A CG1 1 
ATOM   137 C  CG2 . ILE A 1 22 ? -6.126  -0.993  4.384   1.00 46.55  ? 22  ILE A CG2 1 
ATOM   138 C  CD1 . ILE A 1 22 ? -3.465  -2.150  5.082   1.00 40.84  ? 22  ILE A CD1 1 
ATOM   139 N  N   . ASP A 1 23 ? -8.617  -0.797  6.993   1.00 41.21  ? 23  ASP A N   1 
ATOM   140 C  CA  . ASP A 1 23 ? -10.059 -0.711  6.768   1.00 44.17  ? 23  ASP A CA  1 
ATOM   141 C  C   . ASP A 1 23 ? -10.623 0.595   7.333   1.00 42.35  ? 23  ASP A C   1 
ATOM   142 O  O   . ASP A 1 23 ? -11.441 1.255   6.685   1.00 36.43  ? 23  ASP A O   1 
ATOM   143 C  CB  . ASP A 1 23 ? -10.765 -1.911  7.405   1.00 50.45  ? 23  ASP A CB  1 
ATOM   144 C  CG  . ASP A 1 23 ? -10.903 -3.104  6.440   1.00 65.20  ? 23  ASP A CG  1 
ATOM   145 O  OD1 . ASP A 1 23 ? -11.016 -2.894  5.201   1.00 66.38  ? 23  ASP A OD1 1 
ATOM   146 O  OD2 . ASP A 1 23 ? -10.968 -4.261  6.938   1.00 60.47  ? 23  ASP A OD2 1 
ATOM   147 N  N   . ALA A 1 24 ? -10.174 1.003   8.527   1.00 42.02  ? 24  ALA A N   1 
ATOM   148 C  CA  . ALA A 1 24 ? -10.635 2.269   9.101   1.00 37.65  ? 24  ALA A CA  1 
ATOM   149 C  C   . ALA A 1 24 ? -10.320 3.454   8.189   1.00 41.84  ? 24  ALA A C   1 
ATOM   150 O  O   . ALA A 1 24 ? -11.156 4.343   7.995   1.00 42.75  ? 24  ALA A O   1 
ATOM   151 C  CB  . ALA A 1 24 ? -10.009 2.469   10.477  1.00 37.28  ? 24  ALA A CB  1 
ATOM   152 N  N   . ALA A 1 25 ? -9.113  3.483   7.607   1.00 41.43  ? 25  ALA A N   1 
ATOM   153 C  CA  . ALA A 1 25 ? -8.741  4.573   6.708   1.00 36.46  ? 25  ALA A CA  1 
ATOM   154 C  C   . ALA A 1 25 ? -9.538  4.526   5.411   1.00 38.79  ? 25  ALA A C   1 
ATOM   155 O  O   . ALA A 1 25 ? -9.974  5.565   4.902   1.00 40.96  ? 25  ALA A O   1 
ATOM   156 C  CB  . ALA A 1 25 ? -7.238  4.507   6.397   1.00 39.71  ? 25  ALA A CB  1 
ATOM   157 N  N   . ALA A 1 26 ? -9.688  3.337   4.832   1.00 40.37  ? 26  ALA A N   1 
ATOM   158 C  CA  . ALA A 1 26 ? -10.480 3.200   3.615   1.00 43.97  ? 26  ALA A CA  1 
ATOM   159 C  C   . ALA A 1 26 ? -11.887 3.738   3.823   1.00 37.93  ? 26  ALA A C   1 
ATOM   160 O  O   . ALA A 1 26 ? -12.466 4.351   2.917   1.00 39.63  ? 26  ALA A O   1 
ATOM   161 C  CB  . ALA A 1 26 ? -10.521 1.732   3.186   1.00 39.12  ? 26  ALA A CB  1 
ATOM   162 N  N   . GLU A 1 27 ? -12.453 3.500   5.007   1.00 39.01  ? 27  GLU A N   1 
ATOM   163 C  CA  . GLU A 1 27 ? -13.788 3.999   5.343   1.00 38.05  ? 27  GLU A CA  1 
ATOM   164 C  C   . GLU A 1 27 ? -13.828 5.526   5.355   1.00 37.24  ? 27  GLU A C   1 
ATOM   165 O  O   . GLU A 1 27 ? -14.728 6.142   4.776   1.00 43.98  ? 27  GLU A O   1 
ATOM   166 C  CB  . GLU A 1 27 ? -14.222 3.422   6.697   1.00 37.69  ? 27  GLU A CB  1 
ATOM   167 C  CG  . GLU A 1 27 ? -15.740 3.567   6.957   1.00 52.25  ? 27  GLU A CG  1 
ATOM   168 C  CD  . GLU A 1 27 ? -16.167 3.374   8.424   1.00 59.02  ? 27  GLU A CD  1 
ATOM   169 O  OE1 . GLU A 1 27 ? -15.415 3.748   9.351   1.00 53.13  ? 27  GLU A OE1 1 
ATOM   170 O  OE2 . GLU A 1 27 ? -17.285 2.860   8.651   1.00 56.63  ? 27  GLU A OE2 1 
ATOM   171 N  N   . ILE A 1 28 ? -12.850 6.149   6.006   1.00 41.00  ? 28  ILE A N   1 
ATOM   172 C  CA  . ILE A 1 28 ? -12.752 7.610   6.041   1.00 42.32  ? 28  ILE A CA  1 
ATOM   173 C  C   . ILE A 1 28 ? -12.684 8.186   4.631   1.00 45.35  ? 28  ILE A C   1 
ATOM   174 O  O   . ILE A 1 28 ? -13.295 9.217   4.334   1.00 43.45  ? 28  ILE A O   1 
ATOM   175 C  CB  . ILE A 1 28 ? -11.511 8.008   6.858   1.00 43.18  ? 28  ILE A CB  1 
ATOM   176 C  CG1 . ILE A 1 28 ? -11.734 7.706   8.335   1.00 47.17  ? 28  ILE A CG1 1 
ATOM   177 C  CG2 . ILE A 1 28 ? -11.138 9.473   6.616   1.00 46.25  ? 28  ILE A CG2 1 
ATOM   178 C  CD1 . ILE A 1 28 ? -10.547 8.074   9.188   1.00 48.15  ? 28  ILE A CD1 1 
ATOM   179 N  N   . LEU A 1 29 ? -11.913 7.556   3.751   1.00 41.86  ? 29  LEU A N   1 
ATOM   180 C  CA  . LEU A 1 29 ? -11.685 8.071   2.417   1.00 40.82  ? 29  LEU A CA  1 
ATOM   181 C  C   . LEU A 1 29 ? -12.765 7.644   1.439   1.00 38.71  ? 29  LEU A C   1 
ATOM   182 O  O   . LEU A 1 29 ? -12.729 8.061   0.280   1.00 46.81  ? 29  LEU A O   1 
ATOM   183 C  CB  . LEU A 1 29 ? -10.326 7.596   1.900   1.00 44.43  ? 29  LEU A CB  1 
ATOM   184 C  CG  . LEU A 1 29 ? -9.084  8.146   2.601   1.00 46.52  ? 29  LEU A CG  1 
ATOM   185 C  CD1 . LEU A 1 29 ? -7.787  7.713   1.846   1.00 42.47  ? 29  LEU A CD1 1 
ATOM   186 C  CD2 . LEU A 1 29 ? -9.154  9.652   2.755   1.00 47.75  ? 29  LEU A CD2 1 
ATOM   187 N  N   . HIS A 1 30 ? -13.698 6.802   1.866   1.00 41.95  ? 30  HIS A N   1 
ATOM   188 C  CA  . HIS A 1 30 ? -14.739 6.271   0.985   1.00 41.74  ? 30  HIS A CA  1 
ATOM   189 C  C   . HIS A 1 30 ? -14.131 5.535   -0.205  1.00 47.01  ? 30  HIS A C   1 
ATOM   190 O  O   . HIS A 1 30 ? -14.556 5.708   -1.348  1.00 45.16  ? 30  HIS A O   1 
ATOM   191 C  CB  . HIS A 1 30 ? -15.684 7.379   0.512   1.00 46.43  ? 30  HIS A CB  1 
ATOM   192 C  CG  . HIS A 1 30 ? -16.593 7.894   1.583   1.00 45.06  ? 30  HIS A CG  1 
ATOM   193 N  ND1 . HIS A 1 30 ? -16.271 8.975   2.376   1.00 53.21  ? 30  HIS A ND1 1 
ATOM   194 C  CD2 . HIS A 1 30 ? -17.798 7.458   2.014   1.00 43.22  ? 30  HIS A CD2 1 
ATOM   195 C  CE1 . HIS A 1 30 ? -17.257 9.205   3.225   1.00 48.76  ? 30  HIS A CE1 1 
ATOM   196 N  NE2 . HIS A 1 30 ? -18.195 8.297   3.026   1.00 53.11  ? 30  HIS A NE2 1 
ATOM   197 N  N   . LYS A 1 31 ? -13.127 4.697   0.076   1.00 39.05  ? 31  LYS A N   1 
ATOM   198 C  CA  . LYS A 1 31 ? -12.462 3.876   -0.928  1.00 43.62  ? 31  LYS A CA  1 
ATOM   199 C  C   . LYS A 1 31 ? -12.552 2.395   -0.573  1.00 40.73  ? 31  LYS A C   1 
ATOM   200 O  O   . LYS A 1 31 ? -12.557 2.023   0.601   1.00 39.48  ? 31  LYS A O   1 
ATOM   201 C  CB  . LYS A 1 31 ? -10.982 4.272   -1.073  1.00 47.70  ? 31  LYS A CB  1 
ATOM   202 C  CG  . LYS A 1 31 ? -10.757 5.486   -1.939  1.00 49.97  ? 31  LYS A CG  1 
ATOM   203 C  CD  . LYS A 1 31 ? -9.275  5.793   -2.060  1.00 59.08  ? 31  LYS A CD  1 
ATOM   204 C  CE  . LYS A 1 31 ? -9.030  7.102   -2.812  1.00 71.19  ? 31  LYS A CE  1 
ATOM   205 N  NZ  . LYS A 1 31 ? -9.787  7.145   -4.107  1.00 72.99  ? 31  LYS A NZ  1 
ATOM   206 N  N   . SER A 1 32 ? -12.594 1.545   -1.597  1.00 42.04  ? 32  SER A N   1 
ATOM   207 C  CA  . SER A 1 32 ? -12.429 0.120   -1.347  1.00 44.56  ? 32  SER A CA  1 
ATOM   208 C  C   . SER A 1 32 ? -11.085 -0.116  -0.682  1.00 43.40  ? 32  SER A C   1 
ATOM   209 O  O   . SER A 1 32 ? -10.162 0.679   -0.832  1.00 38.87  ? 32  SER A O   1 
ATOM   210 C  CB  . SER A 1 32 ? -12.528 -0.687  -2.640  1.00 38.80  ? 32  SER A CB  1 
ATOM   211 O  OG  . SER A 1 32 ? -11.369 -0.590  -3.448  1.00 41.31  ? 32  SER A OG  1 
ATOM   212 N  N   . ARG A 1 33 ? -11.001 -1.186  0.110   1.00 44.24  ? 33  ARG A N   1 
ATOM   213 C  CA  . ARG A 1 33 ? -9.724  -1.545  0.718   1.00 45.87  ? 33  ARG A CA  1 
ATOM   214 C  C   . ARG A 1 33 ? -8.658  -1.746  -0.349  1.00 40.91  ? 33  ARG A C   1 
ATOM   215 O  O   . ARG A 1 33 ? -7.514  -1.307  -0.190  1.00 38.02  ? 33  ARG A O   1 
ATOM   216 C  CB  . ARG A 1 33 ? -9.876  -2.806  1.570   1.00 47.93  ? 33  ARG A CB  1 
ATOM   217 C  CG  . ARG A 1 33 ? -8.633  -3.148  2.374   1.00 50.60  ? 33  ARG A CG  1 
ATOM   218 C  CD  . ARG A 1 33 ? -8.845  -4.308  3.324   1.00 59.59  ? 33  ARG A CD  1 
ATOM   219 N  NE  . ARG A 1 33 ? -9.383  -5.484  2.657   1.00 57.10  ? 33  ARG A NE  1 
ATOM   220 C  CZ  . ARG A 1 33 ? -10.239 -6.325  3.216   1.00 62.95  ? 33  ARG A CZ  1 
ATOM   221 N  NH1 . ARG A 1 33 ? -10.721 -6.115  4.430   1.00 67.10  ? 33  ARG A NH1 1 
ATOM   222 N  NH2 . ARG A 1 33 ? -10.624 -7.402  2.541   1.00 72.66  ? 33  ARG A NH2 1 
ATOM   223 N  N   . THR A 1 34 ? -9.016  -2.398  -1.451  1.00 40.24  ? 34  THR A N   1 
ATOM   224 C  CA  . THR A 1 34 ? -8.028  -2.624  -2.494  1.00 42.73  ? 34  THR A CA  1 
ATOM   225 C  C   . THR A 1 34 ? -7.568  -1.315  -3.104  1.00 45.29  ? 34  THR A C   1 
ATOM   226 O  O   . THR A 1 34 ? -6.373  -1.118  -3.317  1.00 40.01  ? 34  THR A O   1 
ATOM   227 C  CB  . THR A 1 34 ? -8.590  -3.540  -3.564  1.00 45.89  ? 34  THR A CB  1 
ATOM   228 O  OG1 . THR A 1 34 ? -9.052  -4.737  -2.937  1.00 50.06  ? 34  THR A OG1 1 
ATOM   229 C  CG2 . THR A 1 34 ? -7.498  -3.891  -4.571  1.00 54.96  ? 34  THR A CG2 1 
ATOM   230 N  N   . ASP A 1 35 ? -8.495  -0.396  -3.371  1.00 39.18  ? 35  ASP A N   1 
ATOM   231 C  CA  . ASP A 1 35 ? -8.107  0.867   -3.988  1.00 45.04  ? 35  ASP A CA  1 
ATOM   232 C  C   . ASP A 1 35 ? -7.173  1.644   -3.070  1.00 45.00  ? 35  ASP A C   1 
ATOM   233 O  O   . ASP A 1 35 ? -6.118  2.135   -3.499  1.00 43.28  ? 35  ASP A O   1 
ATOM   234 C  CB  . ASP A 1 35 ? -9.353  1.694   -4.337  1.00 51.11  ? 35  ASP A CB  1 
ATOM   235 C  CG  . ASP A 1 35 ? -9.945  1.320   -5.703  1.00 55.06  ? 35  ASP A CG  1 
ATOM   236 O  OD1 . ASP A 1 35 ? -9.423  0.390   -6.344  1.00 59.70  ? 35  ASP A OD1 1 
ATOM   237 O  OD2 . ASP A 1 35 ? -10.911 1.962   -6.152  1.00 57.20  ? 35  ASP A OD2 1 
ATOM   238 N  N   . PHE A 1 36 ? -7.520  1.721   -1.786  1.00 39.10  ? 36  PHE A N   1 
ATOM   239 C  CA  . PHE A 1 36 ? -6.661  2.414   -0.833  1.00 46.11  ? 36  PHE A CA  1 
ATOM   240 C  C   . PHE A 1 36 ? -5.269  1.803   -0.816  1.00 38.74  ? 36  PHE A C   1 
ATOM   241 O  O   . PHE A 1 36 ? -4.270  2.522   -0.871  1.00 41.85  ? 36  PHE A O   1 
ATOM   242 C  CB  . PHE A 1 36 ? -7.266  2.392   0.575   1.00 39.22  ? 36  PHE A CB  1 
ATOM   243 C  CG  . PHE A 1 36 ? -6.385  3.041   1.606   1.00 36.98  ? 36  PHE A CG  1 
ATOM   244 C  CD1 . PHE A 1 36 ? -6.293  4.419   1.683   1.00 47.35  ? 36  PHE A CD1 1 
ATOM   245 C  CD2 . PHE A 1 36 ? -5.646  2.282   2.489   1.00 42.27  ? 36  PHE A CD2 1 
ATOM   246 C  CE1 . PHE A 1 36 ? -5.469  5.027   2.615   1.00 42.93  ? 36  PHE A CE1 1 
ATOM   247 C  CE2 . PHE A 1 36 ? -4.825  2.885   3.424   1.00 40.99  ? 36  PHE A CE2 1 
ATOM   248 C  CZ  . PHE A 1 36 ? -4.741  4.256   3.489   1.00 41.97  ? 36  PHE A CZ  1 
ATOM   249 N  N   . ILE A 1 37 ? -5.180  0.477   -0.721  1.00 37.20  ? 37  ILE A N   1 
ATOM   250 C  CA  . ILE A 1 37 ? -3.879  -0.171  -0.585  1.00 33.67  ? 37  ILE A CA  1 
ATOM   251 C  C   . ILE A 1 37 ? -3.037  0.045   -1.832  1.00 38.54  ? 37  ILE A C   1 
ATOM   252 O  O   . ILE A 1 37 ? -1.874  0.442   -1.745  1.00 42.67  ? 37  ILE A O   1 
ATOM   253 C  CB  . ILE A 1 37 ? -4.055  -1.666  -0.284  1.00 37.71  ? 37  ILE A CB  1 
ATOM   254 C  CG1 . ILE A 1 37 ? -4.616  -1.864  1.116   1.00 36.58  ? 37  ILE A CG1 1 
ATOM   255 C  CG2 . ILE A 1 37 ? -2.706  -2.402  -0.446  1.00 39.83  ? 37  ILE A CG2 1 
ATOM   256 C  CD1 . ILE A 1 37 ? -4.875  -3.316  1.486   1.00 37.13  ? 37  ILE A CD1 1 
ATOM   257 N  N   . LEU A 1 38 ? -3.609  -0.205  -3.015  1.00 38.87  ? 38  LEU A N   1 
ATOM   258 C  CA  . LEU A 1 38 ? -2.801  -0.127  -4.226  1.00 43.24  ? 38  LEU A CA  1 
ATOM   259 C  C   . LEU A 1 38 ? -2.408  1.307   -4.544  1.00 46.46  ? 38  LEU A C   1 
ATOM   260 O  O   . LEU A 1 38 ? -1.270  1.561   -4.959  1.00 40.09  ? 38  LEU A O   1 
ATOM   261 C  CB  . LEU A 1 38 ? -3.519  -0.732  -5.430  1.00 43.50  ? 38  LEU A CB  1 
ATOM   262 C  CG  . LEU A 1 38 ? -3.649  -2.256  -5.471  1.00 51.25  ? 38  LEU A CG  1 
ATOM   263 C  CD1 . LEU A 1 38 ? -4.748  -2.678  -6.447  1.00 44.85  ? 38  LEU A CD1 1 
ATOM   264 C  CD2 . LEU A 1 38 ? -2.321  -2.934  -5.740  1.00 49.27  ? 38  LEU A CD2 1 
ATOM   265 N  N   . GLU A 1 39 ? -3.336  2.256   -4.390  1.00 38.40  ? 39  GLU A N   1 
ATOM   266 C  CA  . GLU A 1 39 ? -2.997  3.645   -4.683  1.00 42.27  ? 39  GLU A CA  1 
ATOM   267 C  C   . GLU A 1 39 ? -1.863  4.123   -3.771  1.00 42.93  ? 39  GLU A C   1 
ATOM   268 O  O   . GLU A 1 39 ? -0.893  4.736   -4.239  1.00 41.76  ? 39  GLU A O   1 
ATOM   269 C  CB  . GLU A 1 39 ? -4.244  4.532   -4.541  1.00 48.38  ? 39  GLU A CB  1 
ATOM   270 C  CG  . GLU A 1 39 ? -5.348  4.248   -5.620  1.00 55.48  ? 39  GLU A CG  1 
ATOM   271 C  CD  . GLU A 1 39 ? -6.681  4.992   -5.368  1.00 65.41  ? 39  GLU A CD  1 
ATOM   272 O  OE1 . GLU A 1 39 ? -6.758  5.756   -4.383  1.00 56.90  ? 39  GLU A OE1 1 
ATOM   273 O  OE2 . GLU A 1 39 ? -7.654  4.798   -6.141  1.00 51.36  ? 39  GLU A OE2 1 
ATOM   274 N  N   . THR A 1 40 ? -1.951  3.806   -2.474  1.00 36.35  ? 40  THR A N   1 
ATOM   275 C  CA  A THR A 1 40 ? -0.890  4.206   -1.554  0.52 40.46  ? 40  THR A CA  1 
ATOM   276 C  CA  B THR A 1 40 ? -0.904  4.173   -1.527  0.48 40.44  ? 40  THR A CA  1 
ATOM   277 C  C   . THR A 1 40 ? 0.422   3.508   -1.887  1.00 35.63  ? 40  THR A C   1 
ATOM   278 O  O   . THR A 1 40 ? 1.478   4.143   -1.875  1.00 33.01  ? 40  THR A O   1 
ATOM   279 C  CB  A THR A 1 40 ? -1.265  3.914   -0.098  0.52 35.78  ? 40  THR A CB  1 
ATOM   280 C  CB  B THR A 1 40 ? -1.320  3.760   -0.116  0.48 35.74  ? 40  THR A CB  1 
ATOM   281 O  OG1 A THR A 1 40 ? -1.497  2.511   0.077   0.52 32.30  ? 40  THR A OG1 1 
ATOM   282 O  OG1 B THR A 1 40 ? -2.541  4.418   0.252   0.48 45.48  ? 40  THR A OG1 1 
ATOM   283 C  CG2 A THR A 1 40 ? -2.498  4.702   0.322   0.52 45.06  ? 40  THR A CG2 1 
ATOM   284 C  CG2 B THR A 1 40 ? -0.237  4.109   0.866   0.48 39.53  ? 40  THR A CG2 1 
ATOM   285 N  N   . ALA A 1 41 ? 0.383   2.202   -2.163  1.00 36.79  ? 41  ALA A N   1 
ATOM   286 C  CA  . ALA A 1 41 ? 1.628   1.481   -2.426  1.00 42.19  ? 41  ALA A CA  1 
ATOM   287 C  C   . ALA A 1 41 ? 2.276   1.937   -3.726  1.00 34.34  ? 41  ALA A C   1 
ATOM   288 O  O   . ALA A 1 41 ? 3.499   2.084   -3.788  1.00 41.08  ? 41  ALA A O   1 
ATOM   289 C  CB  . ALA A 1 41 ? 1.388   -0.034  -2.458  1.00 37.70  ? 41  ALA A CB  1 
ATOM   290 N  N   . CYS A 1 42 ? 1.491   2.156   -4.781  1.00 34.55  ? 42  CYS A N   1 
ATOM   291 C  CA  . CYS A 1 42 ? 2.085   2.604   -6.039  1.00 41.14  ? 42  CYS A CA  1 
ATOM   292 C  C   . CYS A 1 42 ? 2.652   4.013   -5.910  1.00 38.55  ? 42  CYS A C   1 
ATOM   293 O  O   . CYS A 1 42 ? 3.712   4.318   -6.460  1.00 36.85  ? 42  CYS A O   1 
ATOM   294 C  CB  . CYS A 1 42 ? 1.049   2.545   -7.158  1.00 43.68  ? 42  CYS A CB  1 
ATOM   295 S  SG  . CYS A 1 42 ? 0.582   0.870   -7.607  1.00 46.82  ? 42  CYS A SG  1 
ATOM   296 N  N   . GLN A 1 43 ? 1.950   4.886   -5.196  1.00 36.73  ? 43  GLN A N   1 
ATOM   297 C  CA  . GLN A 1 43 ? 2.451   6.236   -4.937  1.00 38.95  ? 43  GLN A CA  1 
ATOM   298 C  C   . GLN A 1 43 ? 3.805   6.175   -4.244  1.00 41.66  ? 43  GLN A C   1 
ATOM   299 O  O   . GLN A 1 43 ? 4.777   6.793   -4.690  1.00 40.30  ? 43  GLN A O   1 
ATOM   300 C  CB  . GLN A 1 43 ? 1.433   6.992   -4.075  1.00 43.86  ? 43  GLN A CB  1 
ATOM   301 C  CG  . GLN A 1 43 ? 0.349   7.688   -4.877  1.00 65.18  ? 43  GLN A CG  1 
ATOM   302 C  CD  . GLN A 1 43 ? 0.313   9.193   -4.656  1.00 86.93  ? 43  GLN A CD  1 
ATOM   303 O  OE1 . GLN A 1 43 ? 0.605   9.675   -3.560  1.00 84.18  ? 43  GLN A OE1 1 
ATOM   304 N  NE2 . GLN A 1 43 ? -0.070  9.939   -5.691  1.00 95.71  ? 43  GLN A NE2 1 
ATOM   305 N  N   . ALA A 1 44 ? 3.890   5.385   -3.174  1.00 36.43  ? 44  ALA A N   1 
ATOM   306 C  CA  . ALA A 1 44 ? 5.165   5.158   -2.511  1.00 36.68  ? 44  ALA A CA  1 
ATOM   307 C  C   . ALA A 1 44 ? 6.186   4.554   -3.464  1.00 38.43  ? 44  ALA A C   1 
ATOM   308 O  O   . ALA A 1 44 ? 7.366   4.917   -3.421  1.00 40.83  ? 44  ALA A O   1 
ATOM   309 C  CB  . ALA A 1 44 ? 4.953   4.249   -1.303  1.00 40.13  ? 44  ALA A CB  1 
ATOM   310 N  N   . ALA A 1 45 ? 5.758   3.649   -4.352  1.00 39.75  ? 45  ALA A N   1 
ATOM   311 C  CA  . ALA A 1 45 ? 6.723   3.007   -5.256  1.00 34.12  ? 45  ALA A CA  1 
ATOM   312 C  C   . ALA A 1 45 ? 7.289   3.994   -6.260  1.00 36.65  ? 45  ALA A C   1 
ATOM   313 O  O   . ALA A 1 45 ? 8.502   3.993   -6.504  1.00 44.39  ? 45  ALA A O   1 
ATOM   314 C  CB  . ALA A 1 45 ? 6.092   1.830   -6.002  1.00 34.46  ? 45  ALA A CB  1 
ATOM   315 N  N   . GLU A 1 46 ? 6.443   4.829   -6.883  1.00 39.97  ? 46  GLU A N   1 
ATOM   316 C  CA  . GLU A 1 46 ? 7.005   5.814   -7.801  1.00 38.91  ? 46  GLU A CA  1 
ATOM   317 C  C   . GLU A 1 46 ? 8.036   6.685   -7.115  1.00 43.03  ? 46  GLU A C   1 
ATOM   318 O  O   . GLU A 1 46 ? 9.079   6.990   -7.701  1.00 44.14  ? 46  GLU A O   1 
ATOM   319 C  CB  . GLU A 1 46 ? 5.951   6.696   -8.451  1.00 38.39  ? 46  GLU A CB  1 
ATOM   320 C  CG  . GLU A 1 46 ? 4.860   5.938   -9.130  1.00 58.40  ? 46  GLU A CG  1 
ATOM   321 C  CD  . GLU A 1 46 ? 3.843   6.860   -9.773  1.00 71.93  ? 46  GLU A CD  1 
ATOM   322 O  OE1 . GLU A 1 46 ? 3.601   7.958   -9.231  1.00 78.37  ? 46  GLU A OE1 1 
ATOM   323 O  OE2 . GLU A 1 46 ? 3.320   6.495   -10.857 1.00 70.72  ? 46  GLU A OE2 1 
ATOM   324 N  N   . LYS A 1 47 ? 7.775   7.080   -5.879  1.00 39.49  ? 47  LYS A N   1 
ATOM   325 C  CA  A LYS A 1 47 ? 8.731   7.884   -5.120  0.52 42.31  ? 47  LYS A CA  1 
ATOM   326 C  CA  B LYS A 1 47 ? 8.742   7.900   -5.163  0.48 42.30  ? 47  LYS A CA  1 
ATOM   327 C  C   . LYS A 1 47 ? 10.048  7.145   -4.931  1.00 42.70  ? 47  LYS A C   1 
ATOM   328 O  O   . LYS A 1 47 ? 11.125  7.725   -5.069  1.00 40.20  ? 47  LYS A O   1 
ATOM   329 C  CB  A LYS A 1 47 ? 8.133   8.239   -3.757  0.52 45.65  ? 47  LYS A CB  1 
ATOM   330 C  CB  B LYS A 1 47 ? 8.141   8.377   -3.841  0.48 45.79  ? 47  LYS A CB  1 
ATOM   331 C  CG  A LYS A 1 47 ? 8.987   9.137   -2.857  0.52 48.14  ? 47  LYS A CG  1 
ATOM   332 C  CG  B LYS A 1 47 ? 7.323   9.673   -3.961  0.48 49.78  ? 47  LYS A CG  1 
ATOM   333 C  CD  A LYS A 1 47 ? 8.134   9.666   -1.689  0.52 42.15  ? 47  LYS A CD  1 
ATOM   334 C  CD  B LYS A 1 47 ? 7.856   10.606  -5.056  0.48 48.22  ? 47  LYS A CD  1 
ATOM   335 C  CE  A LYS A 1 47 ? 8.786   10.831  -0.958  0.52 49.60  ? 47  LYS A CE  1 
ATOM   336 C  CE  B LYS A 1 47 ? 6.844   10.787  -6.187  0.48 47.95  ? 47  LYS A CE  1 
ATOM   337 N  NZ  A LYS A 1 47 ? 10.101  10.497  -0.346  0.52 51.52  ? 47  LYS A NZ  1 
ATOM   338 N  NZ  B LYS A 1 47 ? 7.203   11.912  -7.100  0.48 48.22  ? 47  LYS A NZ  1 
ATOM   339 N  N   . VAL A 1 48 ? 9.976   5.856   -4.579  1.00 41.33  ? 48  VAL A N   1 
ATOM   340 C  CA  . VAL A 1 48 ? 11.193  5.073   -4.383  1.00 43.65  ? 48  VAL A CA  1 
ATOM   341 C  C   . VAL A 1 48 ? 11.998  5.024   -5.672  1.00 42.12  ? 48  VAL A C   1 
ATOM   342 O  O   . VAL A 1 48 ? 13.211  5.248   -5.671  1.00 40.36  ? 48  VAL A O   1 
ATOM   343 C  CB  . VAL A 1 48 ? 10.865  3.654   -3.875  1.00 38.97  ? 48  VAL A CB  1 
ATOM   344 C  CG1 . VAL A 1 48 ? 12.064  2.707   -4.121  1.00 47.55  ? 48  VAL A CG1 1 
ATOM   345 C  CG2 . VAL A 1 48 ? 10.508  3.686   -2.396  1.00 45.82  ? 48  VAL A CG2 1 
ATOM   346 N  N   . ILE A 1 49 ? 11.327  4.768   -6.797  1.00 41.31  ? 49  ILE A N   1 
ATOM   347 C  CA  . ILE A 1 49 ? 12.041  4.661   -8.062  1.00 37.50  ? 49  ILE A CA  1 
ATOM   348 C  C   . ILE A 1 49 ? 12.559  6.019   -8.518  1.00 50.15  ? 49  ILE A C   1 
ATOM   349 O  O   . ILE A 1 49 ? 13.692  6.126   -8.997  1.00 49.81  ? 49  ILE A O   1 
ATOM   350 C  CB  . ILE A 1 49 ? 11.163  3.989   -9.132  1.00 41.14  ? 49  ILE A CB  1 
ATOM   351 C  CG1 . ILE A 1 49 ? 10.853  2.548   -8.738  1.00 39.80  ? 49  ILE A CG1 1 
ATOM   352 C  CG2 . ILE A 1 49 ? 11.818  4.042   -10.506 1.00 52.28  ? 49  ILE A CG2 1 
ATOM   353 C  CD1 . ILE A 1 49 ? 9.576   2.052   -9.307  1.00 44.81  ? 49  ILE A CD1 1 
ATOM   354 N  N   . LEU A 1 50 ? 11.762  7.077   -8.388  1.00 40.95  ? 50  LEU A N   1 
ATOM   355 C  CA  . LEU A 1 50 ? 12.271  8.375   -8.821  1.00 41.38  ? 50  LEU A CA  1 
ATOM   356 C  C   . LEU A 1 50 ? 13.453  8.806   -7.965  1.00 44.49  ? 50  LEU A C   1 
ATOM   357 O  O   . LEU A 1 50 ? 14.409  9.395   -8.478  1.00 44.41  ? 50  LEU A O   1 
ATOM   358 C  CB  . LEU A 1 50 ? 11.179  9.430   -8.757  1.00 42.91  ? 50  LEU A CB  1 
ATOM   359 C  CG  . LEU A 1 50 ? 10.183  9.476   -9.910  1.00 44.27  ? 50  LEU A CG  1 
ATOM   360 C  CD1 . LEU A 1 50 ? 8.913   10.148  -9.412  1.00 52.25  ? 50  LEU A CD1 1 
ATOM   361 C  CD2 . LEU A 1 50 ? 10.757  10.188  -11.107 1.00 51.18  ? 50  LEU A CD2 1 
ATOM   362 N  N   . ASP A 1 51 ? 13.380  8.546   -6.651  1.00 42.58  ? 51  ASP A N   1 
ATOM   363 C  CA  . ASP A 1 51 ? 14.488  8.822   -5.737  1.00 50.56  ? 51  ASP A CA  1 
ATOM   364 C  C   . ASP A 1 51 ? 15.793  8.193   -6.224  1.00 51.65  ? 51  ASP A C   1 
ATOM   365 O  O   . ASP A 1 51 ? 16.867  8.795   -6.121  1.00 54.63  ? 51  ASP A O   1 
ATOM   366 C  CB  . ASP A 1 51 ? 14.146  8.292   -4.335  1.00 53.42  ? 51  ASP A CB  1 
ATOM   367 C  CG  . ASP A 1 51 ? 13.300  9.268   -3.499  1.00 73.26  ? 51  ASP A CG  1 
ATOM   368 O  OD1 . ASP A 1 51 ? 12.617  10.150  -4.074  1.00 74.12  ? 51  ASP A OD1 1 
ATOM   369 O  OD2 . ASP A 1 51 ? 13.286  9.117   -2.253  1.00 79.01  ? 51  ASP A OD2 1 
ATOM   370 N  N   . ARG A 1 52 ? 15.717  6.978   -6.755  1.00 51.45  ? 52  ARG A N   1 
ATOM   371 C  CA  . ARG A 1 52 ? 16.907  6.252   -7.170  1.00 57.41  ? 52  ARG A CA  1 
ATOM   372 C  C   . ARG A 1 52 ? 17.343  6.601   -8.588  1.00 56.84  ? 52  ARG A C   1 
ATOM   373 O  O   . ARG A 1 52 ? 18.546  6.645   -8.865  1.00 62.89  ? 52  ARG A O   1 
ATOM   374 C  CB  . ARG A 1 52 ? 16.655  4.745   -7.069  1.00 56.51  ? 52  ARG A CB  1 
ATOM   375 C  CG  . ARG A 1 52 ? 17.209  4.100   -5.801  1.00 66.89  ? 52  ARG A CG  1 
ATOM   376 C  CD  . ARG A 1 52 ? 18.640  3.647   -6.012  1.00 67.21  ? 52  ARG A CD  1 
ATOM   377 N  NE  . ARG A 1 52 ? 18.839  3.099   -7.350  1.00 77.55  ? 52  ARG A NE  1 
ATOM   378 C  CZ  . ARG A 1 52 ? 19.105  1.827   -7.615  1.00 74.25  ? 52  ARG A CZ  1 
ATOM   379 N  NH1 . ARG A 1 52 ? 19.257  0.935   -6.647  1.00 71.42  ? 52  ARG A NH1 1 
ATOM   380 N  NH2 . ARG A 1 52 ? 19.239  1.443   -8.882  1.00 72.92  ? 52  ARG A NH2 1 
ATOM   381 N  N   . ARG A 1 53 ? 16.397  6.858   -9.492  1.00 51.70  ? 53  ARG A N   1 
ATOM   382 C  CA  . ARG A 1 53 ? 16.721  7.092   -10.891 1.00 56.02  ? 53  ARG A CA  1 
ATOM   383 C  C   . ARG A 1 53 ? 16.804  8.573   -11.264 1.00 61.25  ? 53  ARG A C   1 
ATOM   384 O  O   . ARG A 1 53 ? 17.385  8.893   -12.304 1.00 64.96  ? 53  ARG A O   1 
ATOM   385 C  CB  . ARG A 1 53 ? 15.695  6.395   -11.809 1.00 54.28  ? 53  ARG A CB  1 
ATOM   386 C  CG  . ARG A 1 53 ? 15.665  4.865   -11.716 1.00 52.02  ? 53  ARG A CG  1 
ATOM   387 C  CD  . ARG A 1 53 ? 15.252  4.193   -13.042 1.00 64.60  ? 53  ARG A CD  1 
ATOM   388 N  NE  . ARG A 1 53 ? 14.957  2.770   -12.882 1.00 75.89  ? 53  ARG A NE  1 
ATOM   389 C  CZ  . ARG A 1 53 ? 14.262  2.033   -13.745 1.00 76.61  ? 53  ARG A CZ  1 
ATOM   390 N  NH1 . ARG A 1 53 ? 13.814  2.535   -14.882 1.00 76.94  ? 53  ARG A NH1 1 
ATOM   391 N  NH2 . ARG A 1 53 ? 14.015  0.756   -13.463 1.00 78.38  ? 53  ARG A NH2 1 
ATOM   392 N  N   . VAL A 1 54 ? 16.253  9.486   -10.470 1.00 51.64  ? 54  VAL A N   1 
ATOM   393 C  CA  . VAL A 1 54 ? 16.264  10.888  -10.880 1.00 55.27  ? 54  VAL A CA  1 
ATOM   394 C  C   . VAL A 1 54 ? 16.781  11.821  -9.796  1.00 56.37  ? 54  VAL A C   1 
ATOM   395 O  O   . VAL A 1 54 ? 17.708  12.600  -10.031 1.00 69.62  ? 54  VAL A O   1 
ATOM   396 C  CB  . VAL A 1 54 ? 14.872  11.342  -11.342 1.00 56.14  ? 54  VAL A CB  1 
ATOM   397 C  CG1 . VAL A 1 54 ? 14.914  12.814  -11.751 1.00 60.18  ? 54  VAL A CG1 1 
ATOM   398 C  CG2 . VAL A 1 54 ? 14.388  10.478  -12.487 1.00 54.14  ? 54  VAL A CG2 1 
ATOM   399 N  N   . PHE A 1 55 ? 16.166  11.797  -8.624  1.00 51.88  ? 55  PHE A N   1 
ATOM   400 C  CA  . PHE A 1 55 ? 16.652  12.603  -7.499  1.00 54.18  ? 55  PHE A CA  1 
ATOM   401 C  C   . PHE A 1 55 ? 17.840  11.959  -6.791  1.00 62.73  ? 55  PHE A C   1 
ATOM   402 O  O   . PHE A 1 55 ? 17.950  12.025  -5.567  1.00 74.91  ? 55  PHE A O   1 
ATOM   403 C  CB  . PHE A 1 55 ? 15.514  12.848  -6.515  1.00 51.18  ? 55  PHE A CB  1 
ATOM   404 C  CG  . PHE A 1 55 ? 14.217  13.188  -7.168  1.00 50.40  ? 55  PHE A CG  1 
ATOM   405 C  CD1 . PHE A 1 55 ? 14.149  14.203  -8.100  1.00 49.30  ? 55  PHE A CD1 1 
ATOM   406 C  CD2 . PHE A 1 55 ? 13.068  12.477  -6.863  1.00 54.35  ? 55  PHE A CD2 1 
ATOM   407 C  CE1 . PHE A 1 55 ? 12.961  14.526  -8.716  1.00 44.72  ? 55  PHE A CE1 1 
ATOM   408 C  CE2 . PHE A 1 55 ? 11.865  12.778  -7.484  1.00 55.03  ? 55  PHE A CE2 1 
ATOM   409 C  CZ  . PHE A 1 55 ? 11.818  13.807  -8.420  1.00 50.17  ? 55  PHE A CZ  1 
ATOM   410 N  N   . ASN A 1 56 ? 18.735  11.322  -7.539  1.00 62.04  ? 56  ASN A N   1 
ATOM   411 C  CA  . ASN A 1 56 ? 19.952  10.730  -6.994  1.00 70.10  ? 56  ASN A CA  1 
ATOM   412 C  C   . ASN A 1 56 ? 21.012  11.819  -6.961  1.00 74.67  ? 56  ASN A C   1 
ATOM   413 O  O   . ASN A 1 56 ? 21.643  12.139  -7.971  1.00 82.90  ? 56  ASN A O   1 
ATOM   414 C  CB  . ASN A 1 56 ? 20.402  9.548   -7.843  1.00 61.86  ? 56  ASN A CB  1 
ATOM   415 C  CG  . ASN A 1 56 ? 20.537  9.909   -9.336  1.00 78.79  ? 56  ASN A CG  1 
ATOM   416 O  OD1 . ASN A 1 56 ? 19.957  10.901  -9.801  1.00 82.03  ? 56  ASN A OD1 1 
ATOM   417 N  ND2 . ASN A 1 56 ? 21.323  9.126   -10.074 1.00 74.64  ? 56  ASN A ND2 1 
ATOM   418 N  N   . PHE A 1 57 ? 21.234  12.379  -5.779  1.00 71.68  ? 57  PHE A N   1 
ATOM   419 C  CA  . PHE A 1 57 ? 22.219  13.457  -5.647  1.00 85.21  ? 57  PHE A CA  1 
ATOM   420 C  C   . PHE A 1 57 ? 23.423  13.022  -4.812  1.00 82.52  ? 57  PHE A C   1 
ATOM   421 O  O   . PHE A 1 57 ? 23.777  11.847  -4.794  1.00 85.12  ? 57  PHE A O   1 
ATOM   422 C  CB  . PHE A 1 57 ? 21.596  14.720  -5.020  1.00 88.11  ? 57  PHE A CB  1 
ATOM   423 C  CG  . PHE A 1 57 ? 20.293  15.144  -5.644  1.00 75.37  ? 57  PHE A CG  1 
ATOM   424 C  CD1 . PHE A 1 57 ? 20.239  15.542  -6.980  1.00 79.69  ? 57  PHE A CD1 1 
ATOM   425 C  CD2 . PHE A 1 57 ? 19.128  15.195  -4.885  1.00 72.83  ? 57  PHE A CD2 1 
ATOM   426 C  CE1 . PHE A 1 57 ? 19.035  15.935  -7.552  1.00 71.16  ? 57  PHE A CE1 1 
ATOM   427 C  CE2 . PHE A 1 57 ? 17.939  15.586  -5.445  1.00 61.49  ? 57  PHE A CE2 1 
ATOM   428 C  CZ  . PHE A 1 57 ? 17.891  15.954  -6.780  1.00 69.61  ? 57  PHE A CZ  1 
ATOM   429 N  N   . SER B 1 6  ? -4.966  -13.055 15.323  1.00 84.19  ? 6   SER B N   1 
ATOM   430 C  CA  . SER B 1 6  ? -4.515  -13.998 14.301  1.00 90.13  ? 6   SER B CA  1 
ATOM   431 C  C   . SER B 1 6  ? -3.921  -13.298 13.060  1.00 90.41  ? 6   SER B C   1 
ATOM   432 O  O   . SER B 1 6  ? -3.963  -12.064 12.941  1.00 81.27  ? 6   SER B O   1 
ATOM   433 C  CB  . SER B 1 6  ? -5.676  -14.922 13.893  1.00 78.44  ? 6   SER B CB  1 
ATOM   434 O  OG  . SER B 1 6  ? -6.736  -14.202 13.281  1.00 78.50  ? 6   SER B OG  1 
ATOM   435 N  N   . ASP B 1 7  ? -3.338  -14.089 12.161  1.00 68.84  ? 7   ASP B N   1 
ATOM   436 C  CA  . ASP B 1 7  ? -2.916  -13.607 10.855  1.00 70.47  ? 7   ASP B CA  1 
ATOM   437 C  C   . ASP B 1 7  ? -4.061  -13.833 9.880   1.00 72.18  ? 7   ASP B C   1 
ATOM   438 O  O   . ASP B 1 7  ? -4.887  -14.731 10.073  1.00 70.94  ? 7   ASP B O   1 
ATOM   439 C  CB  . ASP B 1 7  ? -1.662  -14.347 10.382  1.00 68.23  ? 7   ASP B CB  1 
ATOM   440 C  CG  . ASP B 1 7  ? -0.373  -13.592 10.701  1.00 73.67  ? 7   ASP B CG  1 
ATOM   441 O  OD1 . ASP B 1 7  ? -0.369  -12.772 11.648  1.00 76.03  ? 7   ASP B OD1 1 
ATOM   442 O  OD2 . ASP B 1 7  ? 0.644   -13.827 10.020  1.00 65.13  ? 7   ASP B OD2 1 
ATOM   443 N  N   . VAL B 1 8  ? -4.121  -13.015 8.830   1.00 53.79  ? 8   VAL B N   1 
ATOM   444 C  CA  . VAL B 1 8  ? -5.260  -13.032 7.920   1.00 64.63  ? 8   VAL B CA  1 
ATOM   445 C  C   . VAL B 1 8  ? -4.753  -12.931 6.486   1.00 67.37  ? 8   VAL B C   1 
ATOM   446 O  O   . VAL B 1 8  ? -3.576  -12.680 6.236   1.00 64.57  ? 8   VAL B O   1 
ATOM   447 C  CB  . VAL B 1 8  ? -6.266  -11.903 8.240   1.00 66.59  ? 8   VAL B CB  1 
ATOM   448 C  CG1 . VAL B 1 8  ? -5.877  -10.603 7.549   1.00 63.54  ? 8   VAL B CG1 1 
ATOM   449 C  CG2 . VAL B 1 8  ? -7.689  -12.339 7.918   1.00 75.34  ? 8   VAL B CG2 1 
ATOM   450 N  N   . GLN B 1 9  ? -5.662  -13.136 5.535   1.00 61.74  ? 9   GLN B N   1 
ATOM   451 C  CA  . GLN B 1 9  ? -5.320  -13.170 4.121   1.00 54.63  ? 9   GLN B CA  1 
ATOM   452 C  C   . GLN B 1 9  ? -6.061  -12.065 3.383   1.00 65.98  ? 9   GLN B C   1 
ATOM   453 O  O   . GLN B 1 9  ? -7.273  -11.908 3.550   1.00 60.66  ? 9   GLN B O   1 
ATOM   454 C  CB  . GLN B 1 9  ? -5.651  -14.539 3.525   1.00 64.62  ? 9   GLN B CB  1 
ATOM   455 C  CG  . GLN B 1 9  ? -4.843  -14.867 2.288   1.00 73.27  ? 9   GLN B CG  1 
ATOM   456 C  CD  . GLN B 1 9  ? -3.361  -14.986 2.602   1.00 76.52  ? 9   GLN B CD  1 
ATOM   457 O  OE1 . GLN B 1 9  ? -2.955  -15.703 3.520   1.00 79.86  ? 9   GLN B OE1 1 
ATOM   458 N  NE2 . GLN B 1 9  ? -2.543  -14.246 1.858   1.00 74.55  ? 9   GLN B NE2 1 
ATOM   459 N  N   . LEU B 1 10 ? -5.333  -11.302 2.571   1.00 58.16  ? 10  LEU B N   1 
ATOM   460 C  CA  . LEU B 1 10 ? -5.908  -10.215 1.790   1.00 61.25  ? 10  LEU B CA  1 
ATOM   461 C  C   . LEU B 1 10 ? -5.685  -10.483 0.310   1.00 59.31  ? 10  LEU B C   1 
ATOM   462 O  O   . LEU B 1 10 ? -4.541  -10.498 -0.152  1.00 64.98  ? 10  LEU B O   1 
ATOM   463 C  CB  . LEU B 1 10 ? -5.294  -8.868  2.171   1.00 52.88  ? 10  LEU B CB  1 
ATOM   464 C  CG  . LEU B 1 10 ? -5.526  -8.308  3.567   1.00 53.12  ? 10  LEU B CG  1 
ATOM   465 C  CD1 . LEU B 1 10 ? -4.439  -7.328  3.904   1.00 53.09  ? 10  LEU B CD1 1 
ATOM   466 C  CD2 . LEU B 1 10 ? -6.883  -7.652  3.683   1.00 55.71  ? 10  LEU B CD2 1 
ATOM   467 N  N   . ASN B 1 11 ? -6.773  -10.673 -0.431  1.00 59.59  ? 11  ASN B N   1 
ATOM   468 C  CA  . ASN B 1 11 ? -6.724  -10.786 -1.886  1.00 69.28  ? 11  ASN B CA  1 
ATOM   469 C  C   . ASN B 1 11 ? -6.913  -9.416  -2.517  1.00 68.91  ? 11  ASN B C   1 
ATOM   470 O  O   . ASN B 1 11 ? -7.942  -8.768  -2.291  1.00 68.42  ? 11  ASN B O   1 
ATOM   471 C  CB  . ASN B 1 11 ? -7.805  -11.732 -2.403  1.00 78.68  ? 11  ASN B CB  1 
ATOM   472 C  CG  . ASN B 1 11 ? -7.290  -13.125 -2.651  1.00 91.37  ? 11  ASN B CG  1 
ATOM   473 O  OD1 . ASN B 1 11 ? -6.720  -13.752 -1.757  1.00 100.42 ? 11  ASN B OD1 1 
ATOM   474 N  ND2 . ASN B 1 11 ? -7.482  -13.623 -3.875  1.00 86.19  ? 11  ASN B ND2 1 
ATOM   475 N  N   . LEU B 1 12 ? -5.951  -8.991  -3.335  1.00 56.92  ? 12  LEU B N   1 
ATOM   476 C  CA  . LEU B 1 12 ? -6.078  -7.747  -4.088  1.00 58.08  ? 12  LEU B CA  1 
ATOM   477 C  C   . LEU B 1 12 ? -6.007  -8.028  -5.576  1.00 60.35  ? 12  LEU B C   1 
ATOM   478 O  O   . LEU B 1 12 ? -4.990  -8.521  -6.073  1.00 58.43  ? 12  LEU B O   1 
ATOM   479 C  CB  . LEU B 1 12 ? -4.994  -6.741  -3.721  1.00 60.45  ? 12  LEU B CB  1 
ATOM   480 C  CG  . LEU B 1 12 ? -4.593  -6.500  -2.274  1.00 62.06  ? 12  LEU B CG  1 
ATOM   481 C  CD1 . LEU B 1 12 ? -3.802  -5.198  -2.269  1.00 71.84  ? 12  LEU B CD1 1 
ATOM   482 C  CD2 . LEU B 1 12 ? -5.790  -6.406  -1.362  1.00 60.04  ? 12  LEU B CD2 1 
ATOM   483 N  N   . ARG B 1 13 ? -7.069  -7.693  -6.284  1.00 50.81  ? 13  ARG B N   1 
ATOM   484 C  CA  . ARG B 1 13 ? -7.020  -7.651  -7.732  1.00 50.74  ? 13  ARG B CA  1 
ATOM   485 C  C   . ARG B 1 13 ? -6.301  -6.372  -8.117  1.00 57.85  ? 13  ARG B C   1 
ATOM   486 O  O   . ARG B 1 13 ? -6.707  -5.284  -7.702  1.00 62.39  ? 13  ARG B O   1 
ATOM   487 C  CB  . ARG B 1 13 ? -8.432  -7.699  -8.310  1.00 58.54  ? 13  ARG B CB  1 
ATOM   488 C  CG  . ARG B 1 13 ? -8.665  -6.808  -9.517  1.00 69.51  ? 13  ARG B CG  1 
ATOM   489 C  CD  . ARG B 1 13 ? -10.083 -6.981  -10.051 1.00 80.32  ? 13  ARG B CD  1 
ATOM   490 N  NE  . ARG B 1 13 ? -10.276 -8.282  -10.678 1.00 83.62  ? 13  ARG B NE  1 
ATOM   491 C  CZ  . ARG B 1 13 ? -10.162 -8.499  -11.981 1.00 95.33  ? 13  ARG B CZ  1 
ATOM   492 N  NH1 . ARG B 1 13 ? -9.865  -7.517  -12.819 1.00 95.94  ? 13  ARG B NH1 1 
ATOM   493 N  NH2 . ARG B 1 13 ? -10.346 -9.729  -12.454 1.00 92.95  ? 13  ARG B NH2 1 
ATOM   494 N  N   . ALA B 1 14 ? -5.214  -6.498  -8.869  1.00 49.66  ? 14  ALA B N   1 
ATOM   495 C  CA  . ALA B 1 14 ? -4.436  -5.343  -9.276  1.00 50.63  ? 14  ALA B CA  1 
ATOM   496 C  C   . ALA B 1 14 ? -4.154  -5.392  -10.772 1.00 52.42  ? 14  ALA B C   1 
ATOM   497 O  O   . ALA B 1 14 ? -4.293  -6.429  -11.416 1.00 65.52  ? 14  ALA B O   1 
ATOM   498 C  CB  . ALA B 1 14 ? -3.134  -5.268  -8.487  1.00 53.56  ? 14  ALA B CB  1 
ATOM   499 N  N   . LYS B 1 15 ? -3.787  -4.237  -11.317 1.00 55.47  ? 15  LYS B N   1 
ATOM   500 C  CA  . LYS B 1 15 ? -3.296  -4.124  -12.684 1.00 51.56  ? 15  LYS B CA  1 
ATOM   501 C  C   . LYS B 1 15 ? -1.884  -4.701  -12.769 1.00 58.75  ? 15  LYS B C   1 
ATOM   502 O  O   . LYS B 1 15 ? -1.087  -4.564  -11.837 1.00 54.18  ? 15  LYS B O   1 
ATOM   503 C  CB  . LYS B 1 15 ? -3.212  -2.654  -13.098 1.00 64.76  ? 15  LYS B CB  1 
ATOM   504 C  CG  . LYS B 1 15 ? -4.414  -1.874  -13.661 1.00 70.47  ? 15  LYS B CG  1 
ATOM   505 C  CD  . LYS B 1 15 ? -5.398  -2.563  -14.607 1.00 82.26  ? 15  LYS B CD  1 
ATOM   506 C  CE  . LYS B 1 15 ? -6.582  -3.207  -13.898 1.00 83.36  ? 15  LYS B CE  1 
ATOM   507 N  NZ  . LYS B 1 15 ? -7.354  -4.054  -14.841 1.00 92.26  ? 15  LYS B NZ  1 
ATOM   508 N  N   . GLU B 1 16 ? -1.538  -5.307  -13.909 1.00 55.14  ? 16  GLU B N   1 
ATOM   509 C  CA  . GLU B 1 16 ? -0.187  -5.861  -14.000 1.00 53.72  ? 16  GLU B CA  1 
ATOM   510 C  C   . GLU B 1 16 ? 0.873   -4.770  -13.912 1.00 54.35  ? 16  GLU B C   1 
ATOM   511 O  O   . GLU B 1 16 ? 1.964   -5.001  -13.372 1.00 55.71  ? 16  GLU B O   1 
ATOM   512 C  CB  . GLU B 1 16 ? 0.001   -6.655  -15.280 1.00 62.68  ? 16  GLU B CB  1 
ATOM   513 C  CG  . GLU B 1 16 ? 1.037   -7.761  -15.109 1.00 72.43  ? 16  GLU B CG  1 
ATOM   514 C  CD  . GLU B 1 16 ? 2.469   -7.294  -15.353 1.00 75.72  ? 16  GLU B CD  1 
ATOM   515 O  OE1 . GLU B 1 16 ? 2.643   -6.196  -15.922 1.00 89.96  ? 16  GLU B OE1 1 
ATOM   516 O  OE2 . GLU B 1 16 ? 3.421   -8.036  -15.006 1.00 67.70  ? 16  GLU B OE2 1 
ATOM   517 N  N   . SER B 1 17 ? 0.570   -3.571  -14.419 1.00 53.94  ? 17  SER B N   1 
ATOM   518 C  CA  . SER B 1 17 ? 1.505   -2.455  -14.292 1.00 61.28  ? 17  SER B CA  1 
ATOM   519 C  C   . SER B 1 17 ? 1.650   -2.010  -12.845 1.00 53.65  ? 17  SER B C   1 
ATOM   520 O  O   . SER B 1 17 ? 2.702   -1.492  -12.455 1.00 57.47  ? 17  SER B O   1 
ATOM   521 C  CB  . SER B 1 17 ? 1.036   -1.278  -15.139 1.00 58.46  ? 17  SER B CB  1 
ATOM   522 O  OG  . SER B 1 17 ? -0.277  -0.895  -14.760 1.00 63.82  ? 17  SER B OG  1 
ATOM   523 N  N   . GLN B 1 18 ? 0.602   -2.176  -12.044 1.00 56.73  ? 18  GLN B N   1 
ATOM   524 C  CA  . GLN B 1 18 ? 0.731   -1.901  -10.620 1.00 51.11  ? 18  GLN B CA  1 
ATOM   525 C  C   . GLN B 1 18 ? 1.652   -2.921  -9.964  1.00 46.16  ? 18  GLN B C   1 
ATOM   526 O  O   . GLN B 1 18 ? 2.543   -2.557  -9.189  1.00 43.18  ? 18  GLN B O   1 
ATOM   527 C  CB  . GLN B 1 18 ? -0.643  -1.905  -9.944  1.00 46.01  ? 18  GLN B CB  1 
ATOM   528 C  CG  . GLN B 1 18 ? -1.568  -0.755  -10.366 1.00 53.23  ? 18  GLN B CG  1 
ATOM   529 C  CD  . GLN B 1 18 ? -2.934  -0.828  -9.711  1.00 51.12  ? 18  GLN B CD  1 
ATOM   530 O  OE1 . GLN B 1 18 ? -3.620  -1.839  -9.796  1.00 50.28  ? 18  GLN B OE1 1 
ATOM   531 N  NE2 . GLN B 1 18 ? -3.345  0.259   -9.079  1.00 53.02  ? 18  GLN B NE2 1 
ATOM   532 N  N   . ARG B 1 19 ? 1.433   -4.210  -10.235 1.00 48.85  ? 19  ARG B N   1 
ATOM   533 C  CA  . ARG B 1 19 ? 2.287   -5.223  -9.625  1.00 50.54  ? 19  ARG B CA  1 
ATOM   534 C  C   . ARG B 1 19 ? 3.729   -5.026  -10.039 1.00 47.99  ? 19  ARG B C   1 
ATOM   535 O  O   . ARG B 1 19 ? 4.634   -5.104  -9.200  1.00 49.81  ? 19  ARG B O   1 
ATOM   536 C  CB  . ARG B 1 19 ? 1.813   -6.630  -9.986  1.00 57.49  ? 19  ARG B CB  1 
ATOM   537 C  CG  . ARG B 1 19 ? 2.791   -7.723  -9.586  1.00 51.56  ? 19  ARG B CG  1 
ATOM   538 C  CD  . ARG B 1 19 ? 2.807   -8.843  -10.608 1.00 61.37  ? 19  ARG B CD  1 
ATOM   539 N  NE  . ARG B 1 19 ? 3.407   -8.468  -11.889 1.00 69.25  ? 19  ARG B NE  1 
ATOM   540 C  CZ  . ARG B 1 19 ? 4.711   -8.349  -12.135 1.00 73.38  ? 19  ARG B CZ  1 
ATOM   541 N  NH1 . ARG B 1 19 ? 5.624   -8.559  -11.196 1.00 68.02  ? 19  ARG B NH1 1 
ATOM   542 N  NH2 . ARG B 1 19 ? 5.112   -8.035  -13.363 1.00 67.95  ? 19  ARG B NH2 1 
ATOM   543 N  N   . ALA B 1 20 ? 3.955   -4.720  -11.318 1.00 43.64  ? 20  ALA B N   1 
ATOM   544 C  CA  . ALA B 1 20 ? 5.310   -4.505  -11.803 1.00 48.00  ? 20  ALA B CA  1 
ATOM   545 C  C   . ALA B 1 20 ? 5.956   -3.315  -11.117 1.00 52.10  ? 20  ALA B C   1 
ATOM   546 O  O   . ALA B 1 20 ? 7.146   -3.342  -10.787 1.00 43.17  ? 20  ALA B O   1 
ATOM   547 C  CB  . ALA B 1 20 ? 5.301   -4.294  -13.314 1.00 60.48  ? 20  ALA B CB  1 
ATOM   548 N  N   . LEU B 1 21 ? 5.191   -2.256  -10.897 1.00 49.93  ? 21  LEU B N   1 
ATOM   549 C  CA  . LEU B 1 21 ? 5.754   -1.093  -10.228 1.00 41.41  ? 21  LEU B CA  1 
ATOM   550 C  C   . LEU B 1 21 ? 6.106   -1.396  -8.769  1.00 44.42  ? 21  LEU B C   1 
ATOM   551 O  O   . LEU B 1 21 ? 7.198   -1.051  -8.307  1.00 41.52  ? 21  LEU B O   1 
ATOM   552 C  CB  . LEU B 1 21 ? 4.772   0.069   -10.353 1.00 44.18  ? 21  LEU B CB  1 
ATOM   553 C  CG  . LEU B 1 21 ? 5.270   1.424   -9.881  1.00 46.03  ? 21  LEU B CG  1 
ATOM   554 C  CD1 . LEU B 1 21 ? 6.223   2.065   -10.859 1.00 44.64  ? 21  LEU B CD1 1 
ATOM   555 C  CD2 . LEU B 1 21 ? 4.030   2.289   -9.720  1.00 53.99  ? 21  LEU B CD2 1 
ATOM   556 N  N   . ILE B 1 22 ? 5.192   -2.035  -8.022  1.00 40.21  ? 22  ILE B N   1 
ATOM   557 C  CA  . ILE B 1 22 ? 5.448   -2.338  -6.610  1.00 38.41  ? 22  ILE B CA  1 
ATOM   558 C  C   . ILE B 1 22 ? 6.657   -3.262  -6.469  1.00 44.00  ? 22  ILE B C   1 
ATOM   559 O  O   . ILE B 1 22 ? 7.542   -3.037  -5.630  1.00 40.53  ? 22  ILE B O   1 
ATOM   560 C  CB  . ILE B 1 22 ? 4.190   -2.942  -5.953  1.00 39.74  ? 22  ILE B CB  1 
ATOM   561 C  CG1 . ILE B 1 22 ? 3.111   -1.861  -5.745  1.00 39.05  ? 22  ILE B CG1 1 
ATOM   562 C  CG2 . ILE B 1 22 ? 4.546   -3.616  -4.635  1.00 41.52  ? 22  ILE B CG2 1 
ATOM   563 C  CD1 . ILE B 1 22 ? 1.711   -2.403  -5.460  1.00 44.47  ? 22  ILE B CD1 1 
ATOM   564 N  N   . ASP B 1 23 ? 6.734   -4.301  -7.307  1.00 38.95  ? 23  ASP B N   1 
ATOM   565 C  CA  . ASP B 1 23 ? 7.855   -5.235  -7.211  1.00 42.17  ? 23  ASP B CA  1 
ATOM   566 C  C   . ASP B 1 23 ? 9.189   -4.537  -7.468  1.00 41.12  ? 23  ASP B C   1 
ATOM   567 O  O   . ASP B 1 23 ? 10.176  -4.807  -6.781  1.00 38.92  ? 23  ASP B O   1 
ATOM   568 C  CB  . ASP B 1 23 ? 7.647   -6.404  -8.175  1.00 52.14  ? 23  ASP B CB  1 
ATOM   569 C  CG  . ASP B 1 23 ? 6.712   -7.479  -7.596  1.00 55.02  ? 23  ASP B CG  1 
ATOM   570 O  OD1 . ASP B 1 23 ? 6.650   -7.594  -6.357  1.00 57.61  ? 23  ASP B OD1 1 
ATOM   571 O  OD2 . ASP B 1 23 ? 6.057   -8.218  -8.369  1.00 57.22  ? 23  ASP B OD2 1 
ATOM   572 N  N   . ALA B 1 24 ? 9.228   -3.611  -8.436  1.00 44.29  ? 24  ALA B N   1 
ATOM   573 C  CA  . ALA B 1 24 ? 10.449  -2.861  -8.716  1.00 40.17  ? 24  ALA B CA  1 
ATOM   574 C  C   . ALA B 1 24 ? 10.914  -2.070  -7.500  1.00 41.88  ? 24  ALA B C   1 
ATOM   575 O  O   . ALA B 1 24 ? 12.110  -2.024  -7.186  1.00 38.10  ? 24  ALA B O   1 
ATOM   576 C  CB  . ALA B 1 24 ? 10.214  -1.922  -9.896  1.00 45.84  ? 24  ALA B CB  1 
ATOM   577 N  N   . ALA B 1 25 ? 9.990   -1.402  -6.821  1.00 35.76  ? 25  ALA B N   1 
ATOM   578 C  CA  . ALA B 1 25 ? 10.385  -0.647  -5.641  1.00 36.40  ? 25  ALA B CA  1 
ATOM   579 C  C   . ALA B 1 25 ? 10.712  -1.571  -4.477  1.00 35.11  ? 25  ALA B C   1 
ATOM   580 O  O   . ALA B 1 25 ? 11.628  -1.284  -3.696  1.00 40.49  ? 25  ALA B O   1 
ATOM   581 C  CB  . ALA B 1 25 ? 9.276   0.336   -5.248  1.00 38.86  ? 25  ALA B CB  1 
ATOM   582 N  N   . ALA B 1 26 ? 9.983   -2.685  -4.343  1.00 34.63  ? 26  ALA B N   1 
ATOM   583 C  CA  . ALA B 1 26 ? 10.314  -3.666  -3.305  1.00 38.69  ? 26  ALA B CA  1 
ATOM   584 C  C   . ALA B 1 26 ? 11.740  -4.182  -3.475  1.00 44.57  ? 26  ALA B C   1 
ATOM   585 O  O   . ALA B 1 26 ? 12.502  -4.273  -2.500  1.00 40.22  ? 26  ALA B O   1 
ATOM   586 C  CB  . ALA B 1 26 ? 9.312   -4.825  -3.334  1.00 36.01  ? 26  ALA B CB  1 
ATOM   587 N  N   . GLU B 1 27 ? 12.125  -4.503  -4.716  1.00 40.57  ? 27  GLU B N   1 
ATOM   588 C  CA  . GLU B 1 27 ? 13.489  -4.945  -4.981  1.00 40.48  ? 27  GLU B CA  1 
ATOM   589 C  C   . GLU B 1 27 ? 14.500  -3.870  -4.580  1.00 50.05  ? 27  GLU B C   1 
ATOM   590 O  O   . GLU B 1 27 ? 15.516  -4.164  -3.941  1.00 45.65  ? 27  GLU B O   1 
ATOM   591 C  CB  . GLU B 1 27 ? 13.645  -5.307  -6.460  1.00 41.38  ? 27  GLU B CB  1 
ATOM   592 C  CG  . GLU B 1 27 ? 15.118  -5.622  -6.848  1.00 57.24  ? 27  GLU B CG  1 
ATOM   593 C  CD  . GLU B 1 27 ? 15.344  -5.830  -8.362  1.00 72.71  ? 27  GLU B CD  1 
ATOM   594 O  OE1 . GLU B 1 27 ? 14.938  -4.950  -9.159  1.00 66.78  ? 27  GLU B OE1 1 
ATOM   595 O  OE2 . GLU B 1 27 ? 15.974  -6.847  -8.752  1.00 73.58  ? 27  GLU B OE2 1 
ATOM   596 N  N   . ILE B 1 28 ? 14.236  -2.612  -4.955  1.00 46.33  ? 28  ILE B N   1 
ATOM   597 C  CA  . ILE B 1 28 ? 15.160  -1.520  -4.646  1.00 42.41  ? 28  ILE B CA  1 
ATOM   598 C  C   . ILE B 1 28 ? 15.410  -1.451  -3.146  1.00 46.79  ? 28  ILE B C   1 
ATOM   599 O  O   . ILE B 1 28 ? 16.540  -1.251  -2.691  1.00 45.63  ? 28  ILE B O   1 
ATOM   600 C  CB  . ILE B 1 28 ? 14.594  -0.190  -5.177  1.00 43.66  ? 28  ILE B CB  1 
ATOM   601 C  CG1 . ILE B 1 28 ? 14.725  -0.115  -6.687  1.00 46.08  ? 28  ILE B CG1 1 
ATOM   602 C  CG2 . ILE B 1 28 ? 15.328  0.980   -4.560  1.00 49.18  ? 28  ILE B CG2 1 
ATOM   603 C  CD1 . ILE B 1 28 ? 14.272  1.203   -7.258  1.00 45.33  ? 28  ILE B CD1 1 
ATOM   604 N  N   . LEU B 1 29 ? 14.374  -1.639  -2.353  1.00 41.66  ? 29  LEU B N   1 
ATOM   605 C  CA  . LEU B 1 29 ? 14.518  -1.515  -0.916  1.00 42.68  ? 29  LEU B CA  1 
ATOM   606 C  C   . LEU B 1 29 ? 14.889  -2.829  -0.248  1.00 46.68  ? 29  LEU B C   1 
ATOM   607 O  O   . LEU B 1 29 ? 14.955  -2.883  0.982   1.00 49.18  ? 29  LEU B O   1 
ATOM   608 C  CB  . LEU B 1 29 ? 13.218  -0.980  -0.315  1.00 44.74  ? 29  LEU B CB  1 
ATOM   609 C  CG  . LEU B 1 29 ? 12.832  0.428   -0.779  1.00 41.96  ? 29  LEU B CG  1 
ATOM   610 C  CD1 . LEU B 1 29 ? 11.388  0.686   -0.355  1.00 52.15  ? 29  LEU B CD1 1 
ATOM   611 C  CD2 . LEU B 1 29 ? 13.754  1.491   -0.206  1.00 46.39  ? 29  LEU B CD2 1 
ATOM   612 N  N   . HIS B 1 30 ? 15.125  -3.885  -1.019  1.00 43.28  ? 30  HIS B N   1 
ATOM   613 C  CA  . HIS B 1 30 ? 15.448  -5.191  -0.451  1.00 45.25  ? 30  HIS B CA  1 
ATOM   614 C  C   . HIS B 1 30 ? 14.399  -5.630  0.572   1.00 49.36  ? 30  HIS B C   1 
ATOM   615 O  O   . HIS B 1 30 ? 14.711  -6.112  1.662   1.00 47.27  ? 30  HIS B O   1 
ATOM   616 C  CB  . HIS B 1 30 ? 16.846  -5.174  0.163   1.00 57.67  ? 30  HIS B CB  1 
ATOM   617 C  CG  . HIS B 1 30 ? 17.947  -5.112  -0.851  1.00 54.81  ? 30  HIS B CG  1 
ATOM   618 N  ND1 . HIS B 1 30 ? 18.484  -3.924  -1.297  1.00 62.45  ? 30  HIS B ND1 1 
ATOM   619 C  CD2 . HIS B 1 30 ? 18.603  -6.093  -1.518  1.00 62.23  ? 30  HIS B CD2 1 
ATOM   620 C  CE1 . HIS B 1 30 ? 19.434  -4.172  -2.183  1.00 53.40  ? 30  HIS B CE1 1 
ATOM   621 N  NE2 . HIS B 1 30 ? 19.522  -5.482  -2.339  1.00 65.87  ? 30  HIS B NE2 1 
ATOM   622 N  N   . LYS B 1 31 ? 13.130  -5.467  0.199   1.00 45.59  ? 31  LYS B N   1 
ATOM   623 C  CA  . LYS B 1 31 ? 12.005  -5.778  1.060   1.00 45.80  ? 31  LYS B CA  1 
ATOM   624 C  C   . LYS B 1 31 ? 11.070  -6.727  0.322   1.00 46.45  ? 31  LYS B C   1 
ATOM   625 O  O   . LYS B 1 31 ? 10.992  -6.704  -0.909  1.00 40.63  ? 31  LYS B O   1 
ATOM   626 C  CB  . LYS B 1 31 ? 11.294  -4.480  1.445   1.00 52.86  ? 31  LYS B CB  1 
ATOM   627 C  CG  . LYS B 1 31 ? 11.607  -4.038  2.855   1.00 53.91  ? 31  LYS B CG  1 
ATOM   628 C  CD  . LYS B 1 31 ? 10.435  -3.358  3.482   1.00 59.43  ? 31  LYS B CD  1 
ATOM   629 C  CE  . LYS B 1 31 ? 10.508  -1.879  3.158   1.00 68.99  ? 31  LYS B CE  1 
ATOM   630 N  NZ  . LYS B 1 31 ? 9.384   -1.106  3.799   1.00 80.02  ? 31  LYS B NZ  1 
ATOM   631 N  N   . SER B 1 32 ? 10.379  -7.590  1.061   1.00 43.76  ? 32  SER B N   1 
ATOM   632 C  CA  . SER B 1 32 ? 9.375   -8.422  0.411   1.00 48.54  ? 32  SER B CA  1 
ATOM   633 C  C   . SER B 1 32 ? 8.269   -7.533  -0.125  1.00 43.59  ? 32  SER B C   1 
ATOM   634 O  O   . SER B 1 32 ? 8.034   -6.438  0.389   1.00 38.91  ? 32  SER B O   1 
ATOM   635 C  CB  . SER B 1 32 ? 8.772   -9.452  1.365   1.00 42.94  ? 32  SER B CB  1 
ATOM   636 O  OG  . SER B 1 32 ? 7.885   -8.840  2.275   1.00 47.38  ? 32  SER B OG  1 
ATOM   637 N  N   . ARG B 1 33 ? 7.622   -7.995  -1.196  1.00 40.98  ? 33  ARG B N   1 
ATOM   638 C  CA  . ARG B 1 33 ? 6.494   -7.247  -1.726  1.00 45.96  ? 33  ARG B CA  1 
ATOM   639 C  C   . ARG B 1 33 ? 5.447   -7.029  -0.649  1.00 43.84  ? 33  ARG B C   1 
ATOM   640 O  O   . ARG B 1 33 ? 4.906   -5.922  -0.493  1.00 44.95  ? 33  ARG B O   1 
ATOM   641 C  CB  . ARG B 1 33 ? 5.861   -7.980  -2.896  1.00 46.14  ? 33  ARG B CB  1 
ATOM   642 C  CG  . ARG B 1 33 ? 4.742   -7.167  -3.460  1.00 39.60  ? 33  ARG B CG  1 
ATOM   643 C  CD  . ARG B 1 33 ? 4.228   -7.704  -4.727  1.00 51.67  ? 33  ARG B CD  1 
ATOM   644 N  NE  . ARG B 1 33 ? 3.756   -9.063  -4.529  1.00 52.01  ? 33  ARG B NE  1 
ATOM   645 C  CZ  . ARG B 1 33 ? 3.789   -9.996  -5.463  1.00 56.53  ? 33  ARG B CZ  1 
ATOM   646 N  NH1 . ARG B 1 33 ? 4.263   -9.745  -6.674  1.00 60.99  ? 33  ARG B NH1 1 
ATOM   647 N  NH2 . ARG B 1 33 ? 3.333   -11.211 -5.177  1.00 61.00  ? 33  ARG B NH2 1 
ATOM   648 N  N   . THR B 1 34 ? 5.156   -8.076  0.113   1.00 40.73  ? 34  THR B N   1 
ATOM   649 C  CA  . THR B 1 34 ? 4.176   -7.952  1.179   1.00 36.72  ? 34  THR B CA  1 
ATOM   650 C  C   . THR B 1 34 ? 4.585   -6.891  2.192   1.00 41.82  ? 34  THR B C   1 
ATOM   651 O  O   . THR B 1 34 ? 3.770   -6.056  2.576   1.00 39.47  ? 34  THR B O   1 
ATOM   652 C  CB  . THR B 1 34 ? 3.964   -9.301  1.840   1.00 45.58  ? 34  THR B CB  1 
ATOM   653 O  OG1 . THR B 1 34 ? 3.404   -10.196 0.869   1.00 45.85  ? 34  THR B OG1 1 
ATOM   654 C  CG2 . THR B 1 34 ? 3.027   -9.176  3.035   1.00 45.17  ? 34  THR B CG2 1 
ATOM   655 N  N   . ASP B 1 35 ? 5.849   -6.890  2.627   1.00 39.41  ? 35  ASP B N   1 
ATOM   656 C  CA  . ASP B 1 35 ? 6.249   -5.913  3.641   1.00 40.79  ? 35  ASP B CA  1 
ATOM   657 C  C   . ASP B 1 35 ? 6.183   -4.497  3.090   1.00 39.26  ? 35  ASP B C   1 
ATOM   658 O  O   . ASP B 1 35 ? 5.774   -3.567  3.796   1.00 44.89  ? 35  ASP B O   1 
ATOM   659 C  CB  . ASP B 1 35 ? 7.655   -6.206  4.164   1.00 45.47  ? 35  ASP B CB  1 
ATOM   660 C  CG  . ASP B 1 35 ? 7.666   -7.208  5.314   1.00 61.10  ? 35  ASP B CG  1 
ATOM   661 O  OD1 . ASP B 1 35 ? 6.624   -7.413  5.975   1.00 55.17  ? 35  ASP B OD1 1 
ATOM   662 O  OD2 . ASP B 1 35 ? 8.738   -7.809  5.540   1.00 61.59  ? 35  ASP B OD2 1 
ATOM   663 N  N   . PHE B 1 36 ? 6.574   -4.316  1.833   1.00 46.15  ? 36  PHE B N   1 
ATOM   664 C  CA  . PHE B 1 36 ? 6.516   -2.987  1.245   1.00 43.63  ? 36  PHE B CA  1 
ATOM   665 C  C   . PHE B 1 36 ? 5.089   -2.482  1.201   1.00 39.49  ? 36  PHE B C   1 
ATOM   666 O  O   . PHE B 1 36 ? 4.829   -1.319  1.522   1.00 38.59  ? 36  PHE B O   1 
ATOM   667 C  CB  . PHE B 1 36 ? 7.105   -2.989  -0.158  1.00 37.79  ? 36  PHE B CB  1 
ATOM   668 C  CG  . PHE B 1 36 ? 6.967   -1.664  -0.867  1.00 37.51  ? 36  PHE B CG  1 
ATOM   669 C  CD1 . PHE B 1 36 ? 7.812   -0.610  -0.556  1.00 42.13  ? 36  PHE B CD1 1 
ATOM   670 C  CD2 . PHE B 1 36 ? 6.026   -1.481  -1.857  1.00 42.56  ? 36  PHE B CD2 1 
ATOM   671 C  CE1 . PHE B 1 36 ? 7.711   0.606   -1.219  1.00 46.66  ? 36  PHE B CE1 1 
ATOM   672 C  CE2 . PHE B 1 36 ? 5.914   -0.255  -2.521  1.00 44.82  ? 36  PHE B CE2 1 
ATOM   673 C  CZ  . PHE B 1 36 ? 6.755   0.781   -2.198  1.00 42.36  ? 36  PHE B CZ  1 
ATOM   674 N  N   . ILE B 1 37 ? 4.149   -3.338  0.789   1.00 33.22  ? 37  ILE B N   1 
ATOM   675 C  CA  . ILE B 1 37 ? 2.780   -2.881  0.584   1.00 41.04  ? 37  ILE B CA  1 
ATOM   676 C  C   . ILE B 1 37 ? 2.127   -2.531  1.915   1.00 41.22  ? 37  ILE B C   1 
ATOM   677 O  O   . ILE B 1 37 ? 1.489   -1.484  2.048   1.00 43.76  ? 37  ILE B O   1 
ATOM   678 C  CB  . ILE B 1 37 ? 1.953   -3.935  -0.180  1.00 38.58  ? 37  ILE B CB  1 
ATOM   679 C  CG1 . ILE B 1 37 ? 2.336   -3.986  -1.654  1.00 41.15  ? 37  ILE B CG1 1 
ATOM   680 C  CG2 . ILE B 1 37 ? 0.461   -3.635  -0.017  1.00 39.00  ? 37  ILE B CG2 1 
ATOM   681 C  CD1 . ILE B 1 37 ? 1.598   -5.069  -2.445  1.00 41.00  ? 37  ILE B CD1 1 
ATOM   682 N  N   . LEU B 1 38 ? 2.260   -3.418  2.913   1.00 42.65  ? 38  LEU B N   1 
ATOM   683 C  CA  . LEU B 1 38 ? 1.632   -3.209  4.214   1.00 38.29  ? 38  LEU B CA  1 
ATOM   684 C  C   . LEU B 1 38 ? 2.228   -2.004  4.915   1.00 41.34  ? 38  LEU B C   1 
ATOM   685 O  O   . LEU B 1 38 ? 1.495   -1.195  5.491   1.00 40.29  ? 38  LEU B O   1 
ATOM   686 C  CB  . LEU B 1 38 ? 1.807   -4.457  5.089   1.00 40.57  ? 38  LEU B CB  1 
ATOM   687 C  CG  . LEU B 1 38 ? 1.171   -5.779  4.616   1.00 43.62  ? 38  LEU B CG  1 
ATOM   688 C  CD1 . LEU B 1 38 ? 1.172   -6.891  5.674   1.00 44.46  ? 38  LEU B CD1 1 
ATOM   689 C  CD2 . LEU B 1 38 ? -0.232  -5.541  4.080   1.00 45.95  ? 38  LEU B CD2 1 
ATOM   690 N  N   . GLU B 1 39 ? 3.555   -1.863  4.872   1.00 37.19  ? 39  GLU B N   1 
ATOM   691 C  CA  . GLU B 1 39 ? 4.207   -0.782  5.597   1.00 37.53  ? 39  GLU B CA  1 
ATOM   692 C  C   . GLU B 1 39 ? 3.781   0.573   5.038   1.00 43.74  ? 39  GLU B C   1 
ATOM   693 O  O   . GLU B 1 39 ? 3.405   1.479   5.795   1.00 44.33  ? 39  GLU B O   1 
ATOM   694 C  CB  . GLU B 1 39 ? 5.734   -0.956  5.555   1.00 45.90  ? 39  GLU B CB  1 
ATOM   695 C  CG  . GLU B 1 39 ? 6.231   -2.006  6.580   1.00 58.49  ? 39  GLU B CG  1 
ATOM   696 C  CD  . GLU B 1 39 ? 7.729   -2.309  6.523   0.00 61.53  ? 39  GLU B CD  1 
ATOM   697 O  OE1 . GLU B 1 39 ? 8.428   -1.776  5.643   1.00 65.26  ? 39  GLU B OE1 1 
ATOM   698 O  OE2 . GLU B 1 39 ? 8.202   -3.141  7.333   1.00 75.13  ? 39  GLU B OE2 1 
ATOM   699 N  N   . THR B 1 40 ? 3.780   0.722   3.710   1.00 37.06  ? 40  THR B N   1 
ATOM   700 C  CA  . THR B 1 40 ? 3.324   1.988   3.136   1.00 37.63  ? 40  THR B CA  1 
ATOM   701 C  C   . THR B 1 40 ? 1.831   2.214   3.376   1.00 41.56  ? 40  THR B C   1 
ATOM   702 O  O   . THR B 1 40 ? 1.416   3.335   3.661   1.00 33.78  ? 40  THR B O   1 
ATOM   703 C  CB  . THR B 1 40 ? 3.655   2.053   1.644   1.00 39.92  ? 40  THR B CB  1 
ATOM   704 O  OG1 . THR B 1 40 ? 2.904   1.065   0.937   1.00 46.50  ? 40  THR B OG1 1 
ATOM   705 C  CG2 . THR B 1 40 ? 5.132   1.786   1.415   1.00 38.77  ? 40  THR B CG2 1 
ATOM   706 N  N   . ALA B 1 41 ? 1.004   1.169   3.278   1.00 37.23  ? 41  ALA B N   1 
ATOM   707 C  CA  . ALA B 1 41 ? -0.425  1.384   3.471   1.00 41.09  ? 41  ALA B CA  1 
ATOM   708 C  C   . ALA B 1 41 ? -0.750  1.672   4.935   1.00 35.64  ? 41  ALA B C   1 
ATOM   709 O  O   . ALA B 1 41 ? -1.609  2.508   5.224   1.00 45.27  ? 41  ALA B O   1 
ATOM   710 C  CB  . ALA B 1 41 ? -1.224  0.186   2.960   1.00 37.82  ? 41  ALA B CB  1 
ATOM   711 N  N   . CYS B 1 42 ? -0.092  0.990   5.874   1.00 39.58  ? 42  CYS B N   1 
ATOM   712 C  CA  . CYS B 1 42 ? -0.327  1.283   7.285   1.00 42.81  ? 42  CYS B CA  1 
ATOM   713 C  C   . CYS B 1 42 ? 0.137   2.687   7.651   1.00 45.99  ? 42  CYS B C   1 
ATOM   714 O  O   . CYS B 1 42 ? -0.543  3.391   8.405   1.00 42.37  ? 42  CYS B O   1 
ATOM   715 C  CB  . CYS B 1 42 ? 0.367   0.251   8.167   1.00 41.53  ? 42  CYS B CB  1 
ATOM   716 S  SG  . CYS B 1 42 ? -0.475  -1.334  8.139   1.00 45.33  ? 42  CYS B SG  1 
ATOM   717 N  N   . GLN B 1 43 ? 1.294   3.108   7.139   1.00 40.83  ? 43  GLN B N   1 
ATOM   718 C  CA  . GLN B 1 43 ? 1.765   4.474   7.372   1.00 42.57  ? 43  GLN B CA  1 
ATOM   719 C  C   . GLN B 1 43 ? 0.768   5.498   6.849   1.00 44.91  ? 43  GLN B C   1 
ATOM   720 O  O   . GLN B 1 43 ? 0.411   6.453   7.551   1.00 49.30  ? 43  GLN B O   1 
ATOM   721 C  CB  . GLN B 1 43 ? 3.127   4.677   6.715   1.00 47.76  ? 43  GLN B CB  1 
ATOM   722 C  CG  . GLN B 1 43 ? 4.232   4.914   7.706   1.00 69.52  ? 43  GLN B CG  1 
ATOM   723 C  CD  . GLN B 1 43 ? 5.593   4.595   7.123   1.00 77.80  ? 43  GLN B CD  1 
ATOM   724 O  OE1 . GLN B 1 43 ? 5.846   4.829   5.935   1.00 76.66  ? 43  GLN B OE1 1 
ATOM   725 N  NE2 . GLN B 1 43 ? 6.476   4.040   7.951   1.00 74.73  ? 43  GLN B NE2 1 
ATOM   726 N  N   . ALA B 1 44 ? 0.289   5.309   5.618   1.00 41.07  ? 44  ALA B N   1 
ATOM   727 C  CA  . ALA B 1 44 ? -0.731  6.207   5.092   1.00 41.20  ? 44  ALA B CA  1 
ATOM   728 C  C   . ALA B 1 44 ? -2.001  6.186   5.944   1.00 45.56  ? 44  ALA B C   1 
ATOM   729 O  O   . ALA B 1 44 ? -2.600  7.234   6.196   1.00 38.85  ? 44  ALA B O   1 
ATOM   730 C  CB  . ALA B 1 44 ? -1.049  5.827   3.657   1.00 41.54  ? 44  ALA B CB  1 
ATOM   731 N  N   . ALA B 1 45 ? -2.434  4.999   6.386   1.00 44.27  ? 45  ALA B N   1 
ATOM   732 C  CA  . ALA B 1 45 ? -3.678  4.883   7.155   1.00 41.82  ? 45  ALA B CA  1 
ATOM   733 C  C   . ALA B 1 45 ? -3.580  5.618   8.483   1.00 45.73  ? 45  ALA B C   1 
ATOM   734 O  O   . ALA B 1 45 ? -4.506  6.342   8.879   1.00 48.63  ? 45  ALA B O   1 
ATOM   735 C  CB  . ALA B 1 45 ? -4.014  3.412   7.417   1.00 36.35  ? 45  ALA B CB  1 
ATOM   736 N  N   . GLU B 1 46 ? -2.510  5.355   9.230   1.00 39.06  ? 46  GLU B N   1 
ATOM   737 C  CA  . GLU B 1 46 ? -2.205  6.128   10.424  1.00 48.45  ? 46  GLU B CA  1 
ATOM   738 C  C   . GLU B 1 46 ? -2.402  7.606   10.163  1.00 52.61  ? 46  GLU B C   1 
ATOM   739 O  O   . GLU B 1 46 ? -3.149  8.282   10.876  1.00 49.69  ? 46  GLU B O   1 
ATOM   740 C  CB  . GLU B 1 46 ? -0.769  5.860   10.840  1.00 50.03  ? 46  GLU B CB  1 
ATOM   741 C  CG  . GLU B 1 46 ? -0.609  4.815   11.908  1.00 63.88  ? 46  GLU B CG  1 
ATOM   742 C  CD  . GLU B 1 46 ? 0.858   4.644   12.304  1.00 97.65  ? 46  GLU B CD  1 
ATOM   743 O  OE1 . GLU B 1 46 ? 1.688   5.520   11.952  1.00 94.96  ? 46  GLU B OE1 1 
ATOM   744 O  OE2 . GLU B 1 46 ? 1.184   3.620   12.942  1.00 101.00 ? 46  GLU B OE2 1 
ATOM   745 N  N   . LYS B 1 47 ? -1.748  8.115   9.122   1.00 46.52  ? 47  LYS B N   1 
ATOM   746 C  CA  . LYS B 1 47 ? -1.890  9.520   8.769   1.00 46.13  ? 47  LYS B CA  1 
ATOM   747 C  C   . LYS B 1 47 ? -3.337  9.897   8.493   1.00 52.21  ? 47  LYS B C   1 
ATOM   748 O  O   . LYS B 1 47 ? -3.759  11.000  8.838   1.00 50.59  ? 47  LYS B O   1 
ATOM   749 C  CB  . LYS B 1 47 ? -1.003  9.845   7.573   1.00 52.84  ? 47  LYS B CB  1 
ATOM   750 C  CG  . LYS B 1 47 ? -1.270  11.209  6.946   1.00 69.27  ? 47  LYS B CG  1 
ATOM   751 C  CD  . LYS B 1 47 ? -0.678  11.333  5.528   1.00 74.72  ? 47  LYS B CD  1 
ATOM   752 C  CE  . LYS B 1 47 ? -0.766  10.049  4.699   1.00 72.45  ? 47  LYS B CE  1 
ATOM   753 N  NZ  . LYS B 1 47 ? -2.152  9.542   4.357   1.00 51.88  ? 47  LYS B NZ  1 
ATOM   754 N  N   . VAL B 1 48 ? -4.129  8.996   7.919   1.00 48.72  ? 48  VAL B N   1 
ATOM   755 C  CA  . VAL B 1 48 ? -5.497  9.368   7.565   1.00 45.89  ? 48  VAL B CA  1 
ATOM   756 C  C   . VAL B 1 48 ? -6.366  9.489   8.817   1.00 50.72  ? 48  VAL B C   1 
ATOM   757 O  O   . VAL B 1 48 ? -7.155  10.437  8.953   1.00 52.59  ? 48  VAL B O   1 
ATOM   758 C  CB  . VAL B 1 48 ? -6.079  8.369   6.545   1.00 44.54  ? 48  VAL B CB  1 
ATOM   759 C  CG1 . VAL B 1 48 ? -7.602  8.367   6.583   1.00 47.59  ? 48  VAL B CG1 1 
ATOM   760 C  CG2 . VAL B 1 48 ? -5.604  8.715   5.152   1.00 41.68  ? 48  VAL B CG2 1 
ATOM   761 N  N   . ILE B 1 49 ? -6.228  8.557   9.767   1.00 42.35  ? 49  ILE B N   1 
ATOM   762 C  CA  . ILE B 1 49 ? -7.057  8.649   10.966  1.00 54.37  ? 49  ILE B CA  1 
ATOM   763 C  C   . ILE B 1 49 ? -6.675  9.851   11.820  1.00 60.24  ? 49  ILE B C   1 
ATOM   764 O  O   . ILE B 1 49 ? -7.552  10.491  12.415  1.00 57.82  ? 49  ILE B O   1 
ATOM   765 C  CB  . ILE B 1 49 ? -7.047  7.336   11.781  1.00 50.26  ? 49  ILE B CB  1 
ATOM   766 C  CG1 . ILE B 1 49 ? -7.273  6.113   10.891  1.00 44.89  ? 49  ILE B CG1 1 
ATOM   767 C  CG2 . ILE B 1 49 ? -8.016  7.390   12.959  1.00 62.04  ? 49  ILE B CG2 1 
ATOM   768 C  CD1 . ILE B 1 49 ? -6.694  4.857   11.481  1.00 52.30  ? 49  ILE B CD1 1 
ATOM   769 N  N   . LEU B 1 50 ? -5.395  10.217  11.867  1.00 49.37  ? 50  LEU B N   1 
ATOM   770 C  CA  . LEU B 1 50 ? -5.016  11.347  12.707  1.00 57.76  ? 50  LEU B CA  1 
ATOM   771 C  C   . LEU B 1 50 ? -5.537  12.670  12.145  1.00 56.22  ? 50  LEU B C   1 
ATOM   772 O  O   . LEU B 1 50 ? -5.974  13.539  12.908  1.00 67.08  ? 50  LEU B O   1 
ATOM   773 C  CB  . LEU B 1 50 ? -3.502  11.373  12.898  1.00 53.47  ? 50  LEU B CB  1 
ATOM   774 C  CG  . LEU B 1 50 ? -2.948  10.093  13.545  1.00 51.07  ? 50  LEU B CG  1 
ATOM   775 C  CD1 . LEU B 1 50 ? -1.426  10.014  13.365  1.00 65.08  ? 50  LEU B CD1 1 
ATOM   776 C  CD2 . LEU B 1 50 ? -3.362  9.910   15.009  1.00 59.97  ? 50  LEU B CD2 1 
ATOM   777 N  N   . ASP B 1 51 ? -5.507  12.849  10.821  1.00 53.14  ? 51  ASP B N   1 
ATOM   778 C  CA  . ASP B 1 51 ? -6.088  14.053  10.233  1.00 53.48  ? 51  ASP B CA  1 
ATOM   779 C  C   . ASP B 1 51 ? -7.607  14.064  10.341  1.00 66.78  ? 51  ASP B C   1 
ATOM   780 O  O   . ASP B 1 51 ? -8.207  15.139  10.336  1.00 79.45  ? 51  ASP B O   1 
ATOM   781 C  CB  . ASP B 1 51 ? -5.661  14.208  8.770   1.00 64.93  ? 51  ASP B CB  1 
ATOM   782 C  CG  . ASP B 1 51 ? -4.142  14.059  8.572   1.00 79.28  ? 51  ASP B CG  1 
ATOM   783 O  OD1 . ASP B 1 51 ? -3.426  13.804  9.568   1.00 72.75  ? 51  ASP B OD1 1 
ATOM   784 O  OD2 . ASP B 1 51 ? -3.662  14.178  7.416   1.00 85.80  ? 51  ASP B OD2 1 
ATOM   785 N  N   . ARG B 1 52 ? -8.240  12.896  10.449  1.00 59.73  ? 52  ARG B N   1 
ATOM   786 C  CA  . ARG B 1 52 ? -9.675  12.861  10.673  1.00 67.63  ? 52  ARG B CA  1 
ATOM   787 C  C   . ARG B 1 52 ? -10.000 13.269  12.105  1.00 68.84  ? 52  ARG B C   1 
ATOM   788 O  O   . ARG B 1 52 ? -10.912 14.070  12.333  1.00 76.05  ? 52  ARG B O   1 
ATOM   789 C  CB  . ARG B 1 52 ? -10.211 11.465  10.357  1.00 58.51  ? 52  ARG B CB  1 
ATOM   790 C  CG  . ARG B 1 52 ? -11.660 11.267  10.719  1.00 64.04  ? 52  ARG B CG  1 
ATOM   791 C  CD  . ARG B 1 52 ? -12.523 12.173  9.883   1.00 70.17  ? 52  ARG B CD  1 
ATOM   792 N  NE  . ARG B 1 52 ? -13.649 11.445  9.313   1.00 86.39  ? 52  ARG B NE  1 
ATOM   793 C  CZ  . ARG B 1 52 ? -14.731 11.078  9.990   1.00 92.14  ? 52  ARG B CZ  1 
ATOM   794 N  NH1 . ARG B 1 52 ? -14.914 11.439  11.250  1.00 87.05  ? 52  ARG B NH1 1 
ATOM   795 N  NH2 . ARG B 1 52 ? -15.653 10.329  9.388   1.00 91.21  ? 52  ARG B NH2 1 
ATOM   796 N  N   . ARG B 1 53 ? -9.238  12.754  13.074  1.00 64.84  ? 53  ARG B N   1 
ATOM   797 C  CA  . ARG B 1 53 ? -9.487  13.062  14.479  1.00 74.59  ? 53  ARG B CA  1 
ATOM   798 C  C   . ARG B 1 53 ? -9.481  14.562  14.760  1.00 80.35  ? 53  ARG B C   1 
ATOM   799 O  O   . ARG B 1 53 ? -10.198 15.027  15.653  1.00 82.40  ? 53  ARG B O   1 
ATOM   800 C  CB  . ARG B 1 53 ? -8.464  12.347  15.369  1.00 72.90  ? 53  ARG B CB  1 
ATOM   801 C  CG  . ARG B 1 53 ? -8.583  10.828  15.341  1.00 70.44  ? 53  ARG B CG  1 
ATOM   802 C  CD  . ARG B 1 53 ? -8.319  10.223  16.719  1.00 86.92  ? 53  ARG B CD  1 
ATOM   803 N  NE  . ARG B 1 53 ? -7.647  8.927   16.670  1.00 92.17  ? 53  ARG B NE  1 
ATOM   804 C  CZ  . ARG B 1 53 ? -6.717  8.522   17.530  1.00 101.31 ? 53  ARG B CZ  1 
ATOM   805 N  NH1 . ARG B 1 53 ? -6.278  9.310   18.499  1.00 106.21 ? 53  ARG B NH1 1 
ATOM   806 N  NH2 . ARG B 1 53 ? -6.221  7.289   17.420  1.00 106.18 ? 53  ARG B NH2 1 
ATOM   807 N  N   . VAL B 1 54 ? -8.699  15.341  14.014  1.00 79.47  ? 54  VAL B N   1 
ATOM   808 C  CA  . VAL B 1 54 ? -8.734  16.779  14.254  1.00 77.95  ? 54  VAL B CA  1 
ATOM   809 C  C   . VAL B 1 54 ? -10.013 17.399  13.702  1.00 85.47  ? 54  VAL B C   1 
ATOM   810 O  O   . VAL B 1 54 ? -10.442 18.453  14.188  1.00 89.51  ? 54  VAL B O   1 
ATOM   811 C  CB  . VAL B 1 54 ? -7.485  17.479  13.686  1.00 78.65  ? 54  VAL B CB  1 
ATOM   812 C  CG1 . VAL B 1 54 ? -7.490  17.537  12.164  1.00 67.34  ? 54  VAL B CG1 1 
ATOM   813 C  CG2 . VAL B 1 54 ? -7.354  18.879  14.283  1.00 77.62  ? 54  VAL B CG2 1 
ATOM   814 N  N   . PHE B 1 55 ? -10.654 16.758  12.717  1.00 87.86  ? 55  PHE B N   1 
ATOM   815 C  CA  . PHE B 1 55 ? -11.920 17.279  12.204  1.00 84.38  ? 55  PHE B CA  1 
ATOM   816 C  C   . PHE B 1 55 ? -13.009 17.191  13.262  1.00 90.92  ? 55  PHE B C   1 
ATOM   817 O  O   . PHE B 1 55 ? -13.908 18.041  13.302  1.00 77.45  ? 55  PHE B O   1 
ATOM   818 C  CB  . PHE B 1 55 ? -12.294 16.539  10.908  1.00 93.55  ? 55  PHE B CB  1 
ATOM   819 C  CG  . PHE B 1 55 ? -13.750 16.689  10.462  1.00 100.04 ? 55  PHE B CG  1 
ATOM   820 C  CD1 . PHE B 1 55 ? -14.805 16.070  11.141  1.00 101.14 ? 55  PHE B CD1 1 
ATOM   821 C  CD2 . PHE B 1 55 ? -14.051 17.471  9.352   1.00 100.53 ? 55  PHE B CD2 1 
ATOM   822 C  CE1 . PHE B 1 55 ? -16.113 16.230  10.715  1.00 102.92 ? 55  PHE B CE1 1 
ATOM   823 C  CE2 . PHE B 1 55 ? -15.353 17.630  8.922   1.00 101.65 ? 55  PHE B CE2 1 
ATOM   824 C  CZ  . PHE B 1 55 ? -16.383 17.011  9.606   1.00 108.26 ? 55  PHE B CZ  1 
ATOM   825 N  N   . ASN B 1 56 ? -12.947 16.174  14.112  1.00 84.24  ? 56  ASN B N   1 
ATOM   826 C  CA  . ASN B 1 56 ? -13.892 16.039  15.201  1.00 93.97  ? 56  ASN B CA  1 
ATOM   827 C  C   . ASN B 1 56 ? -13.403 16.835  16.413  1.00 88.78  ? 56  ASN B C   1 
ATOM   828 O  O   . ASN B 1 56 ? -13.163 16.278  17.482  1.00 94.08  ? 56  ASN B O   1 
ATOM   829 C  CB  . ASN B 1 56 ? -14.090 14.561  15.556  1.00 95.29  ? 56  ASN B CB  1 
ATOM   830 C  CG  . ASN B 1 56 ? -15.109 13.867  14.649  1.00 100.94 ? 56  ASN B CG  1 
ATOM   831 O  OD1 . ASN B 1 56 ? -14.908 13.764  13.432  1.00 97.00  ? 56  ASN B OD1 1 
ATOM   832 N  ND2 . ASN B 1 56 ? -16.201 13.386  15.239  1.00 97.37  ? 56  ASN B ND2 1 
HETATM 833 MG MG  . MG  C 2 .  ? -9.238  17.028  -0.672  0.33 94.05  ? 101 MG  A MG  1 
HETATM 834 O  O   . HOH D 3 .  ? -12.875 -1.969  4.277   1.00 65.10  ? 201 HOH A O   1 
HETATM 835 O  O   . HOH D 3 .  ? -12.618 -11.162 9.861   1.00 75.82  ? 202 HOH A O   1 
HETATM 836 O  O   . HOH D 3 .  ? -3.466  -14.870 -4.956  1.00 74.32  ? 203 HOH A O   1 
HETATM 837 O  O   . HOH D 3 .  ? 4.673   -5.012  12.232  1.00 71.25  ? 204 HOH A O   1 
HETATM 838 O  O   . HOH D 3 .  ? 4.104   9.024   -5.618  1.00 57.81  ? 205 HOH A O   1 
HETATM 839 O  O   . HOH D 3 .  ? -11.666 -2.210  -5.400  1.00 50.02  ? 206 HOH A O   1 
HETATM 840 O  O   . HOH D 3 .  ? 2.025   6.183   -0.411  1.00 43.76  ? 207 HOH A O   1 
HETATM 841 O  O   . HOH D 3 .  ? -16.958 4.918   3.776   1.00 44.05  ? 208 HOH A O   1 
HETATM 842 O  O   . HOH D 3 .  ? -11.384 -1.410  10.946  1.00 47.95  ? 209 HOH A O   1 
HETATM 843 O  O   . HOH D 3 .  ? -12.814 4.918   10.119  1.00 47.15  ? 210 HOH A O   1 
HETATM 844 O  O   . HOH D 3 .  ? -12.699 2.838   -4.217  1.00 49.71  ? 211 HOH A O   1 
HETATM 845 O  O   . HOH D 3 .  ? -13.573 -2.328  0.251   1.00 54.90  ? 212 HOH A O   1 
HETATM 846 O  O   . HOH D 3 .  ? 8.366   5.934   -0.982  1.00 49.07  ? 213 HOH A O   1 
HETATM 847 O  O   . HOH D 3 .  ? 2.443   -2.959  11.121  1.00 68.29  ? 214 HOH A O   1 
HETATM 848 O  O   . HOH D 3 .  ? -9.961  -6.213  10.147  1.00 64.70  ? 215 HOH A O   1 
HETATM 849 O  O   . HOH D 3 .  ? 19.082  9.420   -4.381  1.00 84.01  ? 216 HOH A O   1 
HETATM 850 O  O   . HOH D 3 .  ? -1.420  5.543   -6.968  1.00 53.30  ? 217 HOH A O   1 
HETATM 851 O  O   . HOH D 3 .  ? 0.491   -4.246  15.294  1.00 61.02  ? 218 HOH A O   1 
HETATM 852 O  O   . HOH D 3 .  ? -13.763 -0.078  5.282   1.00 57.35  ? 219 HOH A O   1 
HETATM 853 O  O   . HOH D 3 .  ? -0.718  -2.458  13.207  1.00 73.32  ? 220 HOH A O   1 
HETATM 854 O  O   . HOH D 3 .  ? 10.868  7.096   -0.883  1.00 70.36  ? 221 HOH A O   1 
HETATM 855 O  O   . HOH D 3 .  ? 5.857   7.536   0.121   1.00 66.40  ? 222 HOH A O   1 
HETATM 856 O  O   . HOH D 3 .  ? -14.413 17.118  3.407   1.00 80.07  ? 223 HOH A O   1 
HETATM 857 O  O   . HOH E 3 .  ? 1.833   -6.201  1.751   1.00 78.93  ? 101 HOH B O   1 
HETATM 858 O  O   . HOH E 3 .  ? 7.800   -8.188  -11.527 1.00 59.53  ? 102 HOH B O   1 
HETATM 859 O  O   . HOH E 3 .  ? -0.961  -16.209 4.824   1.00 83.66  ? 103 HOH B O   1 
HETATM 860 O  O   . HOH E 3 .  ? 2.564   5.214   2.423   1.00 51.81  ? 104 HOH B O   1 
HETATM 861 O  O   . HOH E 3 .  ? -3.446  9.365   2.138   1.00 65.13  ? 105 HOH B O   1 
HETATM 862 O  O   . HOH E 3 .  ? 8.457   -8.939  -5.088  1.00 62.01  ? 106 HOH B O   1 
HETATM 863 O  O   . HOH E 3 .  ? -9.017  -9.303  -5.471  1.00 81.11  ? 107 HOH B O   1 
HETATM 864 O  O   . HOH E 3 .  ? 13.992  -2.456  -9.053  1.00 45.03  ? 108 HOH B O   1 
HETATM 865 O  O   . HOH E 3 .  ? -9.606  19.855  16.349  1.00 79.97  ? 109 HOH B O   1 
HETATM 866 O  O   . HOH E 3 .  ? 8.771   -10.360 -1.970  1.00 57.00  ? 110 HOH B O   1 
HETATM 867 O  O   . HOH E 3 .  ? 10.850  -7.645  3.761   1.00 56.42  ? 111 HOH B O   1 
HETATM 868 O  O   . HOH E 3 .  ? -8.500  11.995  7.119   1.00 64.29  ? 112 HOH B O   1 
HETATM 869 O  O   . HOH E 3 .  ? -5.001  4.605   17.235  1.00 70.99  ? 113 HOH B O   1 
HETATM 870 O  O   . HOH E 3 .  ? 2.416   -13.907 -5.978  1.00 58.37  ? 114 HOH B O   1 
HETATM 871 O  O   . HOH E 3 .  ? -10.397 9.532   13.194  1.00 62.96  ? 115 HOH B O   1 
HETATM 872 O  O   . HOH E 3 .  ? 4.796   -5.859  8.208   1.00 76.28  ? 116 HOH B O   1 
HETATM 873 O  O   . HOH E 3 .  ? 0.177   9.033   1.996   1.00 61.63  ? 117 HOH B O   1 
HETATM 874 O  O   . HOH E 3 .  ? -9.931  -4.129  -11.912 1.00 77.48  ? 118 HOH B O   1 
HETATM 875 O  O   . HOH E 3 .  ? -1.310  11.937  1.897   1.00 66.65  ? 119 HOH B O   1 
HETATM 876 O  O   . HOH E 3 .  ? -1.642  -17.388 6.595   1.00 72.55  ? 120 HOH B O   1 
HETATM 877 O  O   . HOH E 3 .  ? 0.414   -0.556  12.684  1.00 66.63  ? 121 HOH B O   1 
HETATM 878 O  O   . HOH E 3 .  ? -7.517  2.496   18.860  1.00 74.95  ? 122 HOH B O   1 
HETATM 879 O  O   . HOH E 3 .  ? -3.424  2.787   19.384  1.00 65.93  ? 123 HOH B O   1 
HETATM 880 O  O   . HOH E 3 .  ? -4.010  1.752   16.900  1.00 79.94  ? 124 HOH B O   1 
# 
